data_5EVI
#
_entry.id   5EVI
#
_cell.length_a   53.869
_cell.length_b   72.645
_cell.length_c   93.770
_cell.angle_alpha   89.94
_cell.angle_beta   90.01
_cell.angle_gamma   90.08
#
_symmetry.space_group_name_H-M   'P 1'
#
loop_
_entity.id
_entity.type
_entity.pdbx_description
1 polymer 'Beta-Lactamase/D-Alanine Carboxypeptidase'
2 polymer 'Beta-Lactamase/D-Alanine Carboxypeptidase'
3 polymer 'Beta-Lactamase/D-Alanine Carboxypeptidase'
4 polymer 'Beta-Lactamase/D-Alanine Carboxypeptidase'
5 non-polymer 'SULFATE ION'
6 non-polymer 1,2-ETHANEDIOL
7 water water
#
loop_
_entity_poly.entity_id
_entity_poly.type
_entity_poly.pdbx_seq_one_letter_code
_entity_poly.pdbx_strand_id
1 'polypeptide(L)'
;SNAFAEDNSAALDTLVQTEARKV(MSE)QENNITGLSIAITRHG(MLY)QQFYNYGVAS(MLY)ATGQPVSSDTLFELGS
ISKTFTATLATWAQANGRLSLTQSIDTY(MSE)PPLRDTRLGKIPVFHLGTHTAGGFPIQVPEKVQNTRQL(MSE)DYFK
AWQPEYLPGTHRTYANPSIGLLGVIAARS(MSE)N(MSE)PFQEA(MSE)QQRLFPALGLNSTYVNVPDD(MLY)QTLYA
QGYNTLDEPVRVNPGILAAEAYGVKSSSRDLIRFVEANIGLGQYDAPLQRALSDTRIGYFKVGG(MSE)TQDLAWEQYPT
PIHLDVLLAGNASA(MSE)LNTQKADAIEPPLAAQPTAWVN(MLY)TGSTNGFGGYVAFIAQ(MLY)QLGIVILAN
(MLY)NYPNEERVKLAYRILQHAEPL
;
A
2 'polypeptide(L)'
;SNAFAEDNSAALDTLVQTEARKV(MSE)QENNITGLSIAITRHG(MLY)QQFYNYGVASKATGQPVSSDTLFELGSISKT
FTATLATWAQANGRLSLTQSIDTY(MSE)PPLRDTRLGKIPVFHLGTHTAGGFPIQVPEKVQNTRQL(MSE)DYFKAWQP
EYLPGTHRTYANPSIGLLGVIAARS(MSE)N(MSE)PFQEA(MSE)QQRLFPALGLNSTYVNVPDD(MLY)QTLYAQGYN
TLDEPVRVNPGILAAEAYGV(MLY)SSSRDLIRFVEANIGLGQYDAPLQRALSDTRIGYFKVGG(MSE)TQDLAWEQYPT
PIHLDVLLAGNASA(MSE)LNTQKADAIEPPLAAQPTAWVNKTGSTNGFGGYVAFIAQ(MLY)QLGIVILAN(MLY)NYP
NEERV(MLY)LAYRILQHAEPL
;
B
3 'polypeptide(L)'
;SNAFAEDNSAALDTLVQTEARKV(MSE)QENNITGLSIAITRHG(MLY)QQFYNYGVAS(MLY)ATGQPVSSDTLFELGS
ISKTFTATLATWAQANGRLSLTQSIDTY(MSE)PPLRDTRLGKIPVFHLGTHTAGGFPIQVPEKVQNTRQL(MSE)DYFK
AWQPEYLPGTHRTYANPSIGLLGVIAARS(MSE)N(MSE)PFQEA(MSE)QQRLFPALGLNSTYVNVPDDKQTLYAQGYN
TLDEPVRVNPGILAAEAYGV(MLY)SSSRDLIRFVEANIGLGQYDAPLQRALSDTRIGYFKVGG(MSE)TQDLAWEQYPT
PIHLDVLLAGNASA(MSE)LNTQKADAIEPPLAAQPTAWVN(MLY)TGSTNGFGGYVAFIAQ(MLY)QLGIVILAN
(MLY)NYPNEERVKLAYRILQHAEPL
;
C
4 'polypeptide(L)'
;SNAFAEDNSAALDTLVQTEAR(MLY)V(MSE)QENNITGLSIAITRHG(MLY)QQFYNYGVAS(MLY)ATGQPVSSDTLF
ELGSISKTFTATLATWAQANGRLSLTQSIDTY(MSE)PPLRDTRLGKIPVFHLGTHTAGGFPIQVPEKVQNTRQL(MSE)
DYF(MLY)AWQPEYLPGTHRTYANPSIGLLGVIAARS(MSE)N(MSE)PFQEA(MSE)QQRLFPALGLNSTYVNVPDDKQ
TLYAQGYNTLDEPVRVNPGILAAEAYGV(MLY)SSSRDLIRFVEANIGLGQYDAPLQRALSDTRIGYFKVGG(MSE)TQD
LAWEQYPTPIHLDVLLAGNASA(MSE)LNTQKADAIEPPLAAQPTAWVNKTGSTNGFGGYVAFIAQ(MLY)QLGIVILAN
(MLY)NYPNEERVKLAYRILQHAEPL
;
D
#
loop_
_chem_comp.id
_chem_comp.type
_chem_comp.name
_chem_comp.formula
EDO non-polymer 1,2-ETHANEDIOL 'C2 H6 O2'
SO4 non-polymer 'SULFATE ION' 'O4 S -2'
#
# COMPACT_ATOMS: atom_id res chain seq x y z
N ALA A 10 3.84 -9.56 -2.03
CA ALA A 10 3.19 -10.92 -2.07
C ALA A 10 2.17 -10.98 -3.19
N ALA A 11 1.32 -9.96 -3.28
CA ALA A 11 0.36 -9.83 -4.39
C ALA A 11 1.10 -9.70 -5.73
N LEU A 12 2.09 -8.82 -5.78
CA LEU A 12 2.87 -8.68 -7.00
C LEU A 12 3.58 -9.98 -7.32
N ASP A 13 4.15 -10.62 -6.31
CA ASP A 13 4.81 -11.92 -6.52
C ASP A 13 3.82 -13.03 -6.99
N THR A 14 2.60 -13.06 -6.45
CA THR A 14 1.59 -14.01 -6.92
C THR A 14 1.18 -13.71 -8.37
N LEU A 15 1.07 -12.43 -8.75
CA LEU A 15 0.74 -12.03 -10.14
C LEU A 15 1.82 -12.44 -11.15
N VAL A 16 3.07 -12.07 -10.86
CA VAL A 16 4.19 -12.43 -11.73
C VAL A 16 4.16 -13.95 -11.95
N GLN A 17 4.04 -14.73 -10.88
CA GLN A 17 4.08 -16.17 -11.00
C GLN A 17 2.98 -16.73 -11.92
N THR A 18 1.77 -16.18 -11.82
CA THR A 18 0.61 -16.61 -12.63
C THR A 18 0.84 -16.30 -14.12
N GLU A 19 1.19 -15.04 -14.42
CA GLU A 19 1.52 -14.62 -15.79
C GLU A 19 2.70 -15.40 -16.39
N ALA A 20 3.77 -15.59 -15.60
CA ALA A 20 4.99 -16.32 -16.01
C ALA A 20 4.69 -17.78 -16.36
N ARG A 21 4.01 -18.47 -15.45
CA ARG A 21 3.58 -19.85 -15.69
C ARG A 21 2.65 -19.99 -16.93
N LYS A 22 1.70 -19.07 -17.10
CA LYS A 22 0.80 -19.13 -18.25
C LYS A 22 1.56 -18.99 -19.59
N VAL A 23 2.47 -18.03 -19.67
CA VAL A 23 3.24 -17.82 -20.88
C VAL A 23 4.21 -19.01 -21.16
N MSE A 24 4.79 -19.57 -20.11
CA MSE A 24 5.65 -20.75 -20.27
C MSE A 24 4.85 -21.94 -20.76
O MSE A 24 5.35 -22.70 -21.58
CB MSE A 24 6.36 -21.06 -18.94
CG MSE A 24 7.44 -20.04 -18.58
SE MSE A 24 8.02 -20.30 -16.72
CE MSE A 24 9.40 -21.62 -17.13
N GLN A 25 3.63 -22.13 -20.23
CA GLN A 25 2.73 -23.20 -20.70
C GLN A 25 2.35 -23.04 -22.17
N GLU A 26 1.93 -21.84 -22.57
N GLU A 26 1.99 -21.83 -22.56
CA GLU A 26 1.53 -21.51 -23.94
CA GLU A 26 1.52 -21.58 -23.91
C GLU A 26 2.66 -21.75 -24.93
C GLU A 26 2.60 -21.57 -24.98
N ASN A 27 3.85 -21.23 -24.61
CA ASN A 27 4.95 -21.13 -25.56
C ASN A 27 6.06 -22.16 -25.40
N ASN A 28 5.85 -23.13 -24.49
CA ASN A 28 6.77 -24.23 -24.22
C ASN A 28 8.16 -23.74 -23.84
N ILE A 29 8.20 -22.93 -22.79
CA ILE A 29 9.45 -22.35 -22.33
C ILE A 29 9.92 -23.21 -21.18
N THR A 30 11.21 -23.54 -21.23
CA THR A 30 11.87 -24.42 -20.24
C THR A 30 12.39 -23.67 -19.00
N GLY A 31 12.96 -22.52 -19.24
CA GLY A 31 13.44 -21.59 -18.22
C GLY A 31 13.14 -20.13 -18.50
N LEU A 32 12.91 -19.39 -17.45
CA LEU A 32 12.52 -18.00 -17.56
C LEU A 32 13.04 -17.26 -16.35
N SER A 33 13.73 -16.16 -16.62
CA SER A 33 14.19 -15.28 -15.55
C SER A 33 13.67 -13.87 -15.78
N ILE A 34 12.95 -13.32 -14.79
CA ILE A 34 12.43 -11.93 -14.80
C ILE A 34 13.08 -11.10 -13.67
N ALA A 35 13.44 -9.88 -13.99
CA ALA A 35 13.82 -8.94 -12.96
C ALA A 35 13.06 -7.66 -13.19
N ILE A 36 12.60 -7.03 -12.11
CA ILE A 36 11.96 -5.72 -12.16
C ILE A 36 12.68 -4.76 -11.23
N THR A 37 12.73 -3.49 -11.63
CA THR A 37 13.26 -2.47 -10.76
C THR A 37 12.19 -1.37 -10.70
N ARG A 38 11.95 -0.89 -9.48
CA ARG A 38 10.96 0.16 -9.24
C ARG A 38 11.58 1.11 -8.25
N HIS A 39 11.88 2.34 -8.68
CA HIS A 39 12.59 3.31 -7.84
C HIS A 39 13.88 2.74 -7.19
N GLY A 40 14.73 2.06 -7.98
CA GLY A 40 15.90 1.36 -7.43
C GLY A 40 15.68 0.02 -6.74
N MLY A 41 14.45 -0.27 -6.30
CA MLY A 41 14.19 -1.56 -5.66
CB MLY A 41 12.93 -1.47 -4.82
CG MLY A 41 12.71 -2.82 -4.13
CD MLY A 41 11.58 -2.76 -3.09
CE MLY A 41 11.40 -4.15 -2.49
NZ MLY A 41 9.99 -4.37 -2.06
CH1 MLY A 41 9.90 -5.78 -1.66
CH2 MLY A 41 9.65 -3.47 -0.95
C MLY A 41 14.09 -2.65 -6.71
O MLY A 41 13.22 -2.60 -7.58
N GLN A 42 14.96 -3.65 -6.60
CA GLN A 42 15.02 -4.77 -7.54
C GLN A 42 14.41 -6.04 -6.97
N GLN A 43 13.62 -6.74 -7.79
CA GLN A 43 13.04 -8.04 -7.42
C GLN A 43 13.17 -9.02 -8.56
N PHE A 44 13.37 -10.29 -8.20
CA PHE A 44 13.80 -11.34 -9.12
C PHE A 44 12.83 -12.50 -9.02
N TYR A 45 12.51 -13.05 -10.18
CA TYR A 45 11.54 -14.12 -10.32
C TYR A 45 12.07 -15.16 -11.29
N ASN A 46 12.38 -16.33 -10.78
CA ASN A 46 13.01 -17.36 -11.56
C ASN A 46 12.12 -18.60 -11.62
N TYR A 47 11.97 -19.14 -12.83
CA TYR A 47 11.14 -20.32 -13.09
C TYR A 47 11.81 -21.30 -14.04
N GLY A 48 11.51 -22.58 -13.82
CA GLY A 48 11.99 -23.65 -14.68
C GLY A 48 13.48 -23.88 -14.52
N VAL A 49 14.09 -24.33 -15.61
CA VAL A 49 15.46 -24.83 -15.59
C VAL A 49 16.25 -24.32 -16.79
N ALA A 50 17.55 -24.27 -16.61
CA ALA A 50 18.47 -23.69 -17.61
C ALA A 50 18.76 -24.67 -18.69
N SER A 51 18.63 -25.95 -18.35
CA SER A 51 18.93 -27.05 -19.23
C SER A 51 18.09 -28.23 -18.78
N MLY A 52 17.43 -28.88 -19.74
CA MLY A 52 16.73 -30.16 -19.49
CB MLY A 52 15.91 -30.59 -20.71
CG MLY A 52 14.59 -29.82 -20.91
CD MLY A 52 13.61 -30.61 -21.79
CE MLY A 52 12.90 -29.73 -22.81
NZ MLY A 52 12.17 -30.47 -23.87
CH1 MLY A 52 13.06 -31.11 -24.84
CH2 MLY A 52 11.19 -31.44 -23.31
C MLY A 52 17.70 -31.27 -19.11
O MLY A 52 17.35 -32.18 -18.35
N ALA A 53 18.92 -31.20 -19.63
CA ALA A 53 19.94 -32.22 -19.42
C ALA A 53 20.50 -32.20 -18.01
N THR A 54 20.91 -31.03 -17.51
CA THR A 54 21.41 -30.93 -16.12
C THR A 54 20.25 -30.88 -15.10
N GLY A 55 19.12 -30.31 -15.48
CA GLY A 55 18.05 -30.00 -14.51
C GLY A 55 18.39 -28.82 -13.60
N GLN A 56 19.41 -28.04 -13.97
CA GLN A 56 19.84 -26.93 -13.14
C GLN A 56 18.75 -25.88 -13.15
N PRO A 57 18.35 -25.35 -11.98
CA PRO A 57 17.31 -24.33 -12.01
C PRO A 57 17.81 -23.00 -12.52
N VAL A 58 16.89 -22.24 -13.09
CA VAL A 58 17.18 -20.90 -13.54
C VAL A 58 17.33 -20.02 -12.29
N SER A 59 18.28 -19.09 -12.32
CA SER A 59 18.44 -18.10 -11.28
C SER A 59 18.77 -16.77 -11.94
N SER A 60 18.86 -15.75 -11.09
CA SER A 60 19.19 -14.42 -11.56
C SER A 60 20.64 -14.26 -12.08
N ASP A 61 21.48 -15.28 -11.89
CA ASP A 61 22.87 -15.33 -12.41
C ASP A 61 23.03 -16.31 -13.59
N THR A 62 21.96 -17.01 -13.97
CA THR A 62 21.92 -17.81 -15.21
C THR A 62 22.25 -16.89 -16.41
N LEU A 63 23.15 -17.31 -17.30
CA LEU A 63 23.47 -16.53 -18.53
C LEU A 63 22.51 -16.94 -19.63
N PHE A 64 21.90 -15.95 -20.27
CA PHE A 64 21.10 -16.14 -21.48
C PHE A 64 21.74 -15.36 -22.62
N GLU A 65 21.52 -15.86 -23.83
CA GLU A 65 21.85 -15.12 -25.07
C GLU A 65 20.89 -13.93 -25.25
N LEU A 66 21.43 -12.74 -25.48
CA LEU A 66 20.58 -11.57 -25.57
C LEU A 66 20.06 -11.34 -26.95
N GLY A 67 20.71 -11.91 -27.96
CA GLY A 67 20.30 -11.65 -29.32
C GLY A 67 20.41 -10.15 -29.54
N SER A 68 19.40 -9.56 -30.15
CA SER A 68 19.46 -8.17 -30.57
C SER A 68 19.45 -7.13 -29.44
N ILE A 69 19.17 -7.52 -28.20
CA ILE A 69 19.40 -6.62 -27.08
C ILE A 69 20.90 -6.23 -27.03
N SER A 70 21.79 -7.10 -27.50
CA SER A 70 23.22 -6.78 -27.72
C SER A 70 23.48 -5.43 -28.39
N LYS A 71 22.60 -5.10 -29.34
CA LYS A 71 22.70 -3.86 -30.15
C LYS A 71 22.68 -2.62 -29.30
N THR A 72 21.98 -2.66 -28.17
CA THR A 72 21.91 -1.52 -27.24
C THR A 72 23.25 -1.28 -26.54
N PHE A 73 23.98 -2.34 -26.29
CA PHE A 73 25.37 -2.22 -25.80
C PHE A 73 26.32 -1.73 -26.87
N THR A 74 26.16 -2.21 -28.11
CA THR A 74 26.92 -1.71 -29.25
C THR A 74 26.71 -0.21 -29.38
N ALA A 75 25.44 0.20 -29.32
CA ALA A 75 25.10 1.62 -29.44
C ALA A 75 25.66 2.45 -28.28
N THR A 76 25.59 1.92 -27.06
CA THR A 76 26.22 2.57 -25.91
C THR A 76 27.75 2.68 -26.08
N LEU A 77 28.40 1.66 -26.63
CA LEU A 77 29.81 1.81 -26.99
C LEU A 77 30.07 3.05 -27.87
N ALA A 78 29.25 3.23 -28.91
CA ALA A 78 29.38 4.37 -29.85
C ALA A 78 29.23 5.74 -29.19
N THR A 79 28.17 5.91 -28.39
CA THR A 79 27.93 7.20 -27.73
C THR A 79 28.96 7.47 -26.64
N TRP A 80 29.48 6.43 -25.99
CA TRP A 80 30.58 6.56 -25.04
C TRP A 80 31.85 7.04 -25.74
N ALA A 81 32.20 6.38 -26.84
CA ALA A 81 33.24 6.89 -27.75
C ALA A 81 33.01 8.35 -28.09
N GLN A 82 31.80 8.69 -28.57
CA GLN A 82 31.42 10.08 -28.83
C GLN A 82 31.56 11.03 -27.65
N ALA A 83 31.14 10.61 -26.45
CA ALA A 83 31.25 11.44 -25.25
C ALA A 83 32.70 11.59 -24.74
N ASN A 84 33.63 10.79 -25.26
CA ASN A 84 35.06 10.95 -24.99
C ASN A 84 35.85 11.64 -26.10
N GLY A 85 35.15 12.25 -27.05
CA GLY A 85 35.79 13.01 -28.15
C GLY A 85 36.40 12.16 -29.27
N ARG A 86 36.06 10.88 -29.33
CA ARG A 86 36.71 9.95 -30.27
C ARG A 86 35.88 9.61 -31.49
N LEU A 87 34.66 10.14 -31.54
CA LEU A 87 33.71 9.76 -32.58
C LEU A 87 32.54 10.72 -32.59
N SER A 88 32.46 11.66 -33.53
CA SER A 88 31.25 12.46 -33.69
C SER A 88 30.30 11.77 -34.70
N LEU A 89 29.12 11.38 -34.21
CA LEU A 89 28.13 10.59 -34.96
C LEU A 89 27.44 11.31 -36.11
N THR A 90 27.59 12.64 -36.14
CA THR A 90 27.14 13.40 -37.26
C THR A 90 28.14 13.37 -38.45
N GLN A 91 29.40 12.96 -38.21
CA GLN A 91 30.42 12.92 -39.25
C GLN A 91 30.17 11.77 -40.21
N SER A 92 30.71 11.86 -41.42
CA SER A 92 30.58 10.75 -42.39
C SER A 92 31.36 9.50 -41.96
N ILE A 93 30.84 8.32 -42.30
CA ILE A 93 31.46 7.03 -42.01
C ILE A 93 32.97 6.97 -42.36
N ASP A 94 33.37 7.57 -43.49
CA ASP A 94 34.79 7.60 -43.92
C ASP A 94 35.70 8.57 -43.14
N THR A 95 35.14 9.32 -42.21
CA THR A 95 35.93 10.05 -41.22
C THR A 95 36.60 9.08 -40.23
N TYR A 96 35.91 7.98 -39.93
CA TYR A 96 36.28 7.06 -38.87
C TYR A 96 36.36 5.62 -39.38
N MSE A 97 36.57 5.44 -40.69
CA MSE A 97 36.72 4.10 -41.26
C MSE A 97 37.42 4.27 -42.60
O MSE A 97 36.76 4.31 -43.65
CB MSE A 97 35.36 3.37 -41.35
CG MSE A 97 35.24 2.14 -40.43
SE MSE A 97 36.61 0.75 -40.75
CE MSE A 97 36.24 0.51 -42.67
N PRO A 98 38.77 4.40 -42.57
CA PRO A 98 39.53 4.72 -43.80
C PRO A 98 39.24 3.85 -45.03
N PRO A 99 39.17 2.49 -44.88
CA PRO A 99 38.87 1.64 -46.05
C PRO A 99 37.58 1.98 -46.83
N LEU A 100 36.65 2.70 -46.21
CA LEU A 100 35.47 3.18 -46.93
C LEU A 100 35.59 4.59 -47.51
N ARG A 101 36.80 5.16 -47.54
CA ARG A 101 37.02 6.43 -48.27
C ARG A 101 36.61 6.27 -49.72
N ASP A 102 36.04 7.34 -50.29
CA ASP A 102 35.51 7.31 -51.65
C ASP A 102 34.59 6.09 -51.91
N THR A 103 33.60 5.87 -51.03
CA THR A 103 32.52 4.89 -51.28
C THR A 103 31.17 5.55 -51.05
N ARG A 104 30.11 4.90 -51.51
CA ARG A 104 28.77 5.41 -51.30
C ARG A 104 28.45 5.35 -49.80
N LEU A 105 28.63 4.18 -49.18
CA LEU A 105 28.37 4.05 -47.72
C LEU A 105 29.20 5.05 -46.91
N GLY A 106 30.48 5.21 -47.28
CA GLY A 106 31.41 6.08 -46.59
C GLY A 106 31.03 7.55 -46.47
N LYS A 107 30.25 8.06 -47.42
CA LYS A 107 29.74 9.42 -47.36
C LYS A 107 28.64 9.59 -46.27
N ILE A 108 27.98 8.51 -45.84
CA ILE A 108 26.77 8.60 -44.99
C ILE A 108 27.15 8.80 -43.52
N PRO A 109 26.45 9.70 -42.78
CA PRO A 109 26.75 9.91 -41.37
C PRO A 109 26.60 8.67 -40.51
N VAL A 110 27.44 8.58 -39.49
CA VAL A 110 27.62 7.35 -38.69
C VAL A 110 26.32 6.97 -37.99
N PHE A 111 25.56 7.96 -37.55
CA PHE A 111 24.36 7.68 -36.75
C PHE A 111 23.30 6.82 -37.45
N HIS A 112 23.16 6.99 -38.77
CA HIS A 112 22.28 6.11 -39.56
C HIS A 112 22.53 4.61 -39.37
N LEU A 113 23.76 4.21 -39.03
CA LEU A 113 24.06 2.80 -38.68
C LEU A 113 23.39 2.28 -37.39
N GLY A 114 23.20 3.16 -36.41
CA GLY A 114 22.44 2.81 -35.21
C GLY A 114 20.94 2.92 -35.36
N THR A 115 20.47 3.74 -36.32
CA THR A 115 19.04 3.99 -36.50
C THR A 115 18.40 3.14 -37.63
N HIS A 116 19.25 2.42 -38.37
CA HIS A 116 18.83 1.49 -39.45
C HIS A 116 18.31 2.21 -40.72
N THR A 117 18.84 3.41 -41.00
CA THR A 117 18.32 4.31 -42.05
C THR A 117 19.35 4.73 -43.10
N ALA A 118 20.51 4.07 -43.13
CA ALA A 118 21.60 4.47 -44.03
C ALA A 118 21.29 4.23 -45.51
N GLY A 119 20.45 3.26 -45.85
CA GLY A 119 20.09 3.08 -47.28
C GLY A 119 19.55 1.77 -47.80
N GLY A 120 19.39 0.78 -46.91
CA GLY A 120 18.91 -0.55 -47.28
C GLY A 120 20.00 -1.59 -47.12
N PHE A 121 19.74 -2.57 -46.25
CA PHE A 121 20.60 -3.74 -46.08
C PHE A 121 19.71 -4.95 -45.89
N PRO A 122 20.23 -6.15 -46.20
CA PRO A 122 19.55 -7.37 -45.78
C PRO A 122 19.74 -7.54 -44.27
N ILE A 123 18.83 -8.26 -43.64
CA ILE A 123 18.89 -8.39 -42.18
C ILE A 123 20.19 -9.08 -41.73
N GLN A 124 20.64 -10.10 -42.46
CA GLN A 124 21.92 -10.75 -42.15
C GLN A 124 23.02 -10.34 -43.11
N VAL A 125 24.26 -10.39 -42.62
CA VAL A 125 25.45 -10.28 -43.48
C VAL A 125 25.38 -11.42 -44.49
N PRO A 126 25.50 -11.12 -45.80
CA PRO A 126 25.47 -12.21 -46.81
C PRO A 126 26.37 -13.40 -46.53
N GLU A 127 25.86 -14.60 -46.84
CA GLU A 127 26.61 -15.83 -46.59
C GLU A 127 27.96 -15.91 -47.32
N LYS A 128 28.08 -15.21 -48.46
CA LYS A 128 29.34 -15.14 -49.20
C LYS A 128 30.48 -14.44 -48.45
N VAL A 129 30.13 -13.55 -47.51
CA VAL A 129 31.11 -12.93 -46.61
C VAL A 129 31.49 -13.90 -45.49
N GLN A 130 32.71 -14.44 -45.54
CA GLN A 130 33.20 -15.36 -44.50
C GLN A 130 34.48 -14.87 -43.76
N ASN A 131 34.93 -13.64 -44.03
CA ASN A 131 36.08 -13.04 -43.32
C ASN A 131 36.03 -11.53 -43.42
N THR A 132 36.97 -10.85 -42.78
CA THR A 132 36.90 -9.40 -42.65
C THR A 132 37.19 -8.68 -43.94
N ARG A 133 38.19 -9.14 -44.70
CA ARG A 133 38.42 -8.63 -46.05
C ARG A 133 37.15 -8.65 -46.89
N GLN A 134 36.47 -9.79 -46.94
CA GLN A 134 35.23 -9.92 -47.74
C GLN A 134 34.09 -9.00 -47.25
N LEU A 135 34.05 -8.75 -45.95
CA LEU A 135 33.10 -7.80 -45.36
C LEU A 135 33.40 -6.37 -45.82
N MSE A 136 34.67 -5.99 -45.81
CA MSE A 136 35.08 -4.66 -46.33
C MSE A 136 34.68 -4.49 -47.78
O MSE A 136 34.01 -3.52 -48.10
CB MSE A 136 36.57 -4.39 -46.11
CG MSE A 136 36.93 -4.25 -44.62
SE MSE A 136 35.78 -2.91 -43.72
CE MSE A 136 35.13 -4.10 -42.27
N ASP A 137 35.00 -5.46 -48.64
CA ASP A 137 34.60 -5.44 -50.06
C ASP A 137 33.08 -5.31 -50.26
N TYR A 138 32.30 -6.02 -49.44
CA TYR A 138 30.83 -5.88 -49.43
C TYR A 138 30.37 -4.41 -49.17
N PHE A 139 30.87 -3.81 -48.10
CA PHE A 139 30.58 -2.41 -47.79
C PHE A 139 31.10 -1.48 -48.86
N LYS A 140 32.24 -1.80 -49.47
CA LYS A 140 32.77 -1.00 -50.59
C LYS A 140 31.82 -1.07 -51.78
N ALA A 141 31.32 -2.28 -52.07
CA ALA A 141 30.45 -2.52 -53.21
C ALA A 141 28.96 -2.22 -52.94
N TRP A 142 28.62 -1.73 -51.74
CA TRP A 142 27.21 -1.45 -51.43
C TRP A 142 26.69 -0.23 -52.16
N GLN A 143 25.46 -0.33 -52.67
CA GLN A 143 24.75 0.79 -53.26
C GLN A 143 23.41 0.97 -52.54
N PRO A 144 23.02 2.22 -52.23
CA PRO A 144 21.73 2.39 -51.55
C PRO A 144 20.53 2.10 -52.43
N GLU A 145 19.42 1.68 -51.83
CA GLU A 145 18.14 1.70 -52.51
C GLU A 145 17.31 2.94 -52.19
N TYR A 146 17.67 3.68 -51.14
CA TYR A 146 16.96 4.90 -50.75
C TYR A 146 17.89 5.87 -50.04
N LEU A 147 17.51 7.15 -49.98
CA LEU A 147 18.43 8.15 -49.41
C LEU A 147 18.47 8.02 -47.89
N PRO A 148 19.60 8.46 -47.26
CA PRO A 148 19.76 8.24 -45.82
C PRO A 148 18.62 8.90 -45.11
N GLY A 149 18.03 8.16 -44.17
CA GLY A 149 16.93 8.68 -43.35
C GLY A 149 15.54 8.68 -43.96
N THR A 150 15.37 8.20 -45.18
CA THR A 150 14.04 8.24 -45.80
C THR A 150 13.24 6.99 -45.49
N HIS A 151 13.92 5.93 -45.11
CA HIS A 151 13.29 4.67 -44.83
C HIS A 151 14.12 4.00 -43.75
N ARG A 152 13.52 3.04 -43.09
CA ARG A 152 14.16 2.30 -42.01
C ARG A 152 14.14 0.80 -42.32
N THR A 153 15.31 0.16 -42.26
CA THR A 153 15.48 -1.26 -42.62
C THR A 153 16.34 -1.93 -41.56
N TYR A 154 15.69 -2.71 -40.72
CA TYR A 154 16.39 -3.36 -39.60
C TYR A 154 17.44 -4.34 -40.06
N ALA A 155 18.67 -4.22 -39.54
CA ALA A 155 19.75 -4.97 -40.18
C ALA A 155 21.03 -5.09 -39.37
N ASN A 156 21.52 -6.33 -39.26
CA ASN A 156 22.76 -6.58 -38.54
C ASN A 156 24.03 -5.97 -39.23
N PRO A 157 24.10 -5.95 -40.59
CA PRO A 157 25.28 -5.34 -41.24
C PRO A 157 25.62 -3.94 -40.82
N SER A 158 24.61 -3.06 -40.82
CA SER A 158 24.79 -1.66 -40.48
C SER A 158 25.05 -1.48 -38.98
N ILE A 159 24.26 -2.12 -38.13
CA ILE A 159 24.51 -2.07 -36.68
C ILE A 159 25.93 -2.58 -36.42
N GLY A 160 26.27 -3.74 -36.96
CA GLY A 160 27.56 -4.34 -36.67
C GLY A 160 28.73 -3.45 -37.08
N LEU A 161 28.56 -2.75 -38.20
CA LEU A 161 29.55 -1.78 -38.61
C LEU A 161 29.67 -0.64 -37.59
N LEU A 162 28.59 -0.28 -36.88
CA LEU A 162 28.67 0.76 -35.84
C LEU A 162 29.66 0.32 -34.78
N GLY A 163 29.50 -0.92 -34.32
CA GLY A 163 30.41 -1.52 -33.38
C GLY A 163 31.85 -1.49 -33.85
N VAL A 164 32.09 -1.87 -35.11
CA VAL A 164 33.47 -1.86 -35.67
C VAL A 164 34.08 -0.47 -35.56
N ILE A 165 33.30 0.53 -35.94
CA ILE A 165 33.71 1.93 -35.97
C ILE A 165 34.06 2.36 -34.53
N ALA A 166 33.16 2.07 -33.59
CA ALA A 166 33.37 2.50 -32.20
C ALA A 166 34.69 1.91 -31.66
N ALA A 167 34.89 0.62 -31.83
CA ALA A 167 36.10 -0.04 -31.35
C ALA A 167 37.39 0.45 -32.03
N ARG A 168 37.30 0.78 -33.31
CA ARG A 168 38.43 1.39 -34.04
C ARG A 168 38.79 2.77 -33.46
N SER A 169 37.78 3.52 -33.02
CA SER A 169 38.03 4.83 -32.39
C SER A 169 38.69 4.72 -31.01
N MSE A 170 38.54 3.56 -30.38
CA MSE A 170 39.13 3.21 -29.09
C MSE A 170 40.45 2.45 -29.16
O MSE A 170 40.99 2.02 -28.14
CB MSE A 170 38.07 2.36 -28.37
CG MSE A 170 36.81 3.20 -28.14
SE MSE A 170 35.38 2.13 -27.28
CE MSE A 170 34.56 3.65 -26.34
N ASN A 171 40.99 2.27 -30.39
CA ASN A 171 42.28 1.61 -30.63
C ASN A 171 42.39 0.18 -30.14
N MSE A 172 41.28 -0.57 -30.20
CA MSE A 172 41.29 -1.94 -29.69
C MSE A 172 40.23 -2.79 -30.32
O MSE A 172 39.31 -2.26 -30.93
CB MSE A 172 41.08 -1.88 -28.19
CG MSE A 172 39.71 -1.36 -27.78
SE MSE A 172 39.77 -1.42 -25.82
CE MSE A 172 40.44 0.39 -25.41
N PRO A 173 40.35 -4.12 -30.19
CA PRO A 173 39.30 -4.95 -30.74
C PRO A 173 37.96 -4.81 -30.00
N PHE A 174 36.87 -5.04 -30.73
CA PHE A 174 35.51 -4.84 -30.24
C PHE A 174 35.25 -5.63 -28.97
N GLN A 175 35.69 -6.88 -28.95
CA GLN A 175 35.51 -7.71 -27.74
C GLN A 175 36.23 -7.11 -26.53
N GLU A 176 37.40 -6.49 -26.75
CA GLU A 176 38.16 -5.87 -25.67
C GLU A 176 37.49 -4.59 -25.23
N ALA A 177 37.01 -3.79 -26.20
CA ALA A 177 36.28 -2.58 -25.87
C ALA A 177 35.01 -2.88 -25.05
N MSE A 178 34.33 -3.97 -25.34
CA MSE A 178 33.12 -4.36 -24.58
C MSE A 178 33.51 -4.97 -23.25
O MSE A 178 33.12 -4.48 -22.18
CB MSE A 178 32.28 -5.36 -25.40
CG MSE A 178 31.77 -4.80 -26.73
SE MSE A 178 30.19 -3.67 -26.50
CE MSE A 178 29.02 -5.26 -26.53
N GLN A 179 34.32 -6.02 -23.28
CA GLN A 179 34.53 -6.82 -22.05
C GLN A 179 35.55 -6.24 -21.06
N GLN A 180 36.53 -5.48 -21.52
CA GLN A 180 37.52 -4.90 -20.60
C GLN A 180 37.29 -3.41 -20.31
N ARG A 181 36.44 -2.72 -21.10
CA ARG A 181 36.13 -1.31 -20.83
C ARG A 181 34.65 -1.04 -20.51
N LEU A 182 33.74 -1.29 -21.46
CA LEU A 182 32.33 -0.88 -21.29
C LEU A 182 31.65 -1.62 -20.16
N PHE A 183 31.66 -2.97 -20.21
CA PHE A 183 30.92 -3.73 -19.20
C PHE A 183 31.41 -3.46 -17.74
N PRO A 184 32.75 -3.52 -17.47
CA PRO A 184 33.21 -3.14 -16.12
C PRO A 184 32.87 -1.69 -15.71
N ALA A 185 32.99 -0.75 -16.64
CA ALA A 185 32.60 0.67 -16.39
C ALA A 185 31.15 0.80 -15.91
N LEU A 186 30.27 -0.03 -16.47
CA LEU A 186 28.85 -0.09 -16.07
C LEU A 186 28.61 -0.95 -14.83
N GLY A 187 29.64 -1.64 -14.34
CA GLY A 187 29.53 -2.56 -13.20
C GLY A 187 28.82 -3.85 -13.57
N LEU A 188 28.98 -4.28 -14.83
CA LEU A 188 28.43 -5.54 -15.30
C LEU A 188 29.50 -6.62 -15.25
N ASN A 189 29.47 -7.39 -14.17
CA ASN A 189 30.49 -8.40 -13.85
C ASN A 189 30.19 -9.81 -14.39
N SER A 190 29.01 -10.03 -14.96
CA SER A 190 28.60 -11.33 -15.53
C SER A 190 27.93 -11.13 -16.89
N THR A 191 28.54 -10.28 -17.72
CA THR A 191 28.02 -9.96 -19.06
C THR A 191 29.20 -10.14 -20.02
N TYR A 192 28.98 -10.85 -21.13
CA TYR A 192 30.05 -11.40 -21.96
C TYR A 192 29.69 -11.42 -23.44
N VAL A 193 30.65 -11.15 -24.30
CA VAL A 193 30.57 -11.65 -25.67
C VAL A 193 31.09 -13.10 -25.62
N ASN A 194 32.32 -13.27 -25.09
CA ASN A 194 32.97 -14.58 -24.92
C ASN A 194 32.93 -15.06 -23.47
N VAL A 195 32.19 -16.13 -23.24
CA VAL A 195 31.95 -16.66 -21.91
C VAL A 195 33.19 -17.49 -21.51
N PRO A 196 33.90 -17.10 -20.43
CA PRO A 196 35.09 -17.85 -20.01
C PRO A 196 34.73 -19.19 -19.35
N ASP A 197 35.74 -20.05 -19.16
CA ASP A 197 35.53 -21.46 -18.79
C ASP A 197 34.69 -21.67 -17.53
N ASP A 198 35.10 -21.06 -16.43
CA ASP A 198 34.38 -21.21 -15.14
C ASP A 198 32.99 -20.55 -15.06
N MLY A 199 32.66 -19.70 -16.04
CA MLY A 199 31.29 -19.17 -16.21
CB MLY A 199 31.35 -17.74 -16.75
CG MLY A 199 32.16 -16.79 -15.86
CD MLY A 199 31.37 -16.35 -14.64
CE MLY A 199 32.22 -15.46 -13.73
NZ MLY A 199 31.53 -15.12 -12.45
CH1 MLY A 199 32.32 -14.08 -11.76
CH2 MLY A 199 30.14 -14.65 -12.65
C MLY A 199 30.47 -20.05 -17.13
O MLY A 199 29.24 -19.99 -17.13
N GLN A 200 31.14 -20.90 -17.91
CA GLN A 200 30.46 -21.85 -18.79
C GLN A 200 29.36 -22.66 -18.08
N THR A 201 29.54 -23.04 -16.81
CA THR A 201 28.52 -23.76 -16.03
C THR A 201 27.13 -23.07 -15.85
N LEU A 202 27.07 -21.75 -16.03
CA LEU A 202 25.86 -20.94 -15.85
C LEU A 202 25.10 -20.66 -17.17
N TYR A 203 25.70 -21.01 -18.31
CA TYR A 203 25.19 -20.65 -19.65
C TYR A 203 24.04 -21.58 -19.96
N ALA A 204 22.82 -21.06 -19.94
CA ALA A 204 21.63 -21.86 -20.27
C ALA A 204 21.73 -22.52 -21.66
N GLN A 205 21.03 -23.64 -21.78
CA GLN A 205 20.83 -24.31 -23.05
C GLN A 205 19.67 -23.59 -23.74
N GLY A 206 19.82 -23.20 -25.01
CA GLY A 206 18.68 -22.84 -25.86
C GLY A 206 17.86 -24.04 -26.35
N TYR A 207 16.57 -23.81 -26.64
CA TYR A 207 15.68 -24.79 -27.23
C TYR A 207 15.06 -24.19 -28.48
N ASN A 208 15.15 -24.93 -29.57
CA ASN A 208 14.72 -24.42 -30.89
C ASN A 208 13.26 -24.76 -31.25
N THR A 209 12.87 -24.55 -32.50
CA THR A 209 11.47 -24.75 -32.97
C THR A 209 10.90 -26.17 -32.79
N LEU A 210 11.77 -27.17 -32.74
CA LEU A 210 11.37 -28.54 -32.42
C LEU A 210 11.75 -28.95 -30.99
N ASP A 211 11.97 -27.97 -30.11
CA ASP A 211 12.35 -28.23 -28.73
C ASP A 211 13.61 -29.09 -28.60
N GLU A 212 14.61 -28.76 -29.40
CA GLU A 212 15.91 -29.39 -29.37
C GLU A 212 16.97 -28.38 -28.93
N PRO A 213 17.98 -28.83 -28.15
CA PRO A 213 19.04 -27.96 -27.66
C PRO A 213 19.94 -27.27 -28.70
N VAL A 214 20.15 -25.95 -28.53
CA VAL A 214 20.98 -25.17 -29.42
C VAL A 214 21.50 -23.88 -28.80
N ARG A 215 22.73 -23.50 -29.13
CA ARG A 215 23.29 -22.21 -28.76
C ARG A 215 23.81 -21.48 -30.00
N VAL A 216 23.78 -20.16 -29.96
CA VAL A 216 24.16 -19.35 -31.12
C VAL A 216 25.62 -19.61 -31.55
N ASN A 217 25.90 -19.60 -32.87
CA ASN A 217 27.23 -19.87 -33.47
C ASN A 217 28.04 -18.62 -33.79
N PRO A 218 29.38 -18.78 -33.94
CA PRO A 218 30.18 -17.69 -34.49
C PRO A 218 29.69 -17.28 -35.88
N GLY A 219 29.79 -15.99 -36.16
CA GLY A 219 29.42 -15.46 -37.44
C GLY A 219 30.03 -14.10 -37.61
N ILE A 220 30.08 -13.65 -38.85
CA ILE A 220 30.65 -12.36 -39.17
C ILE A 220 29.75 -11.27 -38.59
N LEU A 221 30.36 -10.38 -37.82
CA LEU A 221 29.65 -9.34 -37.06
C LEU A 221 28.66 -9.85 -35.98
N ALA A 222 28.76 -11.12 -35.58
CA ALA A 222 27.90 -11.67 -34.51
C ALA A 222 28.13 -10.93 -33.18
N ALA A 223 29.40 -10.75 -32.81
CA ALA A 223 29.71 -10.02 -31.58
C ALA A 223 29.01 -8.67 -31.56
N GLU A 224 29.15 -7.92 -32.64
CA GLU A 224 28.64 -6.58 -32.74
C GLU A 224 27.10 -6.49 -32.80
N ALA A 225 26.41 -7.47 -33.39
CA ALA A 225 24.96 -7.37 -33.56
C ALA A 225 24.10 -8.19 -32.64
N TYR A 226 24.52 -9.41 -32.26
CA TYR A 226 23.68 -10.32 -31.49
C TYR A 226 24.43 -11.28 -30.54
N GLY A 227 25.69 -10.99 -30.22
CA GLY A 227 26.51 -11.95 -29.45
C GLY A 227 26.79 -11.65 -27.98
N VAL A 228 25.91 -10.92 -27.27
CA VAL A 228 26.13 -10.75 -25.82
C VAL A 228 25.30 -11.75 -25.04
N LYS A 229 25.92 -12.30 -24.00
CA LYS A 229 25.26 -13.20 -23.08
C LYS A 229 25.31 -12.51 -21.72
N SER A 230 24.18 -12.57 -21.00
CA SER A 230 24.07 -11.93 -19.72
C SER A 230 23.04 -12.58 -18.82
N SER A 231 23.15 -12.23 -17.54
CA SER A 231 22.19 -12.64 -16.51
C SER A 231 21.11 -11.56 -16.37
N SER A 232 19.97 -11.94 -15.82
CA SER A 232 18.94 -10.97 -15.45
C SER A 232 19.46 -9.99 -14.36
N ARG A 233 20.32 -10.45 -13.45
CA ARG A 233 20.89 -9.54 -12.42
C ARG A 233 21.74 -8.40 -13.05
N ASP A 234 22.56 -8.73 -14.04
CA ASP A 234 23.29 -7.67 -14.77
C ASP A 234 22.45 -6.80 -15.65
N LEU A 235 21.51 -7.40 -16.37
CA LEU A 235 20.74 -6.66 -17.35
C LEU A 235 19.80 -5.68 -16.66
N ILE A 236 19.26 -6.02 -15.50
CA ILE A 236 18.45 -5.04 -14.79
C ILE A 236 19.34 -3.88 -14.24
N ARG A 237 20.62 -4.13 -13.93
CA ARG A 237 21.56 -3.06 -13.68
C ARG A 237 21.75 -2.18 -14.93
N PHE A 238 21.84 -2.76 -16.11
CA PHE A 238 21.94 -1.96 -17.34
C PHE A 238 20.67 -1.11 -17.57
N VAL A 239 19.50 -1.67 -17.24
CA VAL A 239 18.22 -0.93 -17.26
C VAL A 239 18.26 0.26 -16.30
N GLU A 240 18.79 0.04 -15.10
CA GLU A 240 18.89 1.10 -14.08
C GLU A 240 19.80 2.24 -14.50
N ALA A 241 20.90 1.90 -15.18
CA ALA A 241 21.80 2.92 -15.79
C ALA A 241 21.07 3.81 -16.80
N ASN A 242 20.29 3.17 -17.66
CA ASN A 242 19.44 3.91 -18.61
C ASN A 242 18.29 4.70 -18.02
N ILE A 243 17.73 4.22 -16.91
CA ILE A 243 16.75 5.01 -16.11
C ILE A 243 17.35 6.31 -15.54
N GLY A 244 18.65 6.28 -15.23
CA GLY A 244 19.37 7.44 -14.67
C GLY A 244 19.88 7.24 -13.25
N LEU A 245 19.90 6.00 -12.80
CA LEU A 245 20.57 5.62 -11.56
C LEU A 245 22.05 5.29 -11.92
N GLY A 246 22.91 5.11 -10.93
CA GLY A 246 24.30 4.71 -11.16
C GLY A 246 25.36 5.71 -10.75
N GLN A 247 25.10 7.00 -10.93
CA GLN A 247 26.08 8.04 -10.62
C GLN A 247 27.43 7.80 -11.34
N TYR A 248 27.37 7.40 -12.61
CA TYR A 248 28.58 7.27 -13.44
C TYR A 248 29.18 8.66 -13.67
N ASP A 249 30.40 8.72 -14.15
CA ASP A 249 31.00 10.01 -14.49
C ASP A 249 30.32 10.61 -15.74
N ALA A 250 30.48 11.91 -15.92
CA ALA A 250 29.80 12.61 -17.01
C ALA A 250 29.80 11.86 -18.39
N PRO A 251 30.97 11.37 -18.88
CA PRO A 251 30.92 10.82 -20.24
C PRO A 251 30.06 9.59 -20.36
N LEU A 252 30.11 8.71 -19.35
CA LEU A 252 29.29 7.49 -19.36
C LEU A 252 27.80 7.86 -19.15
N GLN A 253 27.53 8.77 -18.20
N GLN A 253 27.53 8.82 -18.28
CA GLN A 253 26.19 9.35 -18.03
CA GLN A 253 26.15 9.26 -18.06
C GLN A 253 25.63 9.75 -19.39
C GLN A 253 25.57 9.85 -19.33
N ARG A 254 26.39 10.60 -20.07
CA ARG A 254 25.97 11.15 -21.34
C ARG A 254 25.77 10.05 -22.39
N ALA A 255 26.71 9.09 -22.45
CA ALA A 255 26.61 7.92 -23.35
C ALA A 255 25.28 7.22 -23.21
N LEU A 256 24.88 6.95 -21.96
CA LEU A 256 23.62 6.26 -21.69
C LEU A 256 22.40 7.06 -22.20
N SER A 257 22.42 8.36 -21.93
CA SER A 257 21.33 9.26 -22.24
C SER A 257 21.23 9.45 -23.75
N ASP A 258 22.37 9.65 -24.40
CA ASP A 258 22.48 9.79 -25.86
C ASP A 258 21.96 8.59 -26.68
N THR A 259 21.94 7.37 -26.13
CA THR A 259 21.39 6.23 -26.87
C THR A 259 19.91 6.33 -27.06
N ARG A 260 19.26 7.10 -26.17
CA ARG A 260 17.82 7.27 -26.14
C ARG A 260 17.35 8.60 -26.73
N ILE A 261 18.22 9.29 -27.48
CA ILE A 261 17.80 10.38 -28.38
C ILE A 261 16.88 9.83 -29.50
N GLY A 262 15.80 10.55 -29.81
CA GLY A 262 14.82 10.17 -30.82
C GLY A 262 15.14 10.79 -32.18
N TYR A 263 15.53 9.96 -33.14
CA TYR A 263 15.94 10.45 -34.45
C TYR A 263 14.92 10.33 -35.57
N PHE A 264 14.02 9.35 -35.52
CA PHE A 264 13.09 9.08 -36.59
C PHE A 264 11.73 8.66 -36.05
N LYS A 265 10.68 9.02 -36.76
CA LYS A 265 9.35 8.46 -36.50
C LYS A 265 9.10 7.38 -37.49
N VAL A 266 8.75 6.19 -36.99
CA VAL A 266 8.41 5.05 -37.83
C VAL A 266 7.05 4.56 -37.40
N GLY A 267 6.02 4.86 -38.21
CA GLY A 267 4.62 4.70 -37.79
C GLY A 267 4.37 5.24 -36.39
N GLY A 268 4.00 4.35 -35.46
CA GLY A 268 3.83 4.74 -34.06
C GLY A 268 5.11 4.77 -33.19
N MSE A 269 6.21 4.22 -33.69
CA MSE A 269 7.47 4.13 -32.89
C MSE A 269 8.44 5.25 -33.20
O MSE A 269 8.50 5.72 -34.31
CB MSE A 269 8.17 2.80 -33.23
CG MSE A 269 9.47 2.55 -32.47
SE MSE A 269 11.02 2.70 -33.68
CE MSE A 269 10.82 1.15 -34.88
N THR A 270 9.18 5.66 -32.17
CA THR A 270 10.35 6.52 -32.32
C THR A 270 11.61 5.66 -32.28
N GLN A 271 12.44 5.83 -33.32
CA GLN A 271 13.73 5.16 -33.44
C GLN A 271 14.85 5.96 -32.82
N ASP A 272 15.48 5.37 -31.80
CA ASP A 272 16.66 5.94 -31.15
C ASP A 272 17.93 5.27 -31.70
N LEU A 273 19.06 5.40 -30.98
CA LEU A 273 20.25 4.57 -31.21
C LEU A 273 20.04 3.16 -30.65
N ALA A 274 19.66 2.22 -31.54
CA ALA A 274 19.27 0.84 -31.24
C ALA A 274 17.99 0.68 -30.41
N TRP A 275 17.89 1.41 -29.29
CA TRP A 275 16.60 1.50 -28.59
C TRP A 275 15.45 2.00 -29.48
N GLU A 276 14.25 1.49 -29.20
CA GLU A 276 13.03 1.99 -29.78
C GLU A 276 12.11 2.39 -28.62
N GLN A 277 11.22 3.36 -28.88
CA GLN A 277 10.37 3.88 -27.82
C GLN A 277 9.01 4.37 -28.31
N TYR A 278 8.09 4.52 -27.36
CA TYR A 278 6.69 4.86 -27.63
C TYR A 278 6.27 5.94 -26.61
N PRO A 279 5.81 7.11 -27.10
CA PRO A 279 5.47 8.18 -26.17
C PRO A 279 4.10 7.96 -25.50
N THR A 280 3.83 8.73 -24.46
CA THR A 280 2.60 8.64 -23.72
C THR A 280 1.48 9.28 -24.57
N PRO A 281 0.21 8.83 -24.44
CA PRO A 281 -0.28 7.70 -23.66
C PRO A 281 0.20 6.40 -24.30
N ILE A 282 0.72 5.52 -23.46
CA ILE A 282 1.23 4.25 -23.90
C ILE A 282 0.04 3.31 -23.97
N HIS A 283 -0.22 2.73 -25.14
CA HIS A 283 -1.26 1.69 -25.28
C HIS A 283 -0.63 0.39 -25.77
N LEU A 284 -1.11 -0.76 -25.28
CA LEU A 284 -0.61 -2.07 -25.70
C LEU A 284 -0.61 -2.35 -27.20
N ASP A 285 -1.67 -1.90 -27.86
N ASP A 285 -1.69 -2.01 -27.89
CA ASP A 285 -1.88 -2.16 -29.28
CA ASP A 285 -1.77 -2.34 -29.32
C ASP A 285 -0.74 -1.58 -30.10
C ASP A 285 -0.71 -1.59 -30.14
N VAL A 286 -0.33 -0.38 -29.73
CA VAL A 286 0.79 0.32 -30.38
C VAL A 286 2.14 -0.39 -30.11
N LEU A 287 2.34 -0.86 -28.87
CA LEU A 287 3.55 -1.63 -28.50
C LEU A 287 3.65 -2.95 -29.29
N LEU A 288 2.50 -3.61 -29.42
CA LEU A 288 2.42 -4.87 -30.15
C LEU A 288 2.72 -4.67 -31.62
N ALA A 289 2.13 -3.63 -32.22
CA ALA A 289 2.40 -3.22 -33.64
C ALA A 289 3.88 -2.88 -33.93
N GLY A 290 4.49 -2.05 -33.09
CA GLY A 290 5.89 -1.72 -33.27
C GLY A 290 6.87 -2.87 -33.00
N ASN A 291 6.46 -3.90 -32.27
CA ASN A 291 7.33 -5.06 -32.06
C ASN A 291 7.02 -6.32 -32.90
N ALA A 292 6.14 -6.18 -33.89
CA ALA A 292 5.75 -7.28 -34.76
C ALA A 292 6.86 -7.61 -35.76
N SER A 293 6.91 -8.86 -36.16
CA SER A 293 7.84 -9.27 -37.25
C SER A 293 7.77 -8.47 -38.57
N ALA A 294 6.63 -7.84 -38.88
CA ALA A 294 6.52 -7.02 -40.07
C ALA A 294 7.38 -5.73 -40.01
N MSE A 295 7.77 -5.33 -38.82
CA MSE A 295 8.62 -4.17 -38.65
C MSE A 295 10.03 -4.41 -39.16
O MSE A 295 10.76 -3.44 -39.31
CB MSE A 295 8.59 -3.70 -37.19
CG MSE A 295 7.20 -3.17 -36.79
SE MSE A 295 6.88 -1.45 -37.67
CE MSE A 295 5.23 -0.82 -36.81
N LEU A 296 10.44 -5.64 -39.41
CA LEU A 296 11.77 -5.89 -40.01
C LEU A 296 11.82 -5.48 -41.47
N ASN A 297 10.68 -5.52 -42.14
CA ASN A 297 10.62 -4.99 -43.51
C ASN A 297 10.86 -3.50 -43.57
N THR A 298 11.35 -3.04 -44.72
CA THR A 298 11.68 -1.64 -44.92
C THR A 298 10.41 -0.80 -44.75
N GLN A 299 10.50 0.20 -43.87
CA GLN A 299 9.38 1.10 -43.53
C GLN A 299 9.75 2.54 -43.88
N LYS A 300 8.74 3.32 -44.26
CA LYS A 300 8.93 4.75 -44.41
C LYS A 300 9.31 5.36 -43.05
N ALA A 301 10.25 6.31 -43.05
CA ALA A 301 10.70 6.98 -41.84
C ALA A 301 10.77 8.49 -42.06
N ASP A 302 10.42 9.23 -41.03
CA ASP A 302 10.44 10.68 -41.00
C ASP A 302 11.47 11.20 -39.98
N ALA A 303 12.47 11.97 -40.45
CA ALA A 303 13.55 12.44 -39.59
C ALA A 303 13.04 13.47 -38.56
N ILE A 304 13.61 13.42 -37.36
CA ILE A 304 13.30 14.37 -36.29
C ILE A 304 14.50 15.30 -36.18
N GLU A 305 14.30 16.55 -36.60
CA GLU A 305 15.39 17.51 -36.70
C GLU A 305 14.91 18.82 -36.09
N PRO A 306 15.46 19.21 -34.93
CA PRO A 306 16.57 18.52 -34.29
C PRO A 306 16.10 17.18 -33.64
N PRO A 307 17.02 16.24 -33.42
CA PRO A 307 16.62 14.99 -32.76
C PRO A 307 16.08 15.24 -31.38
N LEU A 308 15.14 14.39 -30.97
CA LEU A 308 14.41 14.55 -29.73
C LEU A 308 15.36 14.18 -28.58
N ALA A 309 15.49 15.04 -27.57
CA ALA A 309 16.23 14.66 -26.34
C ALA A 309 15.59 13.42 -25.69
N ALA A 310 16.35 12.71 -24.84
CA ALA A 310 15.81 11.55 -24.10
C ALA A 310 14.49 11.91 -23.46
N GLN A 311 13.48 11.07 -23.68
CA GLN A 311 12.13 11.35 -23.15
C GLN A 311 11.83 10.50 -21.91
N PRO A 312 11.91 11.12 -20.71
CA PRO A 312 11.63 10.38 -19.47
C PRO A 312 10.33 9.60 -19.50
N THR A 313 9.27 10.20 -20.07
CA THR A 313 7.95 9.57 -19.99
C THR A 313 7.77 8.43 -20.95
N ALA A 314 8.66 8.27 -21.96
CA ALA A 314 8.49 7.24 -22.99
C ALA A 314 8.74 5.82 -22.50
N TRP A 315 8.03 4.85 -23.10
CA TRP A 315 8.34 3.41 -22.94
C TRP A 315 9.49 3.12 -23.91
N VAL A 316 10.66 2.79 -23.34
CA VAL A 316 11.83 2.42 -24.09
C VAL A 316 11.95 0.90 -24.09
N ASN A 317 12.27 0.28 -25.23
CA ASN A 317 12.34 -1.20 -25.27
C ASN A 317 13.28 -1.75 -26.30
N MLY A 318 13.59 -3.04 -26.13
CA MLY A 318 14.26 -3.77 -27.14
CB MLY A 318 15.77 -3.53 -27.02
CG MLY A 318 16.50 -3.90 -28.28
CD MLY A 318 16.02 -2.93 -29.37
CE MLY A 318 15.19 -3.64 -30.44
NZ MLY A 318 16.04 -4.66 -31.03
CH1 MLY A 318 15.29 -5.37 -31.99
CH2 MLY A 318 17.17 -3.96 -31.64
C MLY A 318 14.00 -5.24 -27.01
O MLY A 318 14.20 -5.79 -25.92
N THR A 319 13.57 -5.87 -28.12
CA THR A 319 13.47 -7.36 -28.22
C THR A 319 14.83 -7.95 -28.64
N GLY A 320 15.10 -9.17 -28.19
CA GLY A 320 16.33 -9.86 -28.51
C GLY A 320 16.07 -11.32 -28.74
N SER A 321 16.59 -11.88 -29.83
CA SER A 321 16.39 -13.30 -30.11
C SER A 321 17.56 -13.95 -30.87
N THR A 322 17.74 -15.22 -30.54
CA THR A 322 18.54 -16.14 -31.31
C THR A 322 17.68 -17.38 -31.60
N ASN A 323 18.24 -18.39 -32.24
N ASN A 323 18.27 -18.38 -32.25
CA ASN A 323 17.47 -19.60 -32.52
CA ASN A 323 17.57 -19.64 -32.56
C ASN A 323 16.95 -20.31 -31.26
C ASN A 323 17.03 -20.39 -31.32
N GLY A 324 17.73 -20.28 -30.19
CA GLY A 324 17.30 -20.86 -28.88
C GLY A 324 16.77 -19.94 -27.80
N PHE A 325 16.80 -18.63 -27.98
CA PHE A 325 16.52 -17.70 -26.86
C PHE A 325 15.61 -16.55 -27.27
N GLY A 326 14.92 -15.99 -26.28
CA GLY A 326 14.07 -14.84 -26.49
C GLY A 326 14.14 -13.93 -25.28
N GLY A 327 14.47 -12.65 -25.51
CA GLY A 327 14.59 -11.69 -24.44
C GLY A 327 13.86 -10.41 -24.77
N TYR A 328 13.61 -9.62 -23.73
CA TYR A 328 12.88 -8.34 -23.83
C TYR A 328 13.23 -7.44 -22.68
N VAL A 329 13.53 -6.19 -23.01
CA VAL A 329 13.84 -5.18 -22.03
C VAL A 329 12.91 -3.99 -22.27
N ALA A 330 12.24 -3.52 -21.21
CA ALA A 330 11.38 -2.33 -21.29
C ALA A 330 11.48 -1.47 -20.02
N PHE A 331 11.50 -0.15 -20.17
CA PHE A 331 11.61 0.73 -19.01
C PHE A 331 11.06 2.13 -19.33
N ILE A 332 10.62 2.83 -18.28
CA ILE A 332 10.20 4.23 -18.32
C ILE A 332 11.02 5.01 -17.30
N ALA A 333 11.80 5.97 -17.77
CA ALA A 333 12.79 6.62 -16.92
C ALA A 333 12.10 7.44 -15.83
N GLN A 334 11.03 8.18 -16.17
CA GLN A 334 10.36 9.09 -15.23
C GLN A 334 9.71 8.39 -14.03
N MLY A 335 9.20 7.19 -14.24
CA MLY A 335 8.62 6.38 -13.16
CB MLY A 335 7.42 5.64 -13.72
CG MLY A 335 6.33 6.67 -14.03
CD MLY A 335 5.58 6.33 -15.31
CE MLY A 335 4.47 5.38 -14.98
NZ MLY A 335 3.21 5.83 -15.60
CH1 MLY A 335 2.25 4.71 -15.73
CH2 MLY A 335 2.57 6.93 -14.84
C MLY A 335 9.61 5.41 -12.56
O MLY A 335 9.23 4.64 -11.67
N GLN A 336 10.88 5.43 -13.01
CA GLN A 336 11.96 4.58 -12.48
C GLN A 336 11.51 3.11 -12.46
N LEU A 337 10.88 2.73 -13.57
CA LEU A 337 10.21 1.46 -13.73
C LEU A 337 10.84 0.71 -14.90
N GLY A 338 11.31 -0.51 -14.63
CA GLY A 338 12.02 -1.28 -15.64
C GLY A 338 11.78 -2.76 -15.46
N ILE A 339 11.94 -3.48 -16.56
CA ILE A 339 11.82 -4.93 -16.61
C ILE A 339 12.76 -5.59 -17.65
N VAL A 340 13.24 -6.77 -17.29
CA VAL A 340 14.00 -7.71 -18.11
C VAL A 340 13.30 -9.03 -18.04
N ILE A 341 13.05 -9.64 -19.20
CA ILE A 341 12.46 -10.99 -19.31
C ILE A 341 13.34 -11.80 -20.23
N LEU A 342 13.88 -12.89 -19.72
CA LEU A 342 14.91 -13.68 -20.40
C LEU A 342 14.47 -15.11 -20.39
N ALA A 343 14.33 -15.71 -21.56
CA ALA A 343 13.91 -17.09 -21.70
C ALA A 343 14.80 -17.88 -22.66
N ASN A 344 14.94 -19.18 -22.39
CA ASN A 344 15.62 -20.11 -23.31
C ASN A 344 14.70 -20.73 -24.38
N MLY A 345 13.91 -19.87 -25.04
CA MLY A 345 13.03 -20.22 -26.13
CB MLY A 345 11.70 -20.70 -25.51
CG MLY A 345 10.58 -21.08 -26.44
CD MLY A 345 10.78 -22.46 -27.03
CE MLY A 345 9.67 -22.77 -28.01
NZ MLY A 345 10.06 -23.90 -28.86
CH1 MLY A 345 10.37 -25.10 -28.03
CH2 MLY A 345 8.95 -24.20 -29.75
C MLY A 345 12.91 -18.94 -26.91
O MLY A 345 12.83 -17.86 -26.33
N ASN A 346 12.94 -19.04 -28.23
CA ASN A 346 12.55 -17.92 -29.08
C ASN A 346 11.02 -17.98 -29.31
N TYR A 347 10.29 -17.33 -28.41
CA TYR A 347 8.82 -17.29 -28.41
C TYR A 347 8.37 -15.93 -28.97
N PRO A 348 7.13 -15.83 -29.52
CA PRO A 348 6.59 -14.61 -30.09
C PRO A 348 6.86 -13.32 -29.32
N ASN A 349 7.44 -12.34 -30.01
CA ASN A 349 7.62 -10.98 -29.43
C ASN A 349 6.36 -10.47 -28.75
N GLU A 350 5.21 -10.76 -29.36
CA GLU A 350 3.92 -10.29 -28.84
C GLU A 350 3.63 -10.81 -27.41
N GLU A 351 3.97 -12.08 -27.13
CA GLU A 351 3.83 -12.61 -25.76
C GLU A 351 4.78 -11.95 -24.77
N ARG A 352 6.00 -11.60 -25.21
CA ARG A 352 6.98 -10.88 -24.38
C ARG A 352 6.47 -9.51 -23.96
N VAL A 353 5.91 -8.78 -24.93
CA VAL A 353 5.40 -7.42 -24.72
C VAL A 353 4.18 -7.44 -23.78
N LYS A 354 3.23 -8.33 -24.07
CA LYS A 354 2.05 -8.52 -23.20
C LYS A 354 2.47 -8.85 -21.75
N LEU A 355 3.52 -9.68 -21.60
CA LEU A 355 3.94 -10.13 -20.28
C LEU A 355 4.51 -8.93 -19.49
N ALA A 356 5.43 -8.20 -20.13
CA ALA A 356 5.97 -6.95 -19.57
C ALA A 356 4.88 -5.95 -19.26
N TYR A 357 4.01 -5.69 -20.23
CA TYR A 357 2.91 -4.74 -20.02
C TYR A 357 2.06 -5.10 -18.79
N ARG A 358 1.66 -6.37 -18.71
CA ARG A 358 0.84 -6.88 -17.59
C ARG A 358 1.54 -6.70 -16.23
N ILE A 359 2.81 -7.07 -16.14
CA ILE A 359 3.59 -6.94 -14.90
C ILE A 359 3.77 -5.46 -14.51
N LEU A 360 4.24 -4.61 -15.42
CA LEU A 360 4.46 -3.19 -15.05
C LEU A 360 3.18 -2.41 -14.76
N GLN A 361 2.08 -2.79 -15.41
CA GLN A 361 0.75 -2.26 -15.07
C GLN A 361 0.42 -2.42 -13.57
N HIS A 362 0.75 -3.57 -13.00
CA HIS A 362 0.41 -3.91 -11.61
C HIS A 362 1.56 -3.72 -10.63
N ALA A 363 2.76 -3.46 -11.14
CA ALA A 363 3.91 -3.21 -10.29
C ALA A 363 3.83 -1.82 -9.66
N GLU A 364 3.28 -0.87 -10.39
CA GLU A 364 3.20 0.52 -9.96
C GLU A 364 1.85 0.76 -9.31
N PRO A 365 1.84 1.20 -8.04
CA PRO A 365 0.55 1.55 -7.42
C PRO A 365 -0.12 2.77 -8.07
N ASN B 8 42.72 -18.42 23.08
CA ASN B 8 43.57 -17.27 23.47
C ASN B 8 42.83 -16.21 24.34
N SER B 9 41.70 -16.60 24.95
CA SER B 9 40.84 -15.65 25.66
C SER B 9 41.46 -15.03 26.91
N ALA B 10 42.07 -15.84 27.78
CA ALA B 10 42.74 -15.29 28.99
C ALA B 10 43.82 -14.29 28.59
N ALA B 11 44.66 -14.67 27.63
CA ALA B 11 45.72 -13.82 27.07
C ALA B 11 45.16 -12.48 26.59
N LEU B 12 44.18 -12.56 25.71
CA LEU B 12 43.55 -11.36 25.16
C LEU B 12 42.89 -10.53 26.25
N ASP B 13 42.25 -11.21 27.21
CA ASP B 13 41.60 -10.53 28.32
C ASP B 13 42.65 -9.72 29.17
N THR B 14 43.87 -10.21 29.38
CA THR B 14 44.82 -9.40 30.17
C THR B 14 45.42 -8.26 29.33
N LEU B 15 45.51 -8.46 28.01
CA LEU B 15 45.98 -7.37 27.15
C LEU B 15 44.97 -6.23 27.10
N VAL B 16 43.69 -6.56 26.92
CA VAL B 16 42.62 -5.53 26.87
C VAL B 16 42.52 -4.76 28.22
N GLN B 17 42.66 -5.49 29.34
CA GLN B 17 42.69 -4.90 30.65
C GLN B 17 43.84 -3.90 30.81
N THR B 18 45.04 -4.28 30.34
CA THR B 18 46.27 -3.41 30.38
C THR B 18 46.05 -2.16 29.54
N GLU B 19 45.46 -2.35 28.37
CA GLU B 19 45.12 -1.27 27.43
C GLU B 19 44.05 -0.30 27.93
N ALA B 20 42.90 -0.88 28.34
CA ALA B 20 41.77 -0.10 28.91
C ALA B 20 42.20 0.75 30.11
N ARG B 21 42.91 0.10 31.04
CA ARG B 21 43.32 0.78 32.26
C ARG B 21 44.33 1.92 32.01
N LYS B 22 45.26 1.76 31.07
CA LYS B 22 46.17 2.86 30.66
C LYS B 22 45.36 4.08 30.20
N VAL B 23 44.47 3.84 29.24
CA VAL B 23 43.60 4.90 28.67
C VAL B 23 42.69 5.54 29.73
N MSE B 24 42.12 4.71 30.60
CA MSE B 24 41.24 5.19 31.69
C MSE B 24 42.02 6.09 32.64
O MSE B 24 41.51 7.13 33.03
CB MSE B 24 40.56 4.05 32.44
CG MSE B 24 39.38 3.50 31.67
SE MSE B 24 38.78 1.79 32.41
CE MSE B 24 37.17 2.36 33.40
N GLN B 25 43.24 5.67 33.03
CA GLN B 25 44.11 6.49 33.88
C GLN B 25 44.53 7.82 33.22
N GLU B 26 45.01 7.75 31.98
CA GLU B 26 45.46 8.95 31.23
C GLU B 26 44.40 10.02 31.04
N ASN B 27 43.15 9.59 30.90
CA ASN B 27 42.04 10.44 30.46
C ASN B 27 40.94 10.65 31.49
N ASN B 28 41.08 9.99 32.66
CA ASN B 28 40.13 10.05 33.78
C ASN B 28 38.70 9.57 33.43
N ILE B 29 38.61 8.43 32.77
CA ILE B 29 37.35 7.86 32.37
C ILE B 29 36.78 7.05 33.53
N THR B 30 35.52 7.34 33.86
CA THR B 30 34.89 6.70 35.01
C THR B 30 34.46 5.26 34.73
N GLY B 31 33.84 5.06 33.56
CA GLY B 31 33.40 3.74 33.11
C GLY B 31 33.54 3.51 31.62
N LEU B 32 33.82 2.27 31.24
CA LEU B 32 34.21 1.92 29.90
C LEU B 32 33.72 0.53 29.55
N SER B 33 32.98 0.45 28.46
CA SER B 33 32.55 -0.84 27.93
C SER B 33 33.09 -1.05 26.53
N ILE B 34 33.65 -2.24 26.30
CA ILE B 34 34.31 -2.62 25.06
C ILE B 34 33.71 -3.95 24.65
N ALA B 35 33.38 -4.09 23.38
CA ALA B 35 32.98 -5.35 22.79
C ALA B 35 33.81 -5.56 21.52
N ILE B 36 34.33 -6.78 21.36
CA ILE B 36 34.99 -7.24 20.14
C ILE B 36 34.17 -8.37 19.48
N THR B 37 34.22 -8.40 18.16
CA THR B 37 33.67 -9.52 17.38
C THR B 37 34.75 -9.94 16.37
N ARG B 38 34.99 -11.25 16.27
CA ARG B 38 36.01 -11.81 15.39
C ARG B 38 35.40 -13.10 14.88
N HIS B 39 35.06 -13.12 13.60
CA HIS B 39 34.30 -14.20 12.94
C HIS B 39 33.02 -14.62 13.67
N GLY B 40 32.27 -13.64 14.16
CA GLY B 40 31.02 -13.88 14.86
C GLY B 40 31.12 -14.23 16.34
N MLY B 41 32.33 -14.48 16.85
CA MLY B 41 32.54 -14.68 18.29
CB MLY B 41 33.82 -15.46 18.53
CG MLY B 41 33.98 -15.77 20.03
CD MLY B 41 35.24 -16.57 20.33
CE MLY B 41 35.30 -16.84 21.83
NZ MLY B 41 36.64 -17.32 22.28
CH1 MLY B 41 36.52 -17.69 23.70
CH2 MLY B 41 37.10 -18.46 21.45
C MLY B 41 32.66 -13.35 18.95
O MLY B 41 33.52 -12.55 18.59
N GLN B 42 31.81 -13.12 19.95
CA GLN B 42 31.77 -11.87 20.70
C GLN B 42 32.51 -11.98 22.03
N GLN B 43 33.27 -10.94 22.35
CA GLN B 43 33.80 -10.82 23.71
C GLN B 43 33.60 -9.43 24.27
N PHE B 44 33.33 -9.40 25.58
CA PHE B 44 33.00 -8.15 26.29
C PHE B 44 33.98 -7.86 27.44
N TYR B 45 34.24 -6.58 27.68
CA TYR B 45 35.20 -6.15 28.68
C TYR B 45 34.63 -4.90 29.30
N ASN B 46 34.39 -4.96 30.60
CA ASN B 46 33.71 -3.90 31.30
C ASN B 46 34.51 -3.42 32.47
N TYR B 47 34.65 -2.09 32.59
CA TYR B 47 35.46 -1.51 33.65
C TYR B 47 34.77 -0.31 34.26
N GLY B 48 35.03 -0.13 35.55
CA GLY B 48 34.60 1.06 36.29
C GLY B 48 33.10 1.08 36.51
N VAL B 49 32.54 2.30 36.61
CA VAL B 49 31.16 2.45 37.05
C VAL B 49 30.39 3.37 36.11
N ALA B 50 29.09 3.10 36.00
CA ALA B 50 28.19 3.94 35.15
C ALA B 50 27.91 5.31 35.76
N SER B 51 28.03 5.36 37.09
CA SER B 51 27.79 6.55 37.88
C SER B 51 28.50 6.46 39.24
N LYS B 52 29.22 7.53 39.60
CA LYS B 52 29.88 7.61 40.92
C LYS B 52 28.84 7.65 42.06
N ALA B 53 27.75 8.36 41.81
CA ALA B 53 26.68 8.54 42.80
C ALA B 53 25.90 7.27 43.16
N THR B 54 25.73 6.36 42.20
CA THR B 54 25.12 5.02 42.43
C THR B 54 26.17 3.94 42.70
N GLY B 55 27.38 4.12 42.14
CA GLY B 55 28.43 3.08 42.21
C GLY B 55 28.22 1.91 41.24
N GLN B 56 27.16 1.96 40.43
CA GLN B 56 26.74 0.83 39.58
C GLN B 56 27.86 0.50 38.61
N PRO B 57 28.33 -0.75 38.60
CA PRO B 57 29.38 -1.14 37.65
C PRO B 57 28.92 -1.05 36.21
N VAL B 58 29.87 -0.80 35.31
CA VAL B 58 29.58 -0.81 33.89
C VAL B 58 29.37 -2.29 33.48
N SER B 59 28.38 -2.54 32.64
CA SER B 59 28.15 -3.86 32.05
C SER B 59 27.98 -3.73 30.56
N SER B 60 27.85 -4.86 29.89
CA SER B 60 27.57 -4.83 28.47
C SER B 60 26.13 -4.37 28.16
N ASP B 61 25.29 -4.25 29.19
CA ASP B 61 23.92 -3.73 29.08
C ASP B 61 23.73 -2.26 29.50
N THR B 62 24.81 -1.58 29.90
CA THR B 62 24.77 -0.17 30.31
C THR B 62 24.49 0.67 29.05
N LEU B 63 23.59 1.67 29.16
CA LEU B 63 23.30 2.61 28.06
C LEU B 63 24.30 3.77 28.09
N PHE B 64 24.95 4.03 26.94
CA PHE B 64 25.84 5.18 26.72
C PHE B 64 25.25 6.09 25.64
N GLU B 65 25.56 7.38 25.70
CA GLU B 65 25.29 8.29 24.59
C GLU B 65 26.24 8.01 23.43
N LEU B 66 25.66 7.78 22.26
CA LEU B 66 26.45 7.51 21.07
C LEU B 66 26.93 8.74 20.38
N GLY B 67 26.30 9.89 20.64
CA GLY B 67 26.64 11.09 19.92
C GLY B 67 26.61 10.83 18.44
N SER B 68 27.63 11.29 17.71
CA SER B 68 27.58 11.19 16.24
C SER B 68 27.62 9.78 15.64
N ILE B 69 27.89 8.74 16.45
CA ILE B 69 27.65 7.38 15.96
C ILE B 69 26.16 7.19 15.56
N SER B 70 25.25 7.98 16.14
CA SER B 70 23.83 8.02 15.73
C SER B 70 23.65 8.25 14.24
N LYS B 71 24.56 9.02 13.64
CA LYS B 71 24.51 9.38 12.21
C LYS B 71 24.61 8.14 11.28
N THR B 72 25.23 7.08 11.76
CA THR B 72 25.27 5.82 11.01
C THR B 72 23.88 5.13 11.01
N PHE B 73 23.10 5.30 12.08
CA PHE B 73 21.72 4.79 12.12
C PHE B 73 20.82 5.61 11.23
N THR B 74 20.95 6.93 11.31
CA THR B 74 20.28 7.84 10.39
C THR B 74 20.57 7.49 8.94
N ALA B 75 21.83 7.24 8.61
CA ALA B 75 22.19 6.87 7.23
C ALA B 75 21.53 5.55 6.81
N THR B 76 21.54 4.58 7.73
CA THR B 76 20.91 3.28 7.51
C THR B 76 19.37 3.41 7.36
N LEU B 77 18.75 4.36 8.06
CA LEU B 77 17.33 4.57 7.84
C LEU B 77 17.09 5.02 6.40
N ALA B 78 17.94 5.93 5.88
CA ALA B 78 17.83 6.44 4.49
C ALA B 78 18.06 5.39 3.42
N THR B 79 19.05 4.52 3.63
CA THR B 79 19.30 3.50 2.64
C THR B 79 18.26 2.38 2.72
N TRP B 80 17.61 2.21 3.88
CA TRP B 80 16.53 1.25 4.03
C TRP B 80 15.26 1.77 3.30
N ALA B 81 14.99 3.07 3.43
CA ALA B 81 13.95 3.74 2.62
C ALA B 81 14.20 3.52 1.14
N GLN B 82 15.43 3.81 0.70
CA GLN B 82 15.85 3.59 -0.70
C GLN B 82 15.68 2.15 -1.16
N ALA B 83 16.18 1.22 -0.36
CA ALA B 83 16.07 -0.19 -0.70
C ALA B 83 14.61 -0.66 -0.77
N ASN B 84 13.70 0.00 -0.05
CA ASN B 84 12.26 -0.27 -0.16
C ASN B 84 11.56 0.55 -1.27
N GLY B 85 12.31 1.32 -2.06
CA GLY B 85 11.76 2.06 -3.20
C GLY B 85 11.01 3.33 -2.86
N ARG B 86 11.34 3.91 -1.70
CA ARG B 86 10.62 5.07 -1.19
C ARG B 86 11.51 6.31 -1.25
N LEU B 87 12.75 6.15 -1.72
CA LEU B 87 13.79 7.21 -1.56
C LEU B 87 15.04 6.98 -2.42
N SER B 88 15.00 7.44 -3.67
N SER B 88 14.99 7.40 -3.68
CA SER B 88 16.15 7.43 -4.57
CA SER B 88 16.17 7.40 -4.54
C SER B 88 17.11 8.57 -4.16
C SER B 88 17.09 8.56 -4.13
N LEU B 89 18.25 8.23 -3.55
CA LEU B 89 19.21 9.25 -3.02
C LEU B 89 19.93 10.10 -4.09
N THR B 90 19.83 9.70 -5.36
CA THR B 90 20.35 10.52 -6.44
C THR B 90 19.42 11.70 -6.86
N GLN B 91 18.17 11.66 -6.44
CA GLN B 91 17.19 12.71 -6.71
C GLN B 91 17.46 13.98 -5.93
N SER B 92 17.01 15.11 -6.47
CA SER B 92 16.99 16.38 -5.74
C SER B 92 16.21 16.26 -4.41
N ILE B 93 16.71 16.95 -3.38
CA ILE B 93 16.07 17.04 -2.06
C ILE B 93 14.59 17.42 -2.16
N ASP B 94 14.26 18.35 -3.08
CA ASP B 94 12.88 18.84 -3.16
C ASP B 94 11.89 17.90 -3.80
N THR B 95 12.38 16.84 -4.43
CA THR B 95 11.54 15.69 -4.79
C THR B 95 10.83 15.15 -3.56
N TYR B 96 11.60 14.97 -2.50
CA TYR B 96 11.13 14.28 -1.28
C TYR B 96 10.88 15.22 -0.09
N MSE B 97 10.92 16.53 -0.33
CA MSE B 97 10.65 17.53 0.72
C MSE B 97 9.90 18.73 0.18
O MSE B 97 10.54 19.66 -0.34
CB MSE B 97 11.96 18.00 1.37
CG MSE B 97 12.29 17.18 2.61
SE MSE B 97 10.88 17.47 3.95
CE MSE B 97 11.37 19.26 4.58
N PRO B 98 8.55 18.75 0.30
CA PRO B 98 7.77 19.91 -0.18
C PRO B 98 8.23 21.31 0.29
N PRO B 99 8.48 21.50 1.61
CA PRO B 99 8.95 22.84 2.06
C PRO B 99 10.14 23.45 1.28
N LEU B 100 10.98 22.62 0.65
CA LEU B 100 12.15 23.11 -0.07
C LEU B 100 12.04 23.18 -1.61
N ARG B 101 10.83 23.18 -2.15
CA ARG B 101 10.65 23.46 -3.59
C ARG B 101 11.16 24.87 -3.94
N ASP B 102 11.74 25.04 -5.13
CA ASP B 102 12.33 26.32 -5.59
C ASP B 102 13.40 26.94 -4.66
N THR B 103 14.14 26.10 -3.92
CA THR B 103 15.20 26.59 -3.01
C THR B 103 16.55 26.13 -3.55
N ARG B 104 17.60 26.83 -3.15
CA ARG B 104 18.99 26.49 -3.51
C ARG B 104 19.28 25.07 -3.00
N LEU B 105 18.94 24.82 -1.73
CA LEU B 105 19.12 23.46 -1.11
C LEU B 105 18.28 22.36 -1.78
N GLY B 106 17.02 22.69 -2.11
CA GLY B 106 16.12 21.78 -2.81
C GLY B 106 16.61 21.16 -4.12
N LYS B 107 17.48 21.86 -4.86
CA LYS B 107 18.01 21.32 -6.13
C LYS B 107 19.09 20.22 -5.89
N ILE B 108 19.66 20.14 -4.68
CA ILE B 108 20.85 19.34 -4.42
C ILE B 108 20.40 17.91 -4.15
N PRO B 109 21.12 16.94 -4.73
CA PRO B 109 20.71 15.55 -4.50
C PRO B 109 20.88 15.06 -3.07
N VAL B 110 19.96 14.19 -2.66
CA VAL B 110 19.80 13.82 -1.26
C VAL B 110 21.10 13.29 -0.66
N PHE B 111 21.85 12.51 -1.44
CA PHE B 111 23.04 11.82 -0.94
C PHE B 111 24.13 12.73 -0.35
N HIS B 112 24.21 13.97 -0.81
CA HIS B 112 25.15 14.96 -0.25
C HIS B 112 24.92 15.27 1.26
N LEU B 113 23.71 15.05 1.74
CA LEU B 113 23.41 15.24 3.14
C LEU B 113 24.06 14.20 4.03
N GLY B 114 24.21 12.99 3.52
CA GLY B 114 24.91 11.90 4.25
C GLY B 114 26.42 11.99 4.16
N THR B 115 26.90 12.68 3.14
CA THR B 115 28.34 12.79 2.87
C THR B 115 28.96 14.13 3.31
N HIS B 116 28.12 15.03 3.82
CA HIS B 116 28.55 16.37 4.28
C HIS B 116 29.08 17.28 3.16
N THR B 117 28.54 17.11 1.93
CA THR B 117 29.09 17.72 0.72
C THR B 117 28.10 18.61 -0.06
N ALA B 118 26.99 19.01 0.55
CA ALA B 118 25.94 19.73 -0.19
C ALA B 118 26.34 21.14 -0.57
N GLY B 119 27.19 21.80 0.22
CA GLY B 119 27.50 23.22 -0.06
C GLY B 119 27.91 24.11 1.11
N GLY B 120 28.07 23.52 2.32
CA GLY B 120 28.53 24.26 3.51
C GLY B 120 27.43 24.51 4.54
N PHE B 121 27.67 24.09 5.80
CA PHE B 121 26.75 24.35 6.91
C PHE B 121 27.61 24.55 8.16
N PRO B 122 27.09 25.25 9.19
CA PRO B 122 27.74 25.28 10.49
C PRO B 122 27.63 23.91 11.15
N ILE B 123 28.54 23.58 12.06
CA ILE B 123 28.46 22.22 12.66
C ILE B 123 27.13 21.95 13.40
N GLN B 124 26.62 22.95 14.11
CA GLN B 124 25.34 22.81 14.81
C GLN B 124 24.25 23.57 14.12
N VAL B 125 23.02 23.20 14.43
CA VAL B 125 21.89 23.96 13.99
C VAL B 125 22.06 25.32 14.68
N PRO B 126 21.88 26.43 13.93
CA PRO B 126 22.01 27.72 14.62
C PRO B 126 21.03 27.93 15.77
N GLU B 127 21.49 28.62 16.81
CA GLU B 127 20.73 28.78 18.07
C GLU B 127 19.42 29.54 17.86
N LYS B 128 19.36 30.38 16.82
CA LYS B 128 18.13 31.09 16.43
C LYS B 128 16.96 30.15 16.07
N VAL B 129 17.27 28.92 15.65
CA VAL B 129 16.24 27.92 15.32
C VAL B 129 15.75 27.24 16.58
N GLN B 130 14.48 27.44 16.90
CA GLN B 130 13.88 26.83 18.09
C GLN B 130 12.64 25.96 17.83
N ASN B 131 12.25 25.80 16.56
CA ASN B 131 11.15 24.91 16.17
C ASN B 131 11.21 24.60 14.66
N THR B 132 10.31 23.73 14.19
CA THR B 132 10.35 23.24 12.81
C THR B 132 10.17 24.33 11.77
N ARG B 133 9.23 25.23 12.01
CA ARG B 133 8.99 26.35 11.10
C ARG B 133 10.27 27.18 10.92
N GLN B 134 10.92 27.52 12.03
CA GLN B 134 12.20 28.24 12.01
C GLN B 134 13.30 27.45 11.32
N LEU B 135 13.35 26.13 11.55
CA LEU B 135 14.27 25.23 10.84
C LEU B 135 14.07 25.22 9.33
N MSE B 136 12.82 25.13 8.90
CA MSE B 136 12.51 25.15 7.47
C MSE B 136 12.90 26.47 6.87
O MSE B 136 13.55 26.49 5.83
CB MSE B 136 11.05 24.77 7.22
CG MSE B 136 10.83 23.28 7.49
SE MSE B 136 11.85 22.17 6.21
CE MSE B 136 12.75 20.97 7.50
N ASP B 137 12.58 27.56 7.56
CA ASP B 137 12.94 28.90 7.09
C ASP B 137 14.46 29.00 6.92
N TYR B 138 15.21 28.48 7.90
CA TYR B 138 16.66 28.35 7.78
C TYR B 138 17.11 27.61 6.50
N PHE B 139 16.51 26.47 6.22
CA PHE B 139 16.84 25.67 5.05
C PHE B 139 16.35 26.29 3.75
N LYS B 140 15.16 26.89 3.76
CA LYS B 140 14.62 27.61 2.59
C LYS B 140 15.52 28.76 2.14
N ALA B 141 16.13 29.47 3.11
CA ALA B 141 17.01 30.60 2.87
C ALA B 141 18.50 30.27 2.76
N TRP B 142 18.88 29.04 3.05
CA TRP B 142 20.29 28.64 2.97
C TRP B 142 20.89 28.95 1.60
N GLN B 143 22.13 29.44 1.60
CA GLN B 143 22.92 29.62 0.41
C GLN B 143 24.22 28.83 0.46
N PRO B 144 24.55 28.11 -0.64
CA PRO B 144 25.82 27.40 -0.68
C PRO B 144 27.01 28.33 -0.76
N GLU B 145 28.13 27.98 -0.12
CA GLU B 145 29.40 28.65 -0.43
C GLU B 145 30.26 27.84 -1.40
N TYR B 146 29.91 26.59 -1.69
CA TYR B 146 30.61 25.81 -2.71
C TYR B 146 29.67 24.85 -3.42
N LEU B 147 30.05 24.37 -4.61
CA LEU B 147 29.15 23.53 -5.40
C LEU B 147 29.13 22.11 -4.81
N PRO B 148 28.00 21.36 -4.96
CA PRO B 148 27.95 20.05 -4.29
C PRO B 148 29.05 19.14 -4.78
N GLY B 149 29.70 18.46 -3.84
CA GLY B 149 30.76 17.51 -4.18
C GLY B 149 32.16 18.05 -4.18
N THR B 150 32.35 19.37 -4.09
CA THR B 150 33.69 19.93 -4.25
C THR B 150 34.39 20.06 -2.93
N HIS B 151 33.63 20.19 -1.83
CA HIS B 151 34.21 20.26 -0.49
C HIS B 151 33.34 19.47 0.48
N ARG B 152 33.92 19.12 1.61
CA ARG B 152 33.18 18.35 2.63
C ARG B 152 33.21 19.15 3.96
N THR B 153 32.02 19.43 4.52
CA THR B 153 31.85 20.18 5.79
C THR B 153 30.99 19.39 6.78
N TYR B 154 31.64 18.75 7.75
CA TYR B 154 30.95 17.88 8.71
C TYR B 154 29.94 18.70 9.48
N ALA B 155 28.68 18.31 9.45
CA ALA B 155 27.60 19.18 9.96
C ALA B 155 26.31 18.48 10.36
N ASN B 156 25.79 18.84 11.53
CA ASN B 156 24.53 18.27 11.99
C ASN B 156 23.26 18.67 11.18
N PRO B 157 23.15 19.94 10.72
CA PRO B 157 21.98 20.35 9.93
C PRO B 157 21.62 19.46 8.74
N SER B 158 22.63 19.13 7.91
CA SER B 158 22.44 18.27 6.78
C SER B 158 22.17 16.81 7.15
N ILE B 159 22.99 16.18 8.02
CA ILE B 159 22.69 14.82 8.47
C ILE B 159 21.29 14.79 9.04
N GLY B 160 20.99 15.80 9.86
CA GLY B 160 19.68 15.93 10.48
C GLY B 160 18.57 15.95 9.46
N LEU B 161 18.76 16.73 8.40
CA LEU B 161 17.81 16.78 7.30
C LEU B 161 17.68 15.44 6.59
N LEU B 162 18.78 14.68 6.43
CA LEU B 162 18.68 13.33 5.88
C LEU B 162 17.65 12.48 6.65
N GLY B 163 17.62 12.61 7.98
CA GLY B 163 16.77 11.78 8.81
C GLY B 163 15.34 12.24 8.65
N VAL B 164 15.12 13.54 8.57
CA VAL B 164 13.76 14.07 8.32
C VAL B 164 13.19 13.54 7.02
N ILE B 165 14.00 13.55 5.95
CA ILE B 165 13.58 13.14 4.62
C ILE B 165 13.19 11.65 4.69
N ALA B 166 14.08 10.84 5.28
CA ALA B 166 13.85 9.40 5.41
C ALA B 166 12.57 9.10 6.18
N ALA B 167 12.41 9.76 7.32
CA ALA B 167 11.23 9.56 8.14
C ALA B 167 9.94 9.95 7.40
N ARG B 168 9.97 11.06 6.67
CA ARG B 168 8.85 11.52 5.82
C ARG B 168 8.51 10.47 4.74
N SER B 169 9.54 9.84 4.15
CA SER B 169 9.35 8.83 3.10
C SER B 169 8.66 7.56 3.65
N MSE B 170 8.79 7.32 4.95
CA MSE B 170 8.13 6.23 5.68
C MSE B 170 6.79 6.64 6.28
O MSE B 170 6.15 5.84 6.92
CB MSE B 170 9.12 5.73 6.75
CG MSE B 170 10.36 5.15 6.05
SE MSE B 170 11.77 4.59 7.30
CE MSE B 170 12.90 3.43 6.19
N ASN B 171 6.39 7.89 6.07
CA ASN B 171 5.12 8.46 6.55
C ASN B 171 4.85 8.21 8.05
N MSE B 172 5.87 8.50 8.85
CA MSE B 172 5.81 8.43 10.30
C MSE B 172 6.85 9.36 10.87
O MSE B 172 7.81 9.69 10.19
CB MSE B 172 6.03 6.99 10.76
CG MSE B 172 7.45 6.47 10.53
SE MSE B 172 7.45 4.52 10.84
CE MSE B 172 6.60 3.82 9.21
N PRO B 173 6.72 9.77 12.15
CA PRO B 173 7.78 10.60 12.75
C PRO B 173 9.13 9.85 12.93
N PHE B 174 10.22 10.61 12.96
CA PHE B 174 11.58 10.04 12.99
C PHE B 174 11.75 9.03 14.10
N GLN B 175 11.38 9.42 15.31
CA GLN B 175 11.50 8.56 16.51
C GLN B 175 10.82 7.20 16.30
N GLU B 176 9.62 7.22 15.72
CA GLU B 176 8.87 5.99 15.45
C GLU B 176 9.56 5.11 14.38
N ALA B 177 9.99 5.71 13.28
CA ALA B 177 10.79 5.04 12.25
C ALA B 177 12.04 4.33 12.78
N MSE B 178 12.72 4.93 13.76
CA MSE B 178 13.92 4.32 14.36
C MSE B 178 13.57 3.28 15.40
O MSE B 178 14.05 2.15 15.32
CB MSE B 178 14.81 5.41 14.94
CG MSE B 178 15.29 6.40 13.88
SE MSE B 178 16.94 5.74 13.01
CE MSE B 178 18.15 6.40 14.43
N GLN B 179 12.72 3.63 16.35
CA GLN B 179 12.50 2.78 17.51
C GLN B 179 11.48 1.67 17.28
N GLN B 180 10.48 1.92 16.42
CA GLN B 180 9.44 0.93 16.09
C GLN B 180 9.65 0.23 14.74
N ARG B 181 10.63 0.64 13.93
CA ARG B 181 10.92 -0.04 12.67
C ARG B 181 12.36 -0.49 12.56
N LEU B 182 13.31 0.43 12.42
CA LEU B 182 14.70 0.08 12.09
C LEU B 182 15.34 -0.73 13.20
N PHE B 183 15.31 -0.22 14.44
CA PHE B 183 15.95 -0.93 15.55
C PHE B 183 15.43 -2.37 15.78
N PRO B 184 14.08 -2.57 15.82
CA PRO B 184 13.53 -3.96 15.89
C PRO B 184 13.97 -4.86 14.75
N ALA B 185 13.96 -4.32 13.53
CA ALA B 185 14.32 -5.06 12.29
C ALA B 185 15.76 -5.53 12.36
N LEU B 186 16.63 -4.72 12.96
CA LEU B 186 18.04 -5.12 13.21
C LEU B 186 18.22 -6.05 14.41
N GLY B 187 17.19 -6.21 15.22
CA GLY B 187 17.23 -7.02 16.44
C GLY B 187 17.95 -6.29 17.56
N LEU B 188 17.87 -4.94 17.55
CA LEU B 188 18.45 -4.09 18.58
C LEU B 188 17.44 -3.62 19.61
N ASN B 189 17.13 -4.48 20.57
CA ASN B 189 16.04 -4.17 21.52
C ASN B 189 16.44 -3.35 22.75
N SER B 190 17.73 -2.98 22.86
CA SER B 190 18.29 -2.10 23.90
C SER B 190 18.98 -0.84 23.31
N THR B 191 18.37 -0.28 22.26
CA THR B 191 18.86 0.91 21.57
C THR B 191 17.69 1.91 21.45
N TYR B 192 17.94 3.18 21.82
CA TYR B 192 16.86 4.14 22.01
C TYR B 192 17.25 5.52 21.51
N VAL B 193 16.28 6.19 20.89
CA VAL B 193 16.30 7.66 20.78
C VAL B 193 15.76 8.33 22.06
N ASN B 194 14.76 7.69 22.69
CA ASN B 194 14.15 8.06 23.98
C ASN B 194 14.16 6.87 24.95
N VAL B 195 14.81 7.02 26.10
CA VAL B 195 15.00 5.89 27.01
C VAL B 195 13.72 5.68 27.84
N PRO B 196 13.08 4.49 27.74
CA PRO B 196 11.91 4.22 28.57
C PRO B 196 12.21 4.30 30.07
N ASP B 197 11.16 4.57 30.83
CA ASP B 197 11.29 4.77 32.28
C ASP B 197 11.96 3.54 32.90
N ASP B 198 11.47 2.38 32.47
CA ASP B 198 11.97 1.06 32.87
C ASP B 198 13.47 0.81 32.61
N MLY B 199 14.07 1.56 31.68
CA MLY B 199 15.50 1.42 31.33
CB MLY B 199 15.66 1.34 29.80
CG MLY B 199 15.76 -0.11 29.35
CD MLY B 199 14.40 -0.79 29.29
CE MLY B 199 14.52 -2.31 29.43
NZ MLY B 199 15.14 -2.84 28.19
CH1 MLY B 199 16.33 -3.67 28.53
CH2 MLY B 199 14.17 -3.66 27.43
C MLY B 199 16.41 2.48 31.89
O MLY B 199 17.64 2.40 31.73
N GLN B 200 15.85 3.47 32.59
CA GLN B 200 16.64 4.59 33.11
C GLN B 200 17.77 4.14 34.07
N THR B 201 17.55 3.07 34.84
CA THR B 201 18.60 2.53 35.76
C THR B 201 19.90 2.19 35.04
N LEU B 202 19.81 1.76 33.77
CA LEU B 202 20.95 1.37 32.96
C LEU B 202 21.70 2.55 32.33
N TYR B 203 21.06 3.72 32.25
CA TYR B 203 21.60 4.90 31.57
C TYR B 203 22.76 5.53 32.37
N ALA B 204 23.98 5.30 31.89
CA ALA B 204 25.18 5.89 32.48
C ALA B 204 25.09 7.41 32.66
N GLN B 205 25.83 7.91 33.64
CA GLN B 205 25.95 9.34 33.88
C GLN B 205 27.14 9.74 33.05
N GLY B 206 27.05 10.85 32.31
CA GLY B 206 28.20 11.42 31.65
C GLY B 206 28.96 12.32 32.60
N TYR B 207 30.27 12.45 32.38
CA TYR B 207 31.09 13.44 33.08
C TYR B 207 31.72 14.42 32.11
N ASN B 208 31.67 15.69 32.45
CA ASN B 208 32.13 16.78 31.56
C ASN B 208 33.61 17.12 31.79
N THR B 209 34.08 18.23 31.21
CA THR B 209 35.50 18.60 31.28
C THR B 209 36.01 18.94 32.67
N LEU B 210 35.11 19.31 33.58
CA LEU B 210 35.45 19.44 34.99
C LEU B 210 35.01 18.26 35.82
N ASP B 211 34.80 17.13 35.17
CA ASP B 211 34.43 15.91 35.81
C ASP B 211 33.16 15.99 36.69
N GLU B 212 32.14 16.67 36.16
CA GLU B 212 30.84 16.78 36.80
C GLU B 212 29.82 16.07 35.94
N PRO B 213 28.72 15.55 36.55
CA PRO B 213 27.72 14.78 35.86
C PRO B 213 26.87 15.58 34.84
N VAL B 214 26.55 14.92 33.72
CA VAL B 214 26.04 15.56 32.54
C VAL B 214 25.38 14.50 31.65
N ARG B 215 24.23 14.84 31.04
CA ARG B 215 23.65 14.05 29.94
C ARG B 215 23.16 14.98 28.80
N VAL B 216 22.97 14.45 27.60
CA VAL B 216 22.57 15.29 26.44
C VAL B 216 21.20 15.91 26.68
N ASN B 217 21.04 17.14 26.20
CA ASN B 217 19.75 17.84 26.24
C ASN B 217 19.05 17.70 24.90
N PRO B 218 17.71 17.83 24.88
CA PRO B 218 17.04 17.91 23.57
C PRO B 218 17.45 19.15 22.79
N GLY B 219 17.43 19.06 21.48
CA GLY B 219 17.70 20.20 20.61
C GLY B 219 17.07 19.92 19.27
N ILE B 220 17.06 20.92 18.39
CA ILE B 220 16.49 20.76 17.06
C ILE B 220 17.40 19.79 16.33
N LEU B 221 16.81 18.77 15.70
CA LEU B 221 17.53 17.73 14.94
C LEU B 221 18.47 16.83 15.80
N ALA B 222 18.29 16.87 17.11
CA ALA B 222 19.14 16.12 18.03
C ALA B 222 18.96 14.64 17.80
N ALA B 223 17.69 14.20 17.74
CA ALA B 223 17.34 12.80 17.42
C ALA B 223 18.09 12.25 16.22
N GLU B 224 18.00 12.99 15.13
CA GLU B 224 18.58 12.60 13.84
C GLU B 224 20.12 12.66 13.83
N ALA B 225 20.71 13.63 14.54
CA ALA B 225 22.14 13.90 14.52
C ALA B 225 22.97 13.24 15.59
N TYR B 226 22.48 13.20 16.84
CA TYR B 226 23.30 12.71 17.96
C TYR B 226 22.56 12.13 19.17
N GLY B 227 21.31 11.72 19.01
CA GLY B 227 20.48 11.42 20.18
C GLY B 227 20.33 9.95 20.57
N VAL B 228 20.94 9.01 19.84
CA VAL B 228 20.69 7.57 20.07
C VAL B 228 21.52 7.19 21.27
N MLY B 229 20.96 6.30 22.09
CA MLY B 229 21.65 5.76 23.25
CB MLY B 229 20.86 6.10 24.51
CG MLY B 229 21.15 7.51 25.09
CD MLY B 229 20.47 8.65 24.40
CE MLY B 229 18.94 8.72 24.56
NZ MLY B 229 18.54 10.04 25.08
CH1 MLY B 229 18.58 11.11 24.05
CH2 MLY B 229 17.20 9.98 25.69
C MLY B 229 21.59 4.27 23.05
O MLY B 229 20.54 3.79 22.69
N SER B 230 22.71 3.56 23.31
CA SER B 230 22.78 2.10 23.18
C SER B 230 23.73 1.44 24.20
N SER B 231 23.63 0.12 24.33
CA SER B 231 24.63 -0.67 25.04
C SER B 231 25.72 -1.21 24.06
N SER B 232 26.81 -1.74 24.61
CA SER B 232 27.84 -2.35 23.81
C SER B 232 27.33 -3.69 23.24
N ARG B 233 26.45 -4.37 23.96
CA ARG B 233 25.81 -5.59 23.46
C ARG B 233 24.99 -5.35 22.16
N ASP B 234 24.18 -4.29 22.14
CA ASP B 234 23.45 -3.92 20.92
C ASP B 234 24.32 -3.34 19.82
N LEU B 235 25.28 -2.49 20.16
CA LEU B 235 26.05 -1.82 19.11
C LEU B 235 26.98 -2.85 18.42
N ILE B 236 27.47 -3.85 19.15
CA ILE B 236 28.31 -4.87 18.52
C ILE B 236 27.47 -5.73 17.53
N ARG B 237 26.18 -5.98 17.85
CA ARG B 237 25.18 -6.51 16.90
C ARG B 237 25.09 -5.68 15.65
N PHE B 238 24.99 -4.37 15.80
CA PHE B 238 25.02 -3.45 14.65
C PHE B 238 26.32 -3.55 13.85
N VAL B 239 27.46 -3.70 14.53
CA VAL B 239 28.75 -3.90 13.83
C VAL B 239 28.72 -5.20 13.00
N GLU B 240 28.21 -6.26 13.63
CA GLU B 240 28.04 -7.54 12.96
C GLU B 240 27.13 -7.46 11.72
N ALA B 241 26.02 -6.73 11.82
CA ALA B 241 25.12 -6.48 10.68
C ALA B 241 25.88 -5.85 9.52
N ASN B 242 26.69 -4.86 9.84
CA ASN B 242 27.62 -4.23 8.88
C ASN B 242 28.86 -5.03 8.43
N ILE B 243 29.17 -6.11 9.11
CA ILE B 243 30.16 -7.09 8.64
C ILE B 243 29.45 -8.14 7.76
N GLY B 244 28.12 -8.14 7.80
CA GLY B 244 27.31 -8.96 6.90
C GLY B 244 26.92 -10.27 7.50
N LEU B 245 26.80 -10.30 8.83
CA LEU B 245 26.29 -11.46 9.53
C LEU B 245 24.81 -11.11 9.78
N GLY B 246 23.98 -12.04 10.20
CA GLY B 246 22.59 -11.71 10.59
C GLY B 246 21.44 -12.12 9.67
N GLN B 247 21.71 -12.35 8.39
CA GLN B 247 20.76 -12.98 7.45
C GLN B 247 19.42 -12.24 7.38
N TYR B 248 19.49 -10.91 7.31
CA TYR B 248 18.30 -10.08 7.12
C TYR B 248 17.78 -10.29 5.69
N ASP B 249 16.56 -9.83 5.45
CA ASP B 249 15.97 -9.93 4.10
C ASP B 249 16.66 -8.93 3.18
N ALA B 250 16.51 -9.12 1.88
CA ALA B 250 17.21 -8.34 0.87
C ALA B 250 17.22 -6.80 1.05
N PRO B 251 16.06 -6.15 1.41
CA PRO B 251 16.18 -4.69 1.50
C PRO B 251 17.03 -4.20 2.65
N LEU B 252 17.00 -4.90 3.78
CA LEU B 252 17.81 -4.50 4.95
C LEU B 252 19.27 -4.87 4.78
N GLN B 253 19.53 -6.00 4.15
CA GLN B 253 20.91 -6.35 3.76
C GLN B 253 21.52 -5.29 2.82
N ARG B 254 20.74 -4.83 1.85
CA ARG B 254 21.19 -3.78 0.95
C ARG B 254 21.38 -2.47 1.70
N ALA B 255 20.42 -2.10 2.56
CA ALA B 255 20.53 -0.85 3.32
C ALA B 255 21.82 -0.80 4.09
N LEU B 256 22.20 -1.90 4.72
CA LEU B 256 23.43 -1.93 5.50
C LEU B 256 24.66 -1.63 4.65
N SER B 257 24.81 -2.40 3.57
CA SER B 257 25.98 -2.32 2.70
C SER B 257 26.03 -1.00 1.94
N ASP B 258 24.85 -0.50 1.54
CA ASP B 258 24.67 0.79 0.85
C ASP B 258 25.19 1.97 1.68
N THR B 259 25.18 1.87 3.02
CA THR B 259 25.73 2.96 3.84
C THR B 259 27.24 3.03 3.71
N ARG B 260 27.85 1.92 3.28
CA ARG B 260 29.32 1.78 3.16
C ARG B 260 29.83 1.98 1.73
N ILE B 261 28.98 2.48 0.82
CA ILE B 261 29.41 2.94 -0.52
C ILE B 261 30.33 4.18 -0.38
N GLY B 262 31.44 4.24 -1.11
CA GLY B 262 32.40 5.35 -0.97
C GLY B 262 32.17 6.44 -2.00
N TYR B 263 31.79 7.62 -1.53
CA TYR B 263 31.41 8.73 -2.41
C TYR B 263 32.49 9.79 -2.67
N PHE B 264 33.45 9.98 -1.76
CA PHE B 264 34.47 11.05 -1.85
C PHE B 264 35.78 10.64 -1.23
N LYS B 265 36.88 11.11 -1.81
CA LYS B 265 38.20 11.07 -1.18
C LYS B 265 38.42 12.40 -0.50
N VAL B 266 38.64 12.32 0.81
CA VAL B 266 38.95 13.46 1.65
C VAL B 266 40.32 13.16 2.22
N GLY B 267 41.36 13.60 1.50
CA GLY B 267 42.75 13.21 1.78
C GLY B 267 42.91 11.72 1.88
N GLY B 268 43.27 11.24 3.07
CA GLY B 268 43.50 9.82 3.34
C GLY B 268 42.24 9.03 3.70
N MSE B 269 41.12 9.72 3.84
CA MSE B 269 39.85 9.10 4.27
C MSE B 269 38.92 9.04 3.07
O MSE B 269 39.03 9.86 2.13
CB MSE B 269 39.21 9.96 5.36
CG MSE B 269 37.88 9.39 5.88
SE MSE B 269 36.33 10.36 5.11
CE MSE B 269 36.49 12.04 6.10
N THR B 270 38.04 8.04 3.06
CA THR B 270 36.99 7.92 2.05
C THR B 270 35.64 8.08 2.73
N GLN B 271 34.85 9.06 2.29
CA GLN B 271 33.54 9.37 2.86
C GLN B 271 32.43 8.53 2.27
N ASP B 272 31.82 7.72 3.15
CA ASP B 272 30.61 6.98 2.83
C ASP B 272 29.31 7.73 3.26
N LEU B 273 28.17 7.03 3.40
CA LEU B 273 26.96 7.62 4.04
C LEU B 273 27.14 7.48 5.55
N ALA B 274 27.53 8.58 6.21
CA ALA B 274 27.93 8.73 7.64
C ALA B 274 29.24 8.01 8.00
N TRP B 275 29.34 6.72 7.67
CA TRP B 275 30.60 6.02 7.85
C TRP B 275 31.71 6.72 7.08
N GLU B 276 32.92 6.61 7.64
CA GLU B 276 34.16 7.00 7.00
C GLU B 276 35.07 5.80 7.00
N GLN B 277 35.93 5.71 5.98
CA GLN B 277 36.76 4.49 5.86
C GLN B 277 38.15 4.78 5.31
N TYR B 278 39.00 3.76 5.46
CA TYR B 278 40.42 3.85 5.14
C TYR B 278 40.82 2.56 4.40
N PRO B 279 41.39 2.71 3.19
CA PRO B 279 41.74 1.52 2.41
C PRO B 279 42.97 0.81 2.95
N THR B 280 43.05 -0.49 2.72
CA THR B 280 44.21 -1.29 3.05
C THR B 280 45.39 -0.87 2.14
N PRO B 281 46.63 -0.89 2.66
CA PRO B 281 47.02 -1.19 4.03
C PRO B 281 46.69 -0.01 4.96
N ILE B 282 46.26 -0.37 6.16
CA ILE B 282 45.69 0.58 7.11
C ILE B 282 46.79 1.00 8.08
N HIS B 283 47.17 2.28 8.03
CA HIS B 283 48.19 2.84 8.93
C HIS B 283 47.59 3.69 10.05
N LEU B 284 48.08 3.48 11.27
CA LEU B 284 47.60 4.24 12.44
C LEU B 284 47.64 5.74 12.24
N ASP B 285 48.74 6.26 11.71
CA ASP B 285 48.87 7.70 11.53
C ASP B 285 47.83 8.24 10.59
N VAL B 286 47.46 7.46 9.57
CA VAL B 286 46.36 7.83 8.66
C VAL B 286 45.03 7.87 9.42
N LEU B 287 44.77 6.87 10.25
CA LEU B 287 43.54 6.84 11.07
C LEU B 287 43.46 8.05 12.00
N LEU B 288 44.60 8.39 12.58
CA LEU B 288 44.70 9.49 13.53
C LEU B 288 44.46 10.83 12.87
N ALA B 289 45.09 11.06 11.71
CA ALA B 289 44.85 12.29 10.95
C ALA B 289 43.40 12.42 10.46
N GLY B 290 42.86 11.34 9.90
CA GLY B 290 41.48 11.36 9.43
C GLY B 290 40.40 11.50 10.50
N ASN B 291 40.75 11.26 11.77
CA ASN B 291 39.85 11.46 12.91
C ASN B 291 40.25 12.64 13.81
N ALA B 292 41.12 13.51 13.30
CA ALA B 292 41.52 14.70 14.05
C ALA B 292 40.45 15.80 14.02
N SER B 293 40.57 16.72 15.00
CA SER B 293 39.76 17.92 15.08
C SER B 293 39.78 18.81 13.82
N ALA B 294 40.92 18.88 13.14
CA ALA B 294 41.06 19.56 11.85
C ALA B 294 40.00 19.15 10.83
N MSE B 295 39.59 17.88 10.89
CA MSE B 295 38.72 17.32 9.86
C MSE B 295 37.33 17.87 9.90
O MSE B 295 36.59 17.71 8.93
CB MSE B 295 38.65 15.80 9.92
CG MSE B 295 39.99 15.15 9.64
SE MSE B 295 40.49 15.40 7.76
CE MSE B 295 39.58 13.90 6.88
N LEU B 296 36.95 18.51 11.01
CA LEU B 296 35.68 19.22 11.09
C LEU B 296 35.61 20.48 10.25
N ASN B 297 36.75 21.11 10.02
CA ASN B 297 36.77 22.23 9.11
C ASN B 297 36.57 21.78 7.66
N THR B 298 35.99 22.69 6.87
CA THR B 298 35.71 22.43 5.48
C THR B 298 37.00 21.99 4.79
N GLN B 299 36.86 20.97 3.94
CA GLN B 299 37.96 20.23 3.33
C GLN B 299 37.69 20.01 1.86
N LYS B 300 38.74 19.99 1.02
CA LYS B 300 38.54 19.64 -0.38
C LYS B 300 38.06 18.20 -0.49
N ALA B 301 37.16 17.95 -1.45
CA ALA B 301 36.67 16.59 -1.71
C ALA B 301 36.79 16.25 -3.20
N ASP B 302 37.09 15.00 -3.48
CA ASP B 302 37.11 14.51 -4.84
C ASP B 302 36.10 13.41 -4.98
N ALA B 303 35.07 13.65 -5.81
CA ALA B 303 34.03 12.66 -6.04
C ALA B 303 34.60 11.40 -6.66
N ILE B 304 34.02 10.27 -6.24
CA ILE B 304 34.27 8.98 -6.83
C ILE B 304 33.03 8.64 -7.67
N GLU B 305 33.26 8.46 -8.96
CA GLU B 305 32.15 8.33 -9.88
C GLU B 305 32.52 7.27 -10.90
N PRO B 306 31.85 6.10 -10.87
CA PRO B 306 30.74 5.76 -9.98
C PRO B 306 31.22 5.56 -8.54
N PRO B 307 30.30 5.68 -7.56
CA PRO B 307 30.75 5.51 -6.18
C PRO B 307 31.30 4.11 -5.93
N LEU B 308 32.30 4.04 -5.05
CA LEU B 308 33.01 2.81 -4.77
C LEU B 308 32.07 1.80 -4.12
N ALA B 309 32.06 0.58 -4.65
CA ALA B 309 31.30 -0.48 -4.00
C ALA B 309 31.78 -0.64 -2.54
N ALA B 310 30.92 -1.17 -1.67
CA ALA B 310 31.32 -1.45 -0.28
C ALA B 310 32.55 -2.34 -0.33
N GLN B 311 33.57 -1.96 0.44
CA GLN B 311 34.90 -2.53 0.34
C GLN B 311 35.22 -3.40 1.55
N PRO B 312 35.11 -4.73 1.42
CA PRO B 312 35.50 -5.69 2.44
C PRO B 312 36.76 -5.36 3.25
N THR B 313 37.81 -4.91 2.57
CA THR B 313 39.13 -4.79 3.17
C THR B 313 39.37 -3.46 3.88
N ALA B 314 38.48 -2.47 3.69
CA ALA B 314 38.64 -1.17 4.33
C ALA B 314 38.35 -1.20 5.84
N TRP B 315 39.03 -0.32 6.55
CA TRP B 315 38.72 -0.03 7.94
C TRP B 315 37.59 0.99 7.92
N VAL B 316 36.44 0.58 8.43
CA VAL B 316 35.26 1.41 8.49
C VAL B 316 35.11 1.87 9.94
N ASN B 317 34.80 3.15 10.11
CA ASN B 317 34.77 3.74 11.46
C ASN B 317 33.84 4.88 11.68
N LYS B 318 33.49 5.10 12.95
CA LYS B 318 32.88 6.33 13.36
C LYS B 318 33.22 6.70 14.79
N THR B 319 33.55 7.98 14.99
CA THR B 319 33.63 8.58 16.33
C THR B 319 32.25 9.18 16.73
N GLY B 320 31.96 9.19 18.01
CA GLY B 320 30.72 9.81 18.52
C GLY B 320 30.85 10.39 19.90
N SER B 321 30.49 11.66 20.08
CA SER B 321 30.70 12.33 21.33
C SER B 321 29.53 13.21 21.72
N THR B 322 29.34 13.28 23.02
CA THR B 322 28.54 14.34 23.63
C THR B 322 29.39 15.01 24.73
N ASN B 323 28.84 16.03 25.38
N ASN B 323 28.83 16.01 25.38
CA ASN B 323 29.58 16.75 26.44
CA ASN B 323 29.55 16.73 26.43
C ASN B 323 30.05 15.86 27.60
C ASN B 323 30.11 15.81 27.50
N GLY B 324 29.36 14.74 27.84
CA GLY B 324 29.81 13.73 28.83
C GLY B 324 30.17 12.33 28.36
N PHE B 325 30.36 12.11 27.06
CA PHE B 325 30.55 10.74 26.56
C PHE B 325 31.44 10.72 25.33
N GLY B 326 32.07 9.56 25.12
CA GLY B 326 32.97 9.37 24.02
C GLY B 326 32.92 7.95 23.55
N GLY B 327 32.48 7.78 22.32
CA GLY B 327 32.30 6.48 21.70
C GLY B 327 33.07 6.33 20.41
N TYR B 328 33.37 5.10 20.04
CA TYR B 328 34.05 4.77 18.77
C TYR B 328 33.69 3.37 18.33
N VAL B 329 33.62 3.20 17.02
CA VAL B 329 33.23 1.93 16.41
C VAL B 329 34.14 1.77 15.20
N ALA B 330 34.81 0.63 15.08
CA ALA B 330 35.57 0.32 13.86
C ALA B 330 35.37 -1.16 13.46
N PHE B 331 35.38 -1.45 12.16
CA PHE B 331 35.35 -2.85 11.71
C PHE B 331 35.96 -3.02 10.33
N ILE B 332 36.32 -4.28 10.03
CA ILE B 332 36.85 -4.65 8.74
C ILE B 332 36.06 -5.89 8.33
N ALA B 333 35.18 -5.78 7.34
CA ALA B 333 34.20 -6.86 7.06
C ALA B 333 34.88 -8.15 6.51
N GLN B 334 35.96 -7.99 5.76
CA GLN B 334 36.75 -9.13 5.18
C GLN B 334 37.38 -10.04 6.25
N MLY B 335 37.99 -9.41 7.26
CA MLY B 335 38.52 -10.12 8.44
CB MLY B 335 39.53 -9.24 9.18
CG MLY B 335 40.87 -9.15 8.47
CD MLY B 335 41.73 -8.07 9.11
CE MLY B 335 43.10 -7.98 8.41
NZ MLY B 335 44.21 -7.57 9.31
CH1 MLY B 335 45.47 -7.71 8.55
CH2 MLY B 335 44.08 -6.17 9.75
C MLY B 335 37.45 -10.46 9.46
O MLY B 335 37.75 -11.10 10.45
N GLN B 336 36.20 -10.02 9.25
CA GLN B 336 35.05 -10.23 10.16
C GLN B 336 35.41 -9.77 11.59
N LEU B 337 36.03 -8.58 11.66
CA LEU B 337 36.67 -8.10 12.89
C LEU B 337 36.07 -6.77 13.25
N GLY B 338 35.58 -6.67 14.48
CA GLY B 338 34.89 -5.45 14.94
C GLY B 338 35.08 -5.10 16.38
N ILE B 339 34.84 -3.83 16.68
CA ILE B 339 35.06 -3.30 18.00
C ILE B 339 34.14 -2.10 18.27
N VAL B 340 33.58 -2.07 19.47
CA VAL B 340 32.88 -0.95 20.08
C VAL B 340 33.64 -0.50 21.32
N ILE B 341 33.92 0.82 21.47
CA ILE B 341 34.48 1.37 22.67
C ILE B 341 33.57 2.51 23.14
N LEU B 342 32.94 2.30 24.28
CA LEU B 342 31.97 3.26 24.87
C LEU B 342 32.41 3.75 26.25
N ALA B 343 32.52 5.06 26.39
CA ALA B 343 32.93 5.65 27.65
C ALA B 343 31.99 6.77 28.02
N ASN B 344 31.89 6.96 29.33
CA ASN B 344 31.20 8.11 29.92
C ASN B 344 32.10 9.31 30.17
N MLY B 345 32.98 9.59 29.20
CA MLY B 345 33.64 10.85 29.07
CB MLY B 345 34.96 10.79 29.82
CG MLY B 345 35.40 12.16 30.29
CD MLY B 345 36.69 11.95 31.03
CE MLY B 345 37.53 13.20 31.28
NZ MLY B 345 36.87 14.24 32.06
CH1 MLY B 345 36.48 13.77 33.40
CH2 MLY B 345 37.75 15.38 32.17
C MLY B 345 33.92 11.12 27.61
O MLY B 345 34.17 10.21 26.82
N ASN B 346 33.93 12.40 27.26
CA ASN B 346 34.38 12.86 25.95
C ASN B 346 35.91 13.00 26.00
N TYR B 347 36.61 11.91 25.74
CA TYR B 347 38.08 11.90 25.77
C TYR B 347 38.57 12.04 24.31
N PRO B 348 39.86 12.38 24.07
CA PRO B 348 40.35 12.66 22.71
C PRO B 348 40.11 11.52 21.70
N ASN B 349 39.59 11.87 20.52
CA ASN B 349 39.41 10.90 19.42
C ASN B 349 40.66 10.08 19.17
N GLU B 350 41.83 10.73 19.19
CA GLU B 350 43.14 10.08 19.00
C GLU B 350 43.35 8.89 19.97
N GLU B 351 42.96 9.08 21.23
CA GLU B 351 43.08 8.01 22.23
C GLU B 351 42.09 6.87 21.96
N ARG B 352 40.89 7.17 21.47
CA ARG B 352 39.91 6.12 21.11
C ARG B 352 40.44 5.25 19.97
N VAL B 353 41.03 5.91 18.96
CA VAL B 353 41.49 5.25 17.76
C VAL B 353 42.71 4.37 18.09
N MLY B 354 43.67 4.94 18.81
CA MLY B 354 44.82 4.18 19.31
CB MLY B 354 45.68 5.06 20.19
CG MLY B 354 46.47 6.05 19.37
CD MLY B 354 47.14 7.02 20.32
CE MLY B 354 47.97 8.04 19.52
NZ MLY B 354 48.80 8.96 20.33
CH1 MLY B 354 47.97 9.89 21.11
CH2 MLY B 354 49.75 8.24 21.22
C MLY B 354 44.36 2.94 20.07
O MLY B 354 44.85 1.83 19.82
N LEU B 355 43.40 3.12 20.98
CA LEU B 355 42.94 2.00 21.78
C LEU B 355 42.30 0.91 20.90
N ALA B 356 41.48 1.30 19.93
CA ALA B 356 40.85 0.35 19.01
C ALA B 356 41.90 -0.38 18.16
N TYR B 357 42.86 0.38 17.65
CA TYR B 357 43.94 -0.17 16.81
C TYR B 357 44.73 -1.27 17.58
N ARG B 358 45.19 -0.93 18.78
CA ARG B 358 45.95 -1.86 19.65
C ARG B 358 45.20 -3.14 19.96
N ILE B 359 43.94 -2.97 20.36
CA ILE B 359 43.14 -4.11 20.75
C ILE B 359 42.89 -5.01 19.55
N LEU B 360 42.51 -4.46 18.39
CA LEU B 360 42.37 -5.28 17.21
C LEU B 360 43.69 -5.92 16.77
N GLN B 361 44.81 -5.24 17.00
CA GLN B 361 46.15 -5.81 16.75
C GLN B 361 46.39 -7.05 17.64
N HIS B 362 45.99 -7.01 18.91
CA HIS B 362 46.11 -8.21 19.79
C HIS B 362 45.12 -9.33 19.46
N ALA B 363 43.86 -8.95 19.17
CA ALA B 363 42.80 -9.93 18.93
C ALA B 363 43.00 -10.81 17.68
N GLU B 364 43.66 -10.27 16.67
CA GLU B 364 43.87 -10.96 15.38
C GLU B 364 45.25 -11.62 15.39
N PRO B 365 45.31 -12.94 15.08
CA PRO B 365 46.63 -13.56 14.86
C PRO B 365 47.21 -13.16 13.49
N LEU B 366 48.42 -13.63 13.19
CA LEU B 366 49.10 -13.27 11.95
C LEU B 366 48.33 -13.79 10.71
N ALA C 10 -37.84 16.85 7.39
CA ALA C 10 -37.70 18.34 7.54
C ALA C 10 -38.21 18.81 8.90
N ALA C 11 -39.34 18.25 9.37
CA ALA C 11 -39.82 18.48 10.73
C ALA C 11 -38.83 17.97 11.80
N LEU C 12 -38.15 16.86 11.54
CA LEU C 12 -37.07 16.42 12.44
C LEU C 12 -35.84 17.32 12.33
N ASP C 13 -35.51 17.79 11.13
CA ASP C 13 -34.38 18.74 10.94
C ASP C 13 -34.57 20.00 11.79
N THR C 14 -35.76 20.59 11.71
CA THR C 14 -36.10 21.82 12.45
C THR C 14 -36.10 21.57 13.97
N LEU C 15 -36.67 20.45 14.39
CA LEU C 15 -36.74 20.03 15.81
C LEU C 15 -35.35 19.89 16.47
N VAL C 16 -34.43 19.21 15.78
CA VAL C 16 -33.06 19.05 16.31
C VAL C 16 -32.35 20.41 16.38
N GLN C 17 -32.50 21.20 15.32
CA GLN C 17 -31.92 22.54 15.23
C GLN C 17 -32.38 23.43 16.39
N THR C 18 -33.70 23.48 16.57
CA THR C 18 -34.30 24.23 17.68
C THR C 18 -33.65 23.82 19.00
N GLU C 19 -33.76 22.54 19.34
CA GLU C 19 -33.27 22.01 20.63
C GLU C 19 -31.74 22.12 20.81
N ALA C 20 -30.98 21.82 19.76
CA ALA C 20 -29.52 21.94 19.80
C ALA C 20 -29.08 23.37 20.15
N ARG C 21 -29.59 24.33 19.38
CA ARG C 21 -29.27 25.75 19.60
C ARG C 21 -29.73 26.25 20.97
N LYS C 22 -30.86 25.72 21.45
CA LYS C 22 -31.39 26.04 22.78
C LYS C 22 -30.45 25.56 23.89
N VAL C 23 -29.99 24.30 23.77
CA VAL C 23 -29.07 23.71 24.75
C VAL C 23 -27.71 24.41 24.70
N MSE C 24 -27.23 24.73 23.51
CA MSE C 24 -25.97 25.48 23.36
C MSE C 24 -26.03 26.82 24.05
O MSE C 24 -25.04 27.25 24.67
CB MSE C 24 -25.60 25.66 21.89
CG MSE C 24 -25.13 24.33 21.30
SE MSE C 24 -25.08 24.44 19.34
CE MSE C 24 -23.34 25.36 19.28
N GLN C 25 -27.17 27.49 23.95
CA GLN C 25 -27.39 28.80 24.59
C GLN C 25 -27.42 28.70 26.13
N GLU C 26 -28.17 27.74 26.66
N GLU C 26 -28.14 27.71 26.64
CA GLU C 26 -28.31 27.56 28.12
CA GLU C 26 -28.33 27.51 28.08
C GLU C 26 -26.96 27.26 28.80
C GLU C 26 -27.01 27.22 28.81
N ASN C 27 -26.15 26.41 28.19
CA ASN C 27 -24.87 25.95 28.81
C ASN C 27 -23.61 26.48 28.16
N ASN C 28 -23.75 27.42 27.22
CA ASN C 28 -22.62 28.01 26.53
C ASN C 28 -21.71 26.96 25.88
N ILE C 29 -22.29 26.17 24.98
CA ILE C 29 -21.58 25.11 24.27
C ILE C 29 -21.05 25.67 22.96
N THR C 30 -19.75 25.49 22.74
CA THR C 30 -19.06 26.08 21.59
C THR C 30 -19.31 25.27 20.32
N GLY C 31 -19.21 23.95 20.43
CA GLY C 31 -19.35 23.04 19.29
C GLY C 31 -20.08 21.75 19.68
N LEU C 32 -20.90 21.26 18.76
CA LEU C 32 -21.84 20.19 19.07
C LEU C 32 -22.15 19.38 17.83
N SER C 33 -22.04 18.07 17.96
CA SER C 33 -22.34 17.13 16.90
C SER C 33 -23.33 16.10 17.40
N ILE C 34 -24.38 15.91 16.62
CA ILE C 34 -25.47 14.98 16.90
C ILE C 34 -25.60 14.03 15.70
N ALA C 35 -25.56 12.73 15.98
CA ALA C 35 -25.89 11.69 14.99
C ALA C 35 -27.12 10.95 15.46
N ILE C 36 -28.05 10.69 14.54
CA ILE C 36 -29.26 9.92 14.80
C ILE C 36 -29.18 8.70 13.91
N THR C 37 -29.66 7.54 14.39
CA THR C 37 -29.87 6.37 13.53
C THR C 37 -31.30 5.84 13.71
N ARG C 38 -32.01 5.59 12.60
CA ARG C 38 -33.39 5.08 12.65
C ARG C 38 -33.49 3.94 11.64
N HIS C 39 -33.55 2.69 12.12
CA HIS C 39 -33.50 1.48 11.28
C HIS C 39 -32.31 1.49 10.29
N GLY C 40 -31.17 2.04 10.73
CA GLY C 40 -29.96 2.13 9.93
C GLY C 40 -29.75 3.43 9.16
N MLY C 41 -30.81 4.18 8.90
CA MLY C 41 -30.71 5.48 8.21
CB MLY C 41 -32.10 6.01 7.84
CG MLY C 41 -32.06 7.40 7.18
CD MLY C 41 -33.45 7.87 6.80
CE MLY C 41 -33.44 9.05 5.84
NZ MLY C 41 -34.74 9.21 5.12
CH1 MLY C 41 -35.84 9.54 6.06
CH2 MLY C 41 -34.62 10.25 4.09
C MLY C 41 -30.02 6.46 9.11
O MLY C 41 -30.53 6.79 10.17
N GLN C 42 -28.83 6.92 8.70
CA GLN C 42 -28.04 7.87 9.51
C GLN C 42 -28.32 9.27 9.05
N GLN C 43 -28.39 10.19 10.01
CA GLN C 43 -28.48 11.63 9.74
C GLN C 43 -27.64 12.34 10.78
N PHE C 44 -27.03 13.44 10.35
CA PHE C 44 -26.05 14.16 11.15
C PHE C 44 -26.39 15.63 11.21
N TYR C 45 -26.14 16.23 12.39
CA TYR C 45 -26.39 17.65 12.67
C TYR C 45 -25.17 18.21 13.39
N ASN C 46 -24.60 19.29 12.84
CA ASN C 46 -23.40 19.90 13.38
C ASN C 46 -23.56 21.40 13.57
N TYR C 47 -23.03 21.89 14.68
CA TYR C 47 -23.19 23.29 15.11
C TYR C 47 -21.91 23.81 15.74
N GLY C 48 -21.66 25.11 15.50
CA GLY C 48 -20.57 25.79 16.14
C GLY C 48 -19.22 25.38 15.59
N VAL C 49 -18.18 25.71 16.35
CA VAL C 49 -16.80 25.47 15.93
C VAL C 49 -16.12 24.49 16.88
N ALA C 50 -15.16 23.73 16.35
CA ALA C 50 -14.42 22.77 17.15
C ALA C 50 -13.39 23.48 18.04
N SER C 51 -13.06 24.73 17.69
CA SER C 51 -12.09 25.52 18.41
C SER C 51 -12.35 27.00 18.12
N MLY C 52 -12.37 27.84 19.15
CA MLY C 52 -12.56 29.28 18.96
CB MLY C 52 -12.81 30.01 20.29
CG MLY C 52 -14.21 29.71 20.79
CD MLY C 52 -14.34 29.89 22.30
CE MLY C 52 -14.47 31.37 22.65
NZ MLY C 52 -14.90 31.51 24.05
CH1 MLY C 52 -13.73 31.51 24.95
CH2 MLY C 52 -15.64 32.77 24.21
C MLY C 52 -11.34 29.86 18.27
O MLY C 52 -11.48 30.66 17.33
N ALA C 53 -10.15 29.44 18.71
CA ALA C 53 -8.88 29.89 18.11
C ALA C 53 -8.95 29.83 16.59
N THR C 54 -9.23 28.64 16.07
CA THR C 54 -9.17 28.38 14.64
C THR C 54 -10.48 28.70 13.88
N GLY C 55 -11.63 28.65 14.55
CA GLY C 55 -12.94 28.80 13.87
C GLY C 55 -13.36 27.60 13.03
N GLN C 56 -12.62 26.49 13.13
CA GLN C 56 -12.90 25.26 12.35
C GLN C 56 -14.33 24.78 12.64
N PRO C 57 -15.25 24.80 11.63
CA PRO C 57 -16.62 24.32 11.93
C PRO C 57 -16.68 22.86 12.38
N VAL C 58 -17.55 22.55 13.34
CA VAL C 58 -17.77 21.14 13.73
C VAL C 58 -18.34 20.37 12.54
N SER C 59 -17.86 19.15 12.36
CA SER C 59 -18.40 18.24 11.35
C SER C 59 -18.67 16.88 11.99
N SER C 60 -19.14 15.94 11.18
CA SER C 60 -19.34 14.56 11.59
C SER C 60 -18.01 13.79 11.71
N ASP C 61 -16.90 14.43 11.38
CA ASP C 61 -15.56 13.86 11.45
C ASP C 61 -14.69 14.47 12.58
N THR C 62 -15.18 15.53 13.23
CA THR C 62 -14.48 16.16 14.36
C THR C 62 -14.26 15.15 15.50
N LEU C 63 -13.06 15.14 16.07
CA LEU C 63 -12.78 14.29 17.25
C LEU C 63 -13.10 14.99 18.57
N PHE C 64 -14.02 14.37 19.31
CA PHE C 64 -14.31 14.74 20.69
C PHE C 64 -13.74 13.69 21.64
N GLU C 65 -13.34 14.13 22.83
CA GLU C 65 -13.02 13.23 23.94
C GLU C 65 -14.35 12.60 24.40
N LEU C 66 -14.39 11.27 24.48
CA LEU C 66 -15.59 10.54 24.92
C LEU C 66 -15.72 10.34 26.42
N GLY C 67 -14.71 10.70 27.20
CA GLY C 67 -14.77 10.58 28.66
C GLY C 67 -15.07 9.15 29.08
N SER C 68 -16.03 8.98 29.99
CA SER C 68 -16.47 7.66 30.44
C SER C 68 -17.18 6.79 29.39
N ILE C 69 -17.56 7.34 28.23
CA ILE C 69 -18.14 6.48 27.22
C ILE C 69 -17.10 5.44 26.76
N SER C 70 -15.81 5.81 26.84
CA SER C 70 -14.65 4.88 26.69
C SER C 70 -14.83 3.50 27.32
N LYS C 71 -15.41 3.48 28.49
CA LYS C 71 -15.62 2.22 29.24
C LYS C 71 -16.48 1.19 28.50
N THR C 72 -17.37 1.65 27.61
CA THR C 72 -18.19 0.72 26.82
C THR C 72 -17.33 -0.06 25.82
N PHE C 73 -16.29 0.58 25.31
CA PHE C 73 -15.28 -0.10 24.48
C PHE C 73 -14.40 -1.04 25.28
N THR C 74 -13.96 -0.59 26.47
CA THR C 74 -13.21 -1.48 27.38
C THR C 74 -14.05 -2.74 27.75
N ALA C 75 -15.34 -2.57 28.04
CA ALA C 75 -16.23 -3.73 28.24
C ALA C 75 -16.32 -4.61 27.01
N THR C 76 -16.43 -4.00 25.83
CA THR C 76 -16.51 -4.77 24.60
C THR C 76 -15.20 -5.52 24.30
N LEU C 77 -14.05 -4.90 24.57
CA LEU C 77 -12.77 -5.65 24.61
C LEU C 77 -12.82 -6.90 25.51
N ALA C 78 -13.35 -6.74 26.71
CA ALA C 78 -13.38 -7.83 27.70
C ALA C 78 -14.33 -8.95 27.26
N THR C 79 -15.47 -8.59 26.66
CA THR C 79 -16.43 -9.58 26.16
C THR C 79 -16.06 -10.15 24.79
N TRP C 80 -15.20 -9.45 24.05
CA TRP C 80 -14.58 -10.03 22.85
C TRP C 80 -13.59 -11.13 23.25
N ALA C 81 -12.72 -10.82 24.21
CA ALA C 81 -11.75 -11.83 24.68
C ALA C 81 -12.46 -13.03 25.30
N GLN C 82 -13.62 -12.80 25.92
CA GLN C 82 -14.42 -13.92 26.45
C GLN C 82 -14.92 -14.81 25.32
N ALA C 83 -15.65 -14.20 24.38
CA ALA C 83 -16.19 -14.90 23.23
C ALA C 83 -15.12 -15.66 22.43
N ASN C 84 -13.85 -15.21 22.51
CA ASN C 84 -12.73 -15.91 21.87
C ASN C 84 -12.03 -16.92 22.80
N GLY C 85 -12.68 -17.28 23.92
CA GLY C 85 -12.15 -18.28 24.84
C GLY C 85 -10.90 -17.91 25.63
N ARG C 86 -10.58 -16.61 25.72
CA ARG C 86 -9.40 -16.12 26.44
C ARG C 86 -9.70 -15.62 27.87
N LEU C 87 -10.97 -15.43 28.22
CA LEU C 87 -11.34 -14.78 29.48
C LEU C 87 -12.79 -15.08 29.90
N SER C 88 -13.00 -16.02 30.81
CA SER C 88 -14.33 -16.19 31.42
C SER C 88 -14.53 -15.13 32.51
N LEU C 89 -15.58 -14.32 32.37
CA LEU C 89 -15.87 -13.24 33.32
C LEU C 89 -16.31 -13.75 34.70
N THR C 90 -16.80 -14.98 34.75
CA THR C 90 -17.20 -15.62 36.00
C THR C 90 -16.03 -16.13 36.88
N GLN C 91 -14.82 -16.21 36.31
CA GLN C 91 -13.65 -16.67 37.05
C GLN C 91 -13.11 -15.54 37.92
N SER C 92 -12.40 -15.91 38.98
CA SER C 92 -11.78 -14.92 39.87
C SER C 92 -10.67 -14.13 39.15
N ILE C 93 -10.42 -12.91 39.62
CA ILE C 93 -9.44 -11.99 39.02
C ILE C 93 -8.01 -12.56 39.02
N ASP C 94 -7.65 -13.32 40.04
CA ASP C 94 -6.31 -13.94 40.09
C ASP C 94 -6.04 -14.92 38.93
N THR C 95 -7.10 -15.54 38.39
CA THR C 95 -7.02 -16.41 37.21
C THR C 95 -6.32 -15.77 36.01
N TYR C 96 -6.56 -14.47 35.81
CA TYR C 96 -6.02 -13.72 34.67
C TYR C 96 -4.99 -12.65 35.02
N MSE C 97 -4.74 -12.41 36.31
CA MSE C 97 -3.70 -11.47 36.74
C MSE C 97 -2.83 -12.12 37.77
O MSE C 97 -3.16 -12.10 38.96
CB MSE C 97 -4.29 -10.18 37.29
CG MSE C 97 -4.75 -9.28 36.15
SE MSE C 97 -3.24 -8.52 35.15
CE MSE C 97 -3.02 -6.86 36.18
N PRO C 98 -1.72 -12.74 37.32
CA PRO C 98 -0.70 -13.27 38.21
C PRO C 98 -0.17 -12.31 39.30
N PRO C 99 -0.06 -11.00 39.01
CA PRO C 99 0.26 -10.08 40.13
C PRO C 99 -0.74 -10.11 41.30
N LEU C 100 -2.02 -10.42 41.02
CA LEU C 100 -3.06 -10.49 42.05
C LEU C 100 -3.34 -11.91 42.59
N ARG C 101 -2.37 -12.81 42.51
CA ARG C 101 -2.44 -14.08 43.23
C ARG C 101 -2.30 -13.79 44.72
N ASP C 102 -3.09 -14.50 45.53
CA ASP C 102 -3.09 -14.36 47.01
C ASP C 102 -3.49 -12.96 47.52
N THR C 103 -4.45 -12.32 46.83
CA THR C 103 -4.97 -11.01 47.24
C THR C 103 -6.49 -11.04 47.41
N ARG C 104 -6.99 -10.05 48.16
CA ARG C 104 -8.42 -9.91 48.44
C ARG C 104 -9.20 -9.64 47.14
N LEU C 105 -8.65 -8.74 46.33
CA LEU C 105 -9.25 -8.41 45.01
C LEU C 105 -9.18 -9.60 44.04
N GLY C 106 -8.09 -10.38 44.15
CA GLY C 106 -7.88 -11.56 43.33
C GLY C 106 -8.95 -12.63 43.43
N LYS C 107 -9.60 -12.73 44.60
CA LYS C 107 -10.65 -13.72 44.83
C LYS C 107 -11.98 -13.37 44.11
N ILE C 108 -12.13 -12.13 43.66
CA ILE C 108 -13.44 -11.61 43.23
C ILE C 108 -13.63 -11.93 41.75
N PRO C 109 -14.86 -12.33 41.32
CA PRO C 109 -15.09 -12.60 39.88
C PRO C 109 -14.89 -11.36 39.00
N VAL C 110 -14.31 -11.56 37.80
CA VAL C 110 -13.91 -10.46 36.90
C VAL C 110 -15.06 -9.52 36.51
N PHE C 111 -16.29 -10.04 36.42
CA PHE C 111 -17.45 -9.26 35.89
C PHE C 111 -17.84 -8.11 36.79
N HIS C 112 -17.54 -8.24 38.07
CA HIS C 112 -17.70 -7.15 39.02
C HIS C 112 -16.89 -5.89 38.69
N LEU C 113 -15.80 -6.02 37.94
CA LEU C 113 -15.05 -4.80 37.51
C LEU C 113 -15.82 -4.01 36.49
N GLY C 114 -16.63 -4.70 35.70
CA GLY C 114 -17.46 -4.08 34.68
C GLY C 114 -18.80 -3.53 35.11
N THR C 115 -19.24 -3.89 36.32
CA THR C 115 -20.54 -3.51 36.89
C THR C 115 -20.40 -2.61 38.17
N HIS C 116 -19.16 -2.34 38.61
CA HIS C 116 -18.83 -1.44 39.72
C HIS C 116 -19.23 -2.00 41.12
N THR C 117 -19.21 -3.33 41.23
CA THR C 117 -19.73 -4.05 42.37
C THR C 117 -18.69 -4.88 43.15
N ALA C 118 -17.41 -4.76 42.81
CA ALA C 118 -16.33 -5.57 43.45
C ALA C 118 -16.23 -5.40 44.96
N GLY C 119 -16.33 -4.17 45.43
CA GLY C 119 -16.28 -3.92 46.89
C GLY C 119 -16.01 -2.51 47.40
N GLY C 120 -15.92 -1.53 46.49
CA GLY C 120 -15.62 -0.15 46.90
C GLY C 120 -14.28 0.34 46.40
N PHE C 121 -14.31 1.35 45.53
CA PHE C 121 -13.10 1.99 45.04
C PHE C 121 -13.35 3.48 45.05
N PRO C 122 -12.29 4.30 45.17
CA PRO C 122 -12.49 5.74 44.93
C PRO C 122 -12.77 5.99 43.44
N ILE C 123 -13.43 7.10 43.09
CA ILE C 123 -13.78 7.35 41.68
C ILE C 123 -12.54 7.45 40.78
N GLN C 124 -11.51 8.19 41.22
CA GLN C 124 -10.25 8.26 40.47
C GLN C 124 -9.17 7.34 41.06
N VAL C 125 -8.15 7.08 40.25
CA VAL C 125 -6.94 6.41 40.72
C VAL C 125 -6.21 7.38 41.66
N PRO C 126 -5.76 6.90 42.84
CA PRO C 126 -5.08 7.81 43.77
C PRO C 126 -3.83 8.47 43.18
N GLU C 127 -3.58 9.72 43.55
CA GLU C 127 -2.46 10.50 43.02
C GLU C 127 -1.09 9.96 43.47
N LYS C 128 -1.06 9.20 44.57
CA LYS C 128 0.15 8.47 44.97
C LYS C 128 0.58 7.36 43.99
N VAL C 129 -0.36 6.86 43.19
CA VAL C 129 -0.06 5.87 42.13
C VAL C 129 0.48 6.57 40.88
N GLN C 130 1.77 6.38 40.59
CA GLN C 130 2.46 7.00 39.44
C GLN C 130 3.01 6.02 38.38
N ASN C 131 2.88 4.71 38.60
CA ASN C 131 3.30 3.69 37.61
C ASN C 131 2.53 2.37 37.77
N THR C 132 2.76 1.42 36.87
CA THR C 132 2.14 0.08 36.95
C THR C 132 2.48 -0.65 38.25
N ARG C 133 3.74 -0.52 38.69
CA ARG C 133 4.21 -1.12 39.95
C ARG C 133 3.36 -0.67 41.13
N GLN C 134 3.25 0.65 41.29
CA GLN C 134 2.44 1.26 42.36
C GLN C 134 0.94 1.00 42.19
N LEU C 135 0.48 0.88 40.95
CA LEU C 135 -0.90 0.46 40.66
C LEU C 135 -1.16 -0.96 41.14
N MSE C 136 -0.23 -1.87 40.88
CA MSE C 136 -0.33 -3.26 41.34
C MSE C 136 -0.24 -3.35 42.84
O MSE C 136 -1.00 -4.12 43.44
CB MSE C 136 0.76 -4.11 40.70
CG MSE C 136 0.36 -4.55 39.30
SE MSE C 136 -1.50 -5.19 39.31
CE MSE C 136 -2.24 -3.92 38.01
N ASP C 137 0.66 -2.59 43.45
CA ASP C 137 0.77 -2.51 44.91
C ASP C 137 -0.51 -2.00 45.57
N TYR C 138 -1.14 -1.00 44.93
CA TYR C 138 -2.43 -0.47 45.39
C TYR C 138 -3.54 -1.53 45.36
N PHE C 139 -3.65 -2.24 44.24
CA PHE C 139 -4.62 -3.33 44.11
C PHE C 139 -4.30 -4.49 45.04
N LYS C 140 -3.01 -4.84 45.17
CA LYS C 140 -2.55 -5.89 46.11
C LYS C 140 -3.04 -5.68 47.55
N ALA C 141 -2.95 -4.44 48.03
CA ALA C 141 -3.34 -4.09 49.40
C ALA C 141 -4.82 -3.73 49.59
N TRP C 142 -5.54 -3.49 48.48
CA TRP C 142 -6.94 -3.07 48.53
C TRP C 142 -7.80 -3.92 49.46
N GLN C 143 -8.50 -3.27 50.38
CA GLN C 143 -9.48 -3.89 51.27
C GLN C 143 -10.89 -3.53 50.80
N PRO C 144 -11.83 -4.51 50.74
CA PRO C 144 -13.21 -4.14 50.41
C PRO C 144 -13.95 -3.52 51.60
N GLU C 145 -14.88 -2.62 51.29
CA GLU C 145 -15.85 -2.09 52.27
C GLU C 145 -17.16 -2.90 52.31
N TYR C 146 -17.52 -3.51 51.18
CA TYR C 146 -18.70 -4.40 51.11
C TYR C 146 -18.46 -5.66 50.28
N LEU C 147 -19.35 -6.63 50.43
CA LEU C 147 -19.21 -7.92 49.74
C LEU C 147 -19.66 -7.77 48.28
N PRO C 148 -18.97 -8.48 47.36
CA PRO C 148 -19.23 -8.31 45.92
C PRO C 148 -20.71 -8.38 45.57
N GLY C 149 -21.20 -7.42 44.80
CA GLY C 149 -22.58 -7.43 44.32
C GLY C 149 -23.62 -6.81 45.23
N THR C 150 -23.25 -6.45 46.46
CA THR C 150 -24.20 -5.90 47.43
C THR C 150 -24.40 -4.40 47.25
N HIS C 151 -23.36 -3.70 46.76
CA HIS C 151 -23.42 -2.27 46.49
C HIS C 151 -22.70 -1.97 45.20
N ARG C 152 -22.94 -0.78 44.68
CA ARG C 152 -22.45 -0.37 43.38
C ARG C 152 -21.74 0.98 43.51
N THR C 153 -20.45 1.01 43.20
CA THR C 153 -19.65 2.22 43.39
C THR C 153 -18.98 2.53 42.07
N TYR C 154 -19.53 3.49 41.32
CA TYR C 154 -18.90 3.90 40.05
C TYR C 154 -17.43 4.28 40.29
N ALA C 155 -16.48 3.65 39.60
CA ALA C 155 -15.06 3.98 39.78
C ALA C 155 -14.19 3.73 38.53
N ASN C 156 -13.08 4.46 38.41
CA ASN C 156 -12.12 4.26 37.30
C ASN C 156 -11.08 3.15 37.50
N PRO C 157 -10.57 2.97 38.75
CA PRO C 157 -9.60 1.88 38.98
C PRO C 157 -10.09 0.47 38.63
N SER C 158 -11.34 0.16 38.96
CA SER C 158 -11.92 -1.15 38.69
C SER C 158 -12.12 -1.40 37.19
N ILE C 159 -12.76 -0.47 36.48
CA ILE C 159 -13.00 -0.65 35.05
C ILE C 159 -11.67 -0.61 34.27
N GLY C 160 -10.72 0.19 34.76
CA GLY C 160 -9.38 0.20 34.23
C GLY C 160 -8.69 -1.15 34.28
N LEU C 161 -8.83 -1.83 35.43
CA LEU C 161 -8.27 -3.16 35.62
C LEU C 161 -8.92 -4.22 34.71
N LEU C 162 -10.22 -4.08 34.41
CA LEU C 162 -10.89 -4.93 33.41
C LEU C 162 -10.23 -4.76 32.04
N GLY C 163 -9.84 -3.53 31.71
CA GLY C 163 -9.07 -3.25 30.49
C GLY C 163 -7.70 -3.92 30.48
N VAL C 164 -6.97 -3.85 31.61
CA VAL C 164 -5.64 -4.47 31.75
C VAL C 164 -5.72 -6.00 31.64
N ILE C 165 -6.72 -6.58 32.29
CA ILE C 165 -6.98 -8.02 32.22
C ILE C 165 -7.27 -8.44 30.76
N ALA C 166 -8.12 -7.69 30.06
CA ALA C 166 -8.54 -8.06 28.70
C ALA C 166 -7.36 -7.99 27.71
N ALA C 167 -6.53 -6.95 27.85
CA ALA C 167 -5.28 -6.82 27.09
C ALA C 167 -4.35 -8.01 27.30
N ARG C 168 -4.11 -8.33 28.58
CA ARG C 168 -3.24 -9.45 28.97
C ARG C 168 -3.70 -10.80 28.40
N SER C 169 -5.02 -11.03 28.34
CA SER C 169 -5.58 -12.28 27.79
C SER C 169 -5.41 -12.37 26.25
N MSE C 170 -5.17 -11.22 25.62
CA MSE C 170 -4.79 -11.08 24.20
C MSE C 170 -3.29 -10.96 23.98
O MSE C 170 -2.84 -10.83 22.84
CB MSE C 170 -5.48 -9.81 23.69
CG MSE C 170 -6.80 -10.14 23.00
SE MSE C 170 -8.04 -8.60 23.09
CE MSE C 170 -9.30 -9.46 21.84
N ASN C 171 -2.51 -11.04 25.07
CA ASN C 171 -1.04 -10.83 25.08
C ASN C 171 -0.49 -9.67 24.23
N MSE C 172 -1.10 -8.50 24.40
CA MSE C 172 -0.64 -7.27 23.75
C MSE C 172 -1.04 -6.08 24.59
O MSE C 172 -1.96 -6.20 25.39
CB MSE C 172 -1.23 -7.20 22.33
CG MSE C 172 -2.75 -7.01 22.33
SE MSE C 172 -3.48 -7.19 20.51
CE MSE C 172 -3.45 -9.15 20.37
N PRO C 173 -0.36 -4.93 24.42
CA PRO C 173 -0.76 -3.75 25.20
C PRO C 173 -2.21 -3.30 24.92
N PHE C 174 -2.81 -2.62 25.89
CA PHE C 174 -4.21 -2.16 25.78
C PHE C 174 -4.44 -1.28 24.55
N GLN C 175 -3.57 -0.28 24.37
CA GLN C 175 -3.64 0.63 23.22
C GLN C 175 -3.57 -0.12 21.89
N GLU C 176 -2.75 -1.16 21.84
CA GLU C 176 -2.63 -2.03 20.68
C GLU C 176 -3.93 -2.83 20.48
N ALA C 177 -4.43 -3.42 21.56
CA ALA C 177 -5.67 -4.23 21.52
C ALA C 177 -6.90 -3.44 21.07
N MSE C 178 -6.91 -2.13 21.32
CA MSE C 178 -8.02 -1.27 20.89
C MSE C 178 -7.78 -0.79 19.49
O MSE C 178 -8.61 -1.00 18.61
CB MSE C 178 -8.21 -0.11 21.88
CG MSE C 178 -8.46 -0.59 23.30
SE MSE C 178 -10.37 -0.93 23.68
CE MSE C 178 -10.84 0.91 24.20
N GLN C 179 -6.62 -0.16 19.26
CA GLN C 179 -6.32 0.50 17.99
C GLN C 179 -6.11 -0.48 16.82
N GLN C 180 -5.41 -1.57 17.07
CA GLN C 180 -5.07 -2.53 16.01
C GLN C 180 -5.96 -3.76 15.97
N ARG C 181 -6.91 -3.91 16.90
CA ARG C 181 -7.83 -5.07 16.88
C ARG C 181 -9.31 -4.68 17.01
N LEU C 182 -9.71 -4.13 18.16
CA LEU C 182 -11.14 -3.89 18.39
C LEU C 182 -11.73 -2.84 17.45
N PHE C 183 -11.11 -1.66 17.35
CA PHE C 183 -11.63 -0.60 16.50
C PHE C 183 -11.70 -1.04 15.01
N PRO C 184 -10.60 -1.61 14.46
CA PRO C 184 -10.69 -2.06 13.07
C PRO C 184 -11.67 -3.22 12.83
N ALA C 185 -11.86 -4.09 13.82
CA ALA C 185 -12.86 -5.17 13.69
C ALA C 185 -14.29 -4.62 13.59
N LEU C 186 -14.58 -3.58 14.36
CA LEU C 186 -15.87 -2.89 14.31
C LEU C 186 -16.03 -2.01 13.07
N GLY C 187 -14.93 -1.69 12.41
CA GLY C 187 -14.95 -0.84 11.21
C GLY C 187 -14.95 0.63 11.58
N LEU C 188 -14.26 0.97 12.66
CA LEU C 188 -14.12 2.35 13.09
C LEU C 188 -12.78 2.89 12.56
N ASN C 189 -12.87 3.85 11.65
CA ASN C 189 -11.70 4.44 10.98
C ASN C 189 -11.27 5.82 11.50
N SER C 190 -11.83 6.25 12.63
CA SER C 190 -11.41 7.51 13.27
C SER C 190 -11.74 7.53 14.76
N THR C 191 -11.43 6.41 15.42
CA THR C 191 -11.59 6.27 16.86
C THR C 191 -10.22 5.89 17.41
N TYR C 192 -9.78 6.58 18.46
CA TYR C 192 -8.38 6.56 18.89
C TYR C 192 -8.22 6.59 20.42
N VAL C 193 -7.29 5.78 20.93
CA VAL C 193 -6.76 5.89 22.29
C VAL C 193 -5.65 6.96 22.29
N ASN C 194 -4.92 7.09 21.19
CA ASN C 194 -4.05 8.24 20.94
C ASN C 194 -4.20 8.74 19.51
N VAL C 195 -4.40 10.04 19.35
CA VAL C 195 -4.73 10.60 18.04
C VAL C 195 -3.45 10.71 17.21
N PRO C 196 -3.44 10.13 15.98
CA PRO C 196 -2.32 10.33 15.03
C PRO C 196 -2.07 11.78 14.65
N ASP C 197 -0.88 12.03 14.11
CA ASP C 197 -0.37 13.39 13.90
C ASP C 197 -1.14 14.10 12.78
N ASP C 198 -1.48 13.35 11.71
CA ASP C 198 -2.31 13.88 10.62
C ASP C 198 -3.78 14.14 10.99
N LYS C 199 -4.27 13.47 12.03
CA LYS C 199 -5.64 13.65 12.52
C LYS C 199 -5.80 14.82 13.51
N GLN C 200 -4.72 15.18 14.21
CA GLN C 200 -4.69 16.32 15.15
C GLN C 200 -5.52 17.52 14.73
N THR C 201 -5.49 17.84 13.44
CA THR C 201 -6.30 18.91 12.86
C THR C 201 -7.82 18.82 13.16
N LEU C 202 -8.37 17.61 13.20
CA LEU C 202 -9.80 17.38 13.53
C LEU C 202 -10.12 17.22 15.04
N TYR C 203 -9.09 17.22 15.89
CA TYR C 203 -9.26 17.14 17.36
C TYR C 203 -9.83 18.45 17.90
N ALA C 204 -11.09 18.43 18.34
CA ALA C 204 -11.74 19.63 18.93
C ALA C 204 -11.02 20.13 20.18
N GLN C 205 -11.19 21.41 20.48
CA GLN C 205 -10.74 22.01 21.73
C GLN C 205 -11.84 21.81 22.78
N GLY C 206 -11.51 21.32 23.98
CA GLY C 206 -12.46 21.35 25.12
C GLY C 206 -12.44 22.68 25.88
N TYR C 207 -13.55 23.02 26.55
CA TYR C 207 -13.64 24.25 27.31
C TYR C 207 -14.12 23.99 28.74
N ASN C 208 -13.31 24.40 29.70
CA ASN C 208 -13.58 24.20 31.16
C ASN C 208 -14.67 25.12 31.73
N THR C 209 -14.86 25.10 33.05
CA THR C 209 -15.87 25.96 33.73
C THR C 209 -15.67 27.47 33.49
N LEU C 210 -14.41 27.88 33.35
CA LEU C 210 -14.03 29.26 33.04
C LEU C 210 -14.12 29.58 31.53
N ASP C 211 -14.56 28.62 30.70
CA ASP C 211 -14.65 28.78 29.24
C ASP C 211 -13.27 28.97 28.60
N GLU C 212 -12.26 28.29 29.15
CA GLU C 212 -10.87 28.35 28.67
C GLU C 212 -10.44 26.99 28.06
N PRO C 213 -9.56 27.01 27.02
CA PRO C 213 -9.23 25.79 26.30
C PRO C 213 -8.57 24.72 27.16
N VAL C 214 -9.00 23.47 26.97
CA VAL C 214 -8.63 22.36 27.83
C VAL C 214 -8.74 21.04 27.04
N ARG C 215 -7.74 20.18 27.19
CA ARG C 215 -7.79 18.79 26.72
C ARG C 215 -7.23 17.85 27.80
N VAL C 216 -7.66 16.59 27.76
CA VAL C 216 -7.41 15.65 28.85
C VAL C 216 -5.93 15.25 28.89
N ASN C 217 -5.38 15.14 30.10
CA ASN C 217 -3.96 14.82 30.28
C ASN C 217 -3.74 13.32 30.50
N PRO C 218 -2.47 12.85 30.33
CA PRO C 218 -2.15 11.47 30.65
C PRO C 218 -2.30 11.14 32.14
N GLY C 219 -2.61 9.89 32.43
CA GLY C 219 -2.77 9.43 33.81
C GLY C 219 -2.81 7.91 33.84
N ILE C 220 -2.67 7.34 35.04
CA ILE C 220 -2.66 5.90 35.21
C ILE C 220 -4.07 5.38 34.94
N LEU C 221 -4.18 4.39 34.06
CA LEU C 221 -5.47 3.84 33.57
C LEU C 221 -6.37 4.86 32.87
N ALA C 222 -5.76 5.89 32.27
CA ALA C 222 -6.50 6.92 31.53
C ALA C 222 -7.05 6.33 30.24
N ALA C 223 -6.20 5.58 29.54
CA ALA C 223 -6.60 4.91 28.30
C ALA C 223 -7.77 3.93 28.55
N GLU C 224 -7.66 3.16 29.63
CA GLU C 224 -8.63 2.11 29.94
C GLU C 224 -9.99 2.65 30.44
N ALA C 225 -9.98 3.78 31.16
CA ALA C 225 -11.18 4.34 31.78
C ALA C 225 -11.83 5.50 31.01
N TYR C 226 -11.03 6.32 30.33
CA TYR C 226 -11.56 7.52 29.65
C TYR C 226 -10.64 8.05 28.53
N GLY C 227 -10.02 7.14 27.79
CA GLY C 227 -9.00 7.49 26.81
C GLY C 227 -9.48 7.86 25.42
N VAL C 228 -10.66 7.33 25.03
CA VAL C 228 -11.08 7.28 23.63
C VAL C 228 -11.48 8.66 23.09
N MLY C 229 -10.98 8.97 21.89
CA MLY C 229 -11.45 10.08 21.08
CB MLY C 229 -10.31 10.92 20.53
CG MLY C 229 -9.59 11.73 21.59
CD MLY C 229 -8.42 10.95 22.18
CE MLY C 229 -8.07 11.47 23.55
NZ MLY C 229 -6.92 10.80 24.16
CH1 MLY C 229 -5.66 11.09 23.44
CH2 MLY C 229 -6.78 11.33 25.52
C MLY C 229 -12.15 9.46 19.90
O MLY C 229 -11.69 8.45 19.37
N SER C 230 -13.27 10.05 19.47
CA SER C 230 -14.02 9.57 18.32
C SER C 230 -14.92 10.68 17.73
N SER C 231 -15.34 10.46 16.48
CA SER C 231 -16.27 11.36 15.79
C SER C 231 -17.69 10.82 15.94
N SER C 232 -18.69 11.63 15.58
CA SER C 232 -20.08 11.15 15.57
C SER C 232 -20.33 10.09 14.48
N ARG C 233 -19.68 10.24 13.33
CA ARG C 233 -19.77 9.22 12.27
C ARG C 233 -19.36 7.85 12.81
N ASP C 234 -18.15 7.77 13.35
CA ASP C 234 -17.70 6.55 14.02
C ASP C 234 -18.62 6.06 15.14
N LEU C 235 -18.93 6.92 16.12
CA LEU C 235 -19.65 6.48 17.30
C LEU C 235 -21.09 6.02 16.99
N ILE C 236 -21.75 6.62 16.01
CA ILE C 236 -23.10 6.14 15.65
C ILE C 236 -23.02 4.73 15.02
N ARG C 237 -21.93 4.42 14.31
CA ARG C 237 -21.70 3.07 13.75
C ARG C 237 -21.52 2.03 14.87
N PHE C 238 -20.86 2.44 15.96
CA PHE C 238 -20.72 1.62 17.17
C PHE C 238 -22.05 1.40 17.88
N VAL C 239 -22.89 2.44 17.89
CA VAL C 239 -24.27 2.30 18.36
C VAL C 239 -25.06 1.33 17.47
N GLU C 240 -24.91 1.44 16.16
CA GLU C 240 -25.56 0.48 15.26
C GLU C 240 -25.11 -0.96 15.52
N ALA C 241 -23.82 -1.15 15.74
CA ALA C 241 -23.26 -2.45 16.15
C ALA C 241 -23.99 -3.02 17.35
N ASN C 242 -24.19 -2.18 18.37
CA ASN C 242 -24.98 -2.56 19.54
C ASN C 242 -26.47 -2.73 19.27
N ILE C 243 -27.05 -1.90 18.39
CA ILE C 243 -28.43 -2.13 17.87
C ILE C 243 -28.56 -3.48 17.13
N GLY C 244 -27.47 -3.93 16.51
CA GLY C 244 -27.37 -5.28 15.92
C GLY C 244 -27.49 -5.32 14.40
N LEU C 245 -26.90 -4.33 13.73
CA LEU C 245 -27.05 -4.18 12.26
C LEU C 245 -25.83 -4.54 11.42
N GLY C 246 -24.72 -4.91 12.07
CA GLY C 246 -23.42 -5.04 11.38
C GLY C 246 -23.09 -6.31 10.60
N GLN C 247 -23.71 -7.43 10.94
CA GLN C 247 -23.37 -8.77 10.39
C GLN C 247 -21.91 -9.18 10.68
N TYR C 248 -21.43 -8.84 11.87
CA TYR C 248 -20.09 -9.24 12.30
C TYR C 248 -20.04 -10.75 12.46
N ASP C 249 -18.83 -11.28 12.58
CA ASP C 249 -18.66 -12.72 12.84
C ASP C 249 -19.20 -13.09 14.22
N ALA C 250 -19.36 -14.38 14.48
CA ALA C 250 -20.05 -14.83 15.68
C ALA C 250 -19.44 -14.33 17.01
N PRO C 251 -18.09 -14.35 17.16
CA PRO C 251 -17.50 -13.90 18.44
C PRO C 251 -17.64 -12.42 18.75
N LEU C 252 -17.46 -11.57 17.73
CA LEU C 252 -17.64 -10.14 17.89
C LEU C 252 -19.13 -9.79 18.03
N GLN C 253 -20.01 -10.49 17.32
CA GLN C 253 -21.46 -10.29 17.52
C GLN C 253 -21.85 -10.57 18.96
N ARG C 254 -21.40 -11.71 19.48
CA ARG C 254 -21.68 -12.09 20.86
C ARG C 254 -21.11 -11.07 21.84
N ALA C 255 -19.87 -10.61 21.59
CA ALA C 255 -19.22 -9.60 22.42
C ALA C 255 -20.11 -8.37 22.60
N LEU C 256 -20.62 -7.85 21.49
CA LEU C 256 -21.49 -6.67 21.56
C LEU C 256 -22.73 -6.90 22.44
N SER C 257 -23.41 -8.04 22.26
CA SER C 257 -24.63 -8.31 23.03
C SER C 257 -24.31 -8.60 24.50
N ASP C 258 -23.16 -9.22 24.76
CA ASP C 258 -22.82 -9.60 26.14
C ASP C 258 -22.51 -8.43 27.06
N THR C 259 -22.07 -7.30 26.49
CA THR C 259 -21.89 -6.08 27.30
C THR C 259 -23.23 -5.55 27.81
N ARG C 260 -24.35 -5.93 27.16
CA ARG C 260 -25.70 -5.48 27.58
C ARG C 260 -26.54 -6.51 28.34
N ILE C 261 -25.87 -7.55 28.86
CA ILE C 261 -26.44 -8.44 29.88
C ILE C 261 -26.58 -7.65 31.19
N GLY C 262 -27.76 -7.73 31.81
CA GLY C 262 -28.08 -6.99 33.04
C GLY C 262 -27.66 -7.79 34.27
N TYR C 263 -26.75 -7.21 35.06
CA TYR C 263 -26.21 -7.87 36.25
C TYR C 263 -26.85 -7.45 37.59
N PHE C 264 -27.22 -6.18 37.74
CA PHE C 264 -27.74 -5.65 39.01
C PHE C 264 -28.88 -4.65 38.84
N LYS C 265 -29.84 -4.70 39.76
CA LYS C 265 -30.77 -3.59 39.96
C LYS C 265 -30.09 -2.55 40.87
N VAL C 266 -30.03 -1.31 40.38
CA VAL C 266 -29.46 -0.16 41.12
C VAL C 266 -30.52 0.93 41.07
N GLY C 267 -31.48 0.83 41.98
CA GLY C 267 -32.66 1.71 41.98
C GLY C 267 -33.50 1.44 40.74
N GLY C 268 -33.88 2.50 40.04
CA GLY C 268 -34.54 2.42 38.74
C GLY C 268 -33.66 2.05 37.54
N MSE C 269 -32.36 1.83 37.78
CA MSE C 269 -31.38 1.50 36.72
C MSE C 269 -31.00 0.05 36.79
O MSE C 269 -31.11 -0.60 37.85
CB MSE C 269 -30.19 2.42 36.97
CG MSE C 269 -29.16 2.41 35.85
SE MSE C 269 -27.62 1.29 36.34
CE MSE C 269 -26.61 2.47 37.56
N THR C 270 -30.60 -0.51 35.65
CA THR C 270 -30.06 -1.86 35.60
C THR C 270 -28.65 -1.70 35.06
N GLN C 271 -27.68 -2.22 35.80
CA GLN C 271 -26.25 -2.08 35.47
C GLN C 271 -25.82 -3.21 34.56
N ASP C 272 -25.34 -2.87 33.37
CA ASP C 272 -24.76 -3.87 32.45
C ASP C 272 -23.23 -3.82 32.63
N LEU C 273 -22.48 -4.37 31.68
CA LEU C 273 -21.03 -4.24 31.70
C LEU C 273 -20.69 -2.87 31.09
N ALA C 274 -20.44 -1.88 31.96
CA ALA C 274 -20.22 -0.49 31.58
C ALA C 274 -21.52 0.22 31.13
N TRP C 275 -22.28 -0.38 30.22
CA TRP C 275 -23.61 0.19 29.90
C TRP C 275 -24.58 0.20 31.10
N GLU C 276 -25.57 1.11 31.04
CA GLU C 276 -26.59 1.28 32.06
C GLU C 276 -27.92 1.34 31.33
N GLN C 277 -28.95 0.74 31.92
CA GLN C 277 -30.15 0.37 31.20
C GLN C 277 -31.42 0.68 31.99
N TYR C 278 -32.51 0.99 31.27
CA TYR C 278 -33.80 1.31 31.88
C TYR C 278 -34.91 0.59 31.11
N PRO C 279 -35.73 -0.23 31.79
CA PRO C 279 -36.76 -0.98 31.06
C PRO C 279 -38.00 -0.13 30.77
N THR C 280 -38.86 -0.62 29.88
CA THR C 280 -40.14 0.02 29.63
C THR C 280 -41.06 -0.14 30.86
N PRO C 281 -42.07 0.74 30.97
CA PRO C 281 -42.23 2.02 30.28
C PRO C 281 -41.11 3.01 30.60
N ILE C 282 -40.52 3.60 29.56
CA ILE C 282 -39.40 4.53 29.71
C ILE C 282 -39.92 5.95 29.94
N HIS C 283 -39.44 6.58 31.02
CA HIS C 283 -39.92 7.89 31.48
C HIS C 283 -38.73 8.79 31.79
N LEU C 284 -38.82 10.06 31.39
CA LEU C 284 -37.71 11.01 31.55
C LEU C 284 -37.19 11.14 32.99
N ASP C 285 -38.11 11.28 33.93
CA ASP C 285 -37.76 11.40 35.36
C ASP C 285 -36.80 10.29 35.86
N VAL C 286 -37.02 9.06 35.40
CA VAL C 286 -36.18 7.92 35.77
C VAL C 286 -34.78 8.01 35.12
N LEU C 287 -34.73 8.45 33.86
CA LEU C 287 -33.44 8.69 33.17
C LEU C 287 -32.68 9.88 33.79
N LEU C 288 -33.40 10.90 34.24
CA LEU C 288 -32.79 12.06 34.91
C LEU C 288 -32.15 11.66 36.24
N ALA C 289 -32.92 10.95 37.06
CA ALA C 289 -32.42 10.49 38.37
C ALA C 289 -31.27 9.52 38.20
N GLY C 290 -31.44 8.61 37.26
CA GLY C 290 -30.45 7.60 36.97
C GLY C 290 -29.10 8.15 36.52
N ASN C 291 -29.10 9.26 35.78
CA ASN C 291 -27.89 9.96 35.35
C ASN C 291 -27.56 11.21 36.21
N ALA C 292 -27.95 11.18 37.48
CA ALA C 292 -27.71 12.29 38.40
C ALA C 292 -26.34 12.13 39.05
N SER C 293 -25.83 13.24 39.60
CA SER C 293 -24.57 13.26 40.35
C SER C 293 -24.58 12.34 41.57
N ALA C 294 -25.72 12.24 42.24
CA ALA C 294 -25.89 11.35 43.40
C ALA C 294 -25.61 9.86 43.10
N MSE C 295 -25.77 9.44 41.85
CA MSE C 295 -25.56 8.04 41.46
C MSE C 295 -24.09 7.68 41.37
O MSE C 295 -23.76 6.48 41.33
CB MSE C 295 -26.26 7.74 40.14
CG MSE C 295 -27.77 7.96 40.22
SE MSE C 295 -28.66 6.53 41.24
CE MSE C 295 -28.35 5.03 40.01
N LEU C 296 -23.20 8.67 41.36
CA LEU C 296 -21.76 8.42 41.51
C LEU C 296 -21.41 7.90 42.91
N ASN C 297 -22.24 8.22 43.91
CA ASN C 297 -22.04 7.71 45.27
C ASN C 297 -22.37 6.23 45.38
N THR C 298 -21.91 5.61 46.47
CA THR C 298 -22.17 4.19 46.74
C THR C 298 -23.62 4.01 47.17
N GLN C 299 -24.23 2.95 46.67
CA GLN C 299 -25.63 2.65 46.98
C GLN C 299 -25.89 1.15 46.86
N LYS C 300 -27.00 0.71 47.41
CA LYS C 300 -27.34 -0.72 47.46
C LYS C 300 -27.59 -1.27 46.04
N ALA C 301 -27.15 -2.50 45.81
CA ALA C 301 -27.30 -3.17 44.53
C ALA C 301 -27.78 -4.60 44.76
N ASP C 302 -28.77 -5.02 43.97
CA ASP C 302 -29.43 -6.32 44.14
C ASP C 302 -29.11 -7.21 42.93
N ALA C 303 -28.44 -8.34 43.18
CA ALA C 303 -27.92 -9.20 42.11
C ALA C 303 -29.03 -9.90 41.33
N ILE C 304 -29.03 -9.72 40.01
CA ILE C 304 -29.95 -10.40 39.11
C ILE C 304 -29.30 -11.75 38.73
N GLU C 305 -29.86 -12.85 39.25
CA GLU C 305 -29.30 -14.19 39.07
C GLU C 305 -30.37 -15.15 38.52
N PRO C 306 -30.18 -15.67 37.28
CA PRO C 306 -29.06 -15.43 36.35
C PRO C 306 -29.13 -14.03 35.72
N PRO C 307 -27.97 -13.46 35.31
CA PRO C 307 -27.98 -12.14 34.67
C PRO C 307 -29.02 -12.05 33.55
N LEU C 308 -29.65 -10.89 33.43
CA LEU C 308 -30.72 -10.69 32.48
C LEU C 308 -30.12 -10.61 31.09
N ALA C 309 -30.59 -11.49 30.20
CA ALA C 309 -30.24 -11.44 28.78
C ALA C 309 -30.40 -10.02 28.24
N ALA C 310 -29.66 -9.69 27.17
CA ALA C 310 -29.80 -8.38 26.51
C ALA C 310 -31.27 -8.11 26.22
N GLN C 311 -31.71 -6.90 26.59
CA GLN C 311 -33.12 -6.46 26.47
C GLN C 311 -33.35 -5.52 25.28
N PRO C 312 -33.92 -6.05 24.17
CA PRO C 312 -34.14 -5.18 22.99
C PRO C 312 -34.96 -3.90 23.22
N THR C 313 -35.82 -3.93 24.25
CA THR C 313 -36.80 -2.89 24.55
C THR C 313 -36.26 -1.77 25.46
N ALA C 314 -35.20 -2.04 26.20
CA ALA C 314 -34.71 -1.12 27.20
C ALA C 314 -33.99 0.10 26.60
N TRP C 315 -34.13 1.25 27.27
CA TRP C 315 -33.27 2.42 27.01
C TRP C 315 -31.87 2.16 27.56
N VAL C 316 -30.92 1.89 26.66
CA VAL C 316 -29.55 1.65 27.01
C VAL C 316 -28.75 2.92 26.73
N ASN C 317 -27.93 3.35 27.68
CA ASN C 317 -27.25 4.63 27.55
C ASN C 317 -25.91 4.74 28.24
N MLY C 318 -25.16 5.78 27.87
CA MLY C 318 -23.98 6.14 28.61
CB MLY C 318 -22.84 5.23 28.17
CG MLY C 318 -21.67 5.34 29.10
CD MLY C 318 -22.04 4.76 30.44
CE MLY C 318 -20.89 4.94 31.38
NZ MLY C 318 -20.17 3.71 31.56
CH1 MLY C 318 -19.66 3.09 30.32
CH2 MLY C 318 -19.07 4.13 32.36
C MLY C 318 -23.60 7.59 28.47
O MLY C 318 -23.54 8.13 27.37
N THR C 319 -23.37 8.24 29.62
CA THR C 319 -22.82 9.60 29.69
C THR C 319 -21.30 9.47 29.74
N GLY C 320 -20.58 10.47 29.23
CA GLY C 320 -19.13 10.53 29.39
C GLY C 320 -18.64 11.97 29.42
N SER C 321 -17.78 12.28 30.39
CA SER C 321 -17.30 13.66 30.55
C SER C 321 -15.82 13.76 30.86
N THR C 322 -15.21 14.82 30.33
CA THR C 322 -13.86 15.19 30.73
C THR C 322 -13.89 16.63 31.21
N ASN C 323 -12.72 17.17 31.54
CA ASN C 323 -12.69 18.55 31.94
C ASN C 323 -13.31 19.48 30.90
N GLY C 324 -13.07 19.23 29.61
CA GLY C 324 -13.60 20.10 28.54
C GLY C 324 -14.62 19.55 27.57
N PHE C 325 -15.20 18.38 27.83
CA PHE C 325 -16.14 17.72 26.90
C PHE C 325 -17.26 17.02 27.66
N GLY C 326 -18.41 16.89 26.99
CA GLY C 326 -19.55 16.16 27.53
C GLY C 326 -20.24 15.41 26.41
N GLY C 327 -20.33 14.10 26.55
CA GLY C 327 -20.88 13.21 25.55
C GLY C 327 -22.03 12.41 26.11
N TYR C 328 -22.94 12.01 25.23
CA TYR C 328 -24.04 11.12 25.60
C TYR C 328 -24.43 10.22 24.42
N VAL C 329 -24.72 8.95 24.72
N VAL C 329 -24.70 8.95 24.72
CA VAL C 329 -25.14 7.97 23.73
CA VAL C 329 -25.16 8.00 23.72
C VAL C 329 -26.33 7.24 24.34
C VAL C 329 -26.32 7.22 24.31
N ALA C 330 -27.36 7.01 23.52
CA ALA C 330 -28.51 6.19 23.91
C ALA C 330 -28.97 5.38 22.72
N PHE C 331 -29.58 4.23 23.01
CA PHE C 331 -30.24 3.43 21.96
C PHE C 331 -31.33 2.51 22.48
N ILE C 332 -32.27 2.19 21.60
CA ILE C 332 -33.27 1.18 21.85
C ILE C 332 -33.18 0.21 20.68
N ALA C 333 -32.75 -1.03 20.98
CA ALA C 333 -32.40 -1.98 19.92
C ALA C 333 -33.64 -2.45 19.16
N GLN C 334 -34.74 -2.71 19.89
CA GLN C 334 -36.03 -3.17 19.30
C GLN C 334 -36.49 -2.22 18.19
N MLY C 335 -36.46 -0.93 18.51
CA MLY C 335 -36.85 0.17 17.61
CB MLY C 335 -37.15 1.42 18.46
CG MLY C 335 -38.24 1.15 19.49
CD MLY C 335 -39.06 2.38 19.84
CE MLY C 335 -40.26 2.01 20.72
NZ MLY C 335 -40.92 3.20 21.29
CH1 MLY C 335 -41.93 3.75 20.35
CH2 MLY C 335 -41.60 2.81 22.55
C MLY C 335 -35.78 0.55 16.62
O MLY C 335 -36.05 1.40 15.75
N GLN C 336 -34.59 -0.03 16.75
CA GLN C 336 -33.42 0.26 15.92
C GLN C 336 -33.16 1.76 15.90
N LEU C 337 -33.19 2.34 17.08
CA LEU C 337 -33.17 3.77 17.27
C LEU C 337 -32.00 4.14 18.18
N GLY C 338 -31.20 5.14 17.79
CA GLY C 338 -30.06 5.54 18.61
C GLY C 338 -29.58 6.95 18.36
N ILE C 339 -28.86 7.51 19.34
CA ILE C 339 -28.40 8.90 19.23
C ILE C 339 -27.06 9.03 19.91
N VAL C 340 -26.28 9.99 19.41
CA VAL C 340 -24.95 10.29 19.89
C VAL C 340 -24.93 11.81 19.88
N ILE C 341 -24.50 12.39 20.99
CA ILE C 341 -24.49 13.83 21.21
C ILE C 341 -23.16 14.11 21.84
N LEU C 342 -22.33 14.85 21.11
CA LEU C 342 -20.95 15.08 21.52
C LEU C 342 -20.71 16.56 21.53
N ALA C 343 -20.25 17.07 22.67
CA ALA C 343 -19.98 18.50 22.82
C ALA C 343 -18.58 18.74 23.27
N ASN C 344 -18.04 19.94 22.99
CA ASN C 344 -16.81 20.40 23.65
C ASN C 344 -17.03 21.29 24.87
N MLY C 345 -18.00 20.88 25.68
CA MLY C 345 -18.22 21.38 27.02
CB MLY C 345 -19.29 22.50 26.96
CG MLY C 345 -18.91 23.79 27.69
CD MLY C 345 -19.64 23.99 29.01
CE MLY C 345 -19.64 25.44 29.46
NZ MLY C 345 -18.29 25.89 29.85
CH1 MLY C 345 -17.67 26.70 28.76
CH2 MLY C 345 -18.40 26.69 31.06
C MLY C 345 -18.73 20.25 27.88
O MLY C 345 -19.48 19.42 27.42
N ASN C 346 -18.31 20.21 29.14
CA ASN C 346 -18.91 19.34 30.16
C ASN C 346 -20.15 20.02 30.76
N TYR C 347 -21.25 19.93 30.04
CA TYR C 347 -22.53 20.49 30.49
C TYR C 347 -23.33 19.39 31.22
N PRO C 348 -24.22 19.76 32.16
CA PRO C 348 -24.86 18.76 33.02
C PRO C 348 -25.56 17.59 32.31
N ASN C 349 -25.43 16.42 32.92
CA ASN C 349 -26.02 15.19 32.39
C ASN C 349 -27.51 15.32 32.10
N GLU C 350 -28.21 16.07 32.95
CA GLU C 350 -29.65 16.22 32.84
C GLU C 350 -30.05 16.85 31.49
N GLU C 351 -29.32 17.86 31.04
CA GLU C 351 -29.60 18.52 29.75
C GLU C 351 -29.37 17.56 28.58
N ARG C 352 -28.31 16.74 28.70
CA ARG C 352 -27.93 15.77 27.68
C ARG C 352 -29.02 14.75 27.50
N VAL C 353 -29.51 14.24 28.63
CA VAL C 353 -30.61 13.26 28.62
C VAL C 353 -31.88 13.89 28.05
N LYS C 354 -32.16 15.13 28.46
CA LYS C 354 -33.41 15.81 28.04
C LYS C 354 -33.45 16.01 26.54
N LEU C 355 -32.30 16.39 25.99
CA LEU C 355 -32.12 16.63 24.57
C LEU C 355 -32.24 15.34 23.74
N ALA C 356 -31.57 14.28 24.19
CA ALA C 356 -31.70 12.96 23.58
C ALA C 356 -33.13 12.43 23.63
N TYR C 357 -33.82 12.67 24.73
CA TYR C 357 -35.20 12.23 24.91
C TYR C 357 -36.13 12.98 23.97
N ARG C 358 -35.99 14.29 23.94
CA ARG C 358 -36.81 15.11 23.02
C ARG C 358 -36.65 14.75 21.57
N ILE C 359 -35.39 14.57 21.16
CA ILE C 359 -35.10 14.16 19.80
C ILE C 359 -35.73 12.81 19.49
N LEU C 360 -35.46 11.80 20.32
CA LEU C 360 -35.99 10.44 20.10
C LEU C 360 -37.51 10.33 20.24
N GLN C 361 -38.10 11.22 21.02
CA GLN C 361 -39.55 11.31 21.16
C GLN C 361 -40.21 11.75 19.83
N HIS C 362 -39.46 12.45 18.97
CA HIS C 362 -39.91 12.86 17.64
C HIS C 362 -39.31 12.08 16.46
N ALA C 363 -38.70 10.92 16.74
CA ALA C 363 -37.96 10.19 15.71
C ALA C 363 -38.82 9.24 14.88
N GLU C 364 -40.06 8.94 15.31
CA GLU C 364 -40.86 7.86 14.71
C GLU C 364 -42.38 8.10 14.80
N PRO C 365 -43.17 7.41 13.93
CA PRO C 365 -44.61 7.66 13.92
C PRO C 365 -45.34 6.96 15.06
N ASN D 8 -5.41 7.80 -29.77
CA ASN D 8 -6.41 8.53 -28.93
C ASN D 8 -7.84 8.10 -29.35
N SER D 9 -8.73 9.04 -29.72
CA SER D 9 -10.13 8.72 -29.98
C SER D 9 -10.31 7.96 -31.28
N ALA D 10 -9.74 8.50 -32.36
CA ALA D 10 -9.75 7.85 -33.67
C ALA D 10 -9.09 6.48 -33.63
N ALA D 11 -7.97 6.38 -32.92
CA ALA D 11 -7.25 5.11 -32.76
C ALA D 11 -8.08 4.08 -31.98
N LEU D 12 -8.76 4.54 -30.93
CA LEU D 12 -9.67 3.67 -30.17
C LEU D 12 -10.91 3.29 -31.00
N ASP D 13 -11.46 4.24 -31.77
CA ASP D 13 -12.60 3.97 -32.66
C ASP D 13 -12.34 2.75 -33.55
N THR D 14 -11.18 2.74 -34.21
CA THR D 14 -10.83 1.65 -35.12
C THR D 14 -10.63 0.33 -34.38
N LEU D 15 -9.96 0.37 -33.22
CA LEU D 15 -9.79 -0.83 -32.39
C LEU D 15 -11.14 -1.43 -31.96
N VAL D 16 -12.04 -0.61 -31.45
CA VAL D 16 -13.34 -1.11 -30.98
C VAL D 16 -14.10 -1.71 -32.16
N GLN D 17 -14.08 -1.01 -33.30
CA GLN D 17 -14.70 -1.46 -34.52
C GLN D 17 -14.21 -2.86 -34.92
N THR D 18 -12.89 -3.02 -34.95
CA THR D 18 -12.27 -4.31 -35.30
C THR D 18 -12.79 -5.42 -34.39
N GLU D 19 -12.66 -5.22 -33.08
CA GLU D 19 -13.08 -6.22 -32.08
C GLU D 19 -14.59 -6.48 -32.13
N ALA D 20 -15.37 -5.42 -32.33
CA ALA D 20 -16.84 -5.54 -32.40
C ALA D 20 -17.26 -6.36 -33.62
N ARG D 21 -16.81 -5.93 -34.79
CA ARG D 21 -17.13 -6.62 -36.06
C ARG D 21 -16.61 -8.06 -36.08
N MLY D 22 -15.51 -8.33 -35.38
CA MLY D 22 -15.02 -9.70 -35.19
CB MLY D 22 -13.69 -9.62 -34.42
CG MLY D 22 -13.01 -10.96 -34.21
CD MLY D 22 -11.55 -10.74 -33.82
CE MLY D 22 -10.74 -12.01 -33.96
NZ MLY D 22 -10.78 -12.45 -35.36
CH1 MLY D 22 -9.45 -12.39 -36.00
CH2 MLY D 22 -11.33 -13.81 -35.48
C MLY D 22 -15.98 -10.57 -34.43
O MLY D 22 -16.26 -11.68 -34.85
N VAL D 23 -16.49 -10.07 -33.30
CA VAL D 23 -17.42 -10.81 -32.44
C VAL D 23 -18.83 -10.92 -33.09
N MSE D 24 -19.25 -9.88 -33.81
CA MSE D 24 -20.56 -9.92 -34.49
C MSE D 24 -20.55 -10.97 -35.57
O MSE D 24 -21.55 -11.67 -35.77
CB MSE D 24 -20.91 -8.57 -35.09
CG MSE D 24 -21.15 -7.56 -34.00
SE MSE D 24 -21.35 -5.84 -34.93
CE MSE D 24 -23.30 -5.86 -35.18
N GLN D 25 -19.42 -11.08 -36.27
CA GLN D 25 -19.23 -12.11 -37.29
C GLN D 25 -19.12 -13.55 -36.73
N GLU D 26 -18.54 -13.69 -35.54
N GLU D 26 -18.54 -13.68 -35.54
CA GLU D 26 -18.41 -15.02 -34.90
CA GLU D 26 -18.38 -14.97 -34.86
C GLU D 26 -19.77 -15.56 -34.43
C GLU D 26 -19.72 -15.55 -34.39
N ASN D 27 -20.55 -14.71 -33.76
CA ASN D 27 -21.80 -15.14 -33.10
C ASN D 27 -23.11 -14.71 -33.79
N ASN D 28 -23.02 -14.17 -35.01
CA ASN D 28 -24.17 -13.81 -35.85
C ASN D 28 -25.08 -12.78 -35.16
N ILE D 29 -24.45 -11.70 -34.68
CA ILE D 29 -25.14 -10.61 -33.99
C ILE D 29 -25.58 -9.62 -35.06
N THR D 30 -26.85 -9.24 -35.02
CA THR D 30 -27.46 -8.33 -36.00
C THR D 30 -27.22 -6.87 -35.63
N GLY D 31 -27.36 -6.53 -34.35
CA GLY D 31 -27.16 -5.17 -33.86
C GLY D 31 -26.44 -5.14 -32.52
N LEU D 32 -25.60 -4.13 -32.33
CA LEU D 32 -24.70 -4.04 -31.18
C LEU D 32 -24.44 -2.59 -30.80
N SER D 33 -24.72 -2.25 -29.55
CA SER D 33 -24.40 -0.93 -29.01
C SER D 33 -23.41 -1.08 -27.85
N ILE D 34 -22.38 -0.24 -27.85
CA ILE D 34 -21.30 -0.26 -26.83
C ILE D 34 -21.17 1.16 -26.27
N ALA D 35 -21.22 1.29 -24.95
CA ALA D 35 -20.87 2.53 -24.25
C ALA D 35 -19.60 2.29 -23.43
N ILE D 36 -18.67 3.24 -23.46
CA ILE D 36 -17.49 3.22 -22.57
C ILE D 36 -17.42 4.51 -21.78
N THR D 37 -17.07 4.42 -20.50
CA THR D 37 -16.86 5.61 -19.68
C THR D 37 -15.45 5.53 -19.10
N ARG D 38 -14.73 6.65 -19.15
CA ARG D 38 -13.33 6.73 -18.74
C ARG D 38 -13.14 8.12 -18.11
N HIS D 39 -13.00 8.15 -16.78
CA HIS D 39 -12.93 9.40 -16.00
C HIS D 39 -14.08 10.37 -16.33
N GLY D 40 -15.29 9.82 -16.47
CA GLY D 40 -16.47 10.59 -16.79
C GLY D 40 -16.75 10.83 -18.27
N MLY D 41 -15.73 10.70 -19.13
CA MLY D 41 -15.88 10.95 -20.57
CB MLY D 41 -14.52 11.09 -21.27
CG MLY D 41 -14.63 11.39 -22.77
CD MLY D 41 -13.29 11.81 -23.36
CE MLY D 41 -13.26 11.59 -24.87
NZ MLY D 41 -12.01 12.00 -25.55
CH1 MLY D 41 -11.91 13.46 -25.68
CH2 MLY D 41 -10.78 11.45 -24.93
C MLY D 41 -16.56 9.76 -21.16
O MLY D 41 -16.11 8.63 -20.95
N GLN D 42 -17.62 10.00 -21.93
CA GLN D 42 -18.39 8.93 -22.55
C GLN D 42 -18.09 8.84 -24.04
N GLN D 43 -17.98 7.61 -24.52
CA GLN D 43 -17.83 7.31 -25.94
C GLN D 43 -18.85 6.24 -26.31
N PHE D 44 -19.40 6.33 -27.51
CA PHE D 44 -20.42 5.39 -27.99
C PHE D 44 -20.05 4.79 -29.33
N TYR D 45 -20.35 3.50 -29.48
CA TYR D 45 -20.03 2.72 -30.67
C TYR D 45 -21.23 1.85 -30.99
N ASN D 46 -21.84 2.10 -32.14
CA ASN D 46 -23.02 1.37 -32.57
C ASN D 46 -22.79 0.75 -33.94
N TYR D 47 -23.25 -0.49 -34.09
CA TYR D 47 -23.07 -1.28 -35.32
C TYR D 47 -24.34 -2.06 -35.63
N GLY D 48 -24.64 -2.18 -36.92
CA GLY D 48 -25.75 -3.02 -37.39
C GLY D 48 -27.10 -2.39 -37.16
N VAL D 49 -28.13 -3.23 -37.28
CA VAL D 49 -29.52 -2.79 -37.20
C VAL D 49 -30.24 -3.35 -35.97
N ALA D 50 -31.17 -2.56 -35.44
CA ALA D 50 -31.98 -2.96 -34.28
C ALA D 50 -33.07 -3.96 -34.69
N SER D 51 -33.45 -3.92 -35.97
CA SER D 51 -34.37 -4.89 -36.56
C SER D 51 -34.03 -5.10 -38.03
N MLY D 52 -34.10 -6.35 -38.48
CA MLY D 52 -33.92 -6.70 -39.90
CB MLY D 52 -33.70 -8.19 -40.17
CG MLY D 52 -32.24 -8.61 -39.98
CD MLY D 52 -31.92 -9.91 -40.72
CE MLY D 52 -31.96 -11.11 -39.80
NZ MLY D 52 -32.15 -12.34 -40.59
CH1 MLY D 52 -30.87 -12.82 -41.14
CH2 MLY D 52 -32.75 -13.38 -39.75
C MLY D 52 -35.11 -6.25 -40.69
O MLY D 52 -34.95 -5.75 -41.82
N ALA D 53 -36.32 -6.41 -40.12
CA ALA D 53 -37.55 -5.97 -40.81
C ALA D 53 -37.49 -4.51 -41.24
N THR D 54 -37.27 -3.61 -40.28
CA THR D 54 -37.22 -2.17 -40.54
C THR D 54 -35.87 -1.70 -41.10
N GLY D 55 -34.79 -2.39 -40.72
CA GLY D 55 -33.43 -1.98 -41.08
C GLY D 55 -32.99 -0.69 -40.40
N GLN D 56 -33.66 -0.30 -39.32
CA GLN D 56 -33.32 0.94 -38.61
C GLN D 56 -31.97 0.72 -37.88
N PRO D 57 -31.02 1.66 -38.04
CA PRO D 57 -29.69 1.46 -37.42
C PRO D 57 -29.70 1.48 -35.90
N VAL D 58 -28.78 0.73 -35.30
CA VAL D 58 -28.62 0.74 -33.87
C VAL D 58 -28.04 2.13 -33.50
N SER D 59 -28.67 2.75 -32.50
CA SER D 59 -28.15 3.98 -31.89
C SER D 59 -27.89 3.78 -30.39
N SER D 60 -27.26 4.77 -29.79
CA SER D 60 -27.13 4.83 -28.33
C SER D 60 -28.48 5.03 -27.60
N ASP D 61 -29.58 5.22 -28.34
CA ASP D 61 -30.94 5.33 -27.77
C ASP D 61 -31.85 4.13 -28.06
N THR D 62 -31.40 3.23 -28.91
CA THR D 62 -32.04 1.93 -29.12
C THR D 62 -32.23 1.22 -27.78
N LEU D 63 -33.44 0.71 -27.53
CA LEU D 63 -33.75 -0.03 -26.29
C LEU D 63 -33.48 -1.52 -26.49
N PHE D 64 -32.67 -2.09 -25.58
CA PHE D 64 -32.41 -3.52 -25.49
C PHE D 64 -32.96 -4.08 -24.18
N GLU D 65 -33.52 -5.30 -24.24
CA GLU D 65 -33.85 -6.08 -23.05
C GLU D 65 -32.55 -6.39 -22.30
N LEU D 66 -32.51 -6.00 -21.03
CA LEU D 66 -31.34 -6.22 -20.17
C LEU D 66 -31.31 -7.58 -19.50
N GLY D 67 -32.39 -8.34 -19.57
CA GLY D 67 -32.45 -9.66 -18.93
C GLY D 67 -32.02 -9.61 -17.48
N SER D 68 -31.14 -10.53 -17.05
CA SER D 68 -30.60 -10.55 -15.66
C SER D 68 -29.89 -9.27 -15.15
N ILE D 69 -29.44 -8.38 -16.03
CA ILE D 69 -28.90 -7.11 -15.57
C ILE D 69 -29.95 -6.32 -14.76
N SER D 70 -31.24 -6.52 -15.11
CA SER D 70 -32.41 -6.03 -14.34
C SER D 70 -32.32 -6.25 -12.82
N LYS D 71 -31.67 -7.33 -12.42
CA LYS D 71 -31.46 -7.67 -11.02
C LYS D 71 -30.67 -6.62 -10.28
N THR D 72 -29.75 -5.91 -10.96
CA THR D 72 -28.97 -4.87 -10.27
C THR D 72 -29.85 -3.69 -9.87
N PHE D 73 -30.90 -3.43 -10.65
CA PHE D 73 -31.87 -2.38 -10.35
C PHE D 73 -32.77 -2.79 -9.19
N THR D 74 -33.24 -4.03 -9.20
CA THR D 74 -34.02 -4.53 -8.08
C THR D 74 -33.24 -4.40 -6.77
N ALA D 75 -31.96 -4.79 -6.80
CA ALA D 75 -31.09 -4.70 -5.63
C ALA D 75 -30.89 -3.25 -5.19
N THR D 76 -30.70 -2.35 -6.14
CA THR D 76 -30.64 -0.93 -5.81
C THR D 76 -31.96 -0.45 -5.19
N LEU D 77 -33.09 -0.94 -5.69
CA LEU D 77 -34.41 -0.58 -5.10
C LEU D 77 -34.45 -0.99 -3.63
N ALA D 78 -34.06 -2.24 -3.35
CA ALA D 78 -34.03 -2.74 -1.96
C ALA D 78 -33.06 -1.96 -1.05
N THR D 79 -31.85 -1.65 -1.56
CA THR D 79 -30.89 -0.88 -0.75
C THR D 79 -31.26 0.60 -0.63
N TRP D 80 -32.07 1.11 -1.57
CA TRP D 80 -32.61 2.46 -1.47
C TRP D 80 -33.69 2.50 -0.37
N ALA D 81 -34.51 1.45 -0.30
CA ALA D 81 -35.46 1.29 0.83
C ALA D 81 -34.72 1.26 2.18
N GLN D 82 -33.62 0.50 2.23
CA GLN D 82 -32.75 0.44 3.43
C GLN D 82 -32.14 1.79 3.81
N ALA D 83 -31.67 2.54 2.80
CA ALA D 83 -31.13 3.89 2.99
C ALA D 83 -32.15 4.88 3.57
N ASN D 84 -33.43 4.67 3.27
CA ASN D 84 -34.54 5.47 3.81
C ASN D 84 -35.20 4.88 5.06
N GLY D 85 -34.53 3.94 5.74
CA GLY D 85 -35.04 3.34 6.97
C GLY D 85 -36.26 2.45 6.80
N ARG D 86 -36.54 2.00 5.56
CA ARG D 86 -37.76 1.23 5.26
C ARG D 86 -37.54 -0.28 5.23
N LEU D 87 -36.29 -0.73 5.15
CA LEU D 87 -35.98 -2.14 4.89
C LEU D 87 -34.60 -2.53 5.41
N SER D 88 -34.52 -3.01 6.65
CA SER D 88 -33.26 -3.55 7.20
C SER D 88 -33.05 -4.96 6.63
N LEU D 89 -32.10 -5.11 5.71
CA LEU D 89 -31.85 -6.37 5.01
C LEU D 89 -31.42 -7.53 5.94
N THR D 90 -30.83 -7.22 7.09
CA THR D 90 -30.44 -8.23 8.08
C THR D 90 -31.63 -8.85 8.85
N GLN D 91 -32.78 -8.17 8.88
CA GLN D 91 -33.99 -8.72 9.49
C GLN D 91 -34.57 -9.83 8.60
N SER D 92 -35.31 -10.74 9.22
CA SER D 92 -35.85 -11.90 8.49
C SER D 92 -36.95 -11.49 7.52
N ILE D 93 -37.15 -12.30 6.47
CA ILE D 93 -38.15 -12.04 5.42
C ILE D 93 -39.56 -11.80 5.99
N ASP D 94 -39.92 -12.56 7.02
CA ASP D 94 -41.21 -12.40 7.72
C ASP D 94 -41.43 -11.03 8.38
N THR D 95 -40.34 -10.33 8.70
CA THR D 95 -40.43 -8.93 9.17
C THR D 95 -41.07 -7.98 8.15
N TYR D 96 -40.95 -8.29 6.85
CA TYR D 96 -41.52 -7.47 5.78
C TYR D 96 -42.52 -8.18 4.86
N MSE D 97 -42.65 -9.50 4.98
CA MSE D 97 -43.64 -10.26 4.22
C MSE D 97 -44.50 -10.93 5.26
O MSE D 97 -44.12 -11.99 5.77
CB MSE D 97 -43.01 -11.32 3.29
CG MSE D 97 -42.75 -10.81 1.88
SE MSE D 97 -44.40 -10.29 0.93
CE MSE D 97 -45.18 -12.09 0.71
N PRO D 98 -45.63 -10.30 5.61
CA PRO D 98 -46.58 -10.97 6.51
C PRO D 98 -47.11 -12.32 6.01
N PRO D 99 -47.40 -12.47 4.69
CA PRO D 99 -47.81 -13.79 4.19
C PRO D 99 -46.82 -14.96 4.38
N LEU D 100 -45.55 -14.67 4.69
CA LEU D 100 -44.53 -15.68 4.94
C LEU D 100 -44.07 -15.75 6.41
N ARG D 101 -44.98 -15.52 7.35
CA ARG D 101 -44.68 -15.72 8.78
C ARG D 101 -44.86 -17.18 9.16
N ASP D 102 -44.07 -17.63 10.15
CA ASP D 102 -44.07 -19.02 10.63
C ASP D 102 -43.72 -20.05 9.54
N THR D 103 -42.84 -19.66 8.61
CA THR D 103 -42.38 -20.53 7.53
C THR D 103 -40.86 -20.69 7.61
N ARG D 104 -40.33 -21.63 6.84
CA ARG D 104 -38.88 -21.85 6.77
C ARG D 104 -38.20 -20.67 6.08
N LEU D 105 -38.78 -20.20 4.97
CA LEU D 105 -38.30 -19.01 4.26
C LEU D 105 -38.44 -17.74 5.09
N GLY D 106 -39.50 -17.68 5.89
CA GLY D 106 -39.79 -16.54 6.77
C GLY D 106 -38.67 -16.10 7.69
N LYS D 107 -38.02 -17.06 8.35
CA LYS D 107 -36.98 -16.74 9.37
C LYS D 107 -35.55 -16.49 8.82
N ILE D 108 -35.36 -16.59 7.50
CA ILE D 108 -34.06 -16.35 6.86
C ILE D 108 -33.91 -14.84 6.62
N PRO D 109 -32.71 -14.26 6.90
CA PRO D 109 -32.50 -12.83 6.59
C PRO D 109 -32.75 -12.45 5.12
N VAL D 110 -33.22 -11.21 4.89
CA VAL D 110 -33.64 -10.75 3.56
C VAL D 110 -32.48 -10.67 2.56
N PHE D 111 -31.28 -10.33 3.03
CA PHE D 111 -30.13 -10.10 2.14
C PHE D 111 -29.79 -11.31 1.27
N HIS D 112 -30.00 -12.50 1.82
CA HIS D 112 -29.79 -13.76 1.08
C HIS D 112 -30.53 -13.87 -0.27
N LEU D 113 -31.59 -13.08 -0.45
CA LEU D 113 -32.36 -13.10 -1.69
C LEU D 113 -31.69 -12.32 -2.82
N GLY D 114 -30.84 -11.37 -2.47
CA GLY D 114 -29.97 -10.68 -3.42
C GLY D 114 -28.62 -11.34 -3.66
N THR D 115 -28.23 -12.27 -2.79
CA THR D 115 -26.97 -12.97 -2.97
C THR D 115 -27.10 -14.44 -3.42
N HIS D 116 -28.32 -14.91 -3.63
CA HIS D 116 -28.61 -16.31 -4.09
C HIS D 116 -28.24 -17.44 -3.08
N THR D 117 -28.18 -17.14 -1.78
CA THR D 117 -27.72 -18.09 -0.76
C THR D 117 -28.78 -18.44 0.30
N ALA D 118 -30.06 -18.25 -0.04
CA ALA D 118 -31.19 -18.52 0.88
C ALA D 118 -31.23 -19.97 1.34
N GLY D 119 -31.22 -20.86 0.37
CA GLY D 119 -31.31 -22.31 0.66
C GLY D 119 -31.44 -23.26 -0.52
N GLY D 120 -31.62 -22.72 -1.73
CA GLY D 120 -31.78 -23.53 -2.93
C GLY D 120 -33.13 -23.23 -3.55
N PHE D 121 -33.09 -22.60 -4.72
CA PHE D 121 -34.26 -22.46 -5.56
C PHE D 121 -33.93 -23.00 -6.96
N PRO D 122 -34.96 -23.38 -7.74
CA PRO D 122 -34.78 -23.60 -9.18
C PRO D 122 -34.51 -22.28 -9.86
N ILE D 123 -33.79 -22.28 -10.99
CA ILE D 123 -33.44 -21.02 -11.65
C ILE D 123 -34.68 -20.22 -12.06
N GLN D 124 -35.71 -20.89 -12.58
CA GLN D 124 -36.96 -20.24 -12.96
C GLN D 124 -38.03 -20.44 -11.90
N VAL D 125 -39.03 -19.56 -11.94
CA VAL D 125 -40.25 -19.72 -11.16
C VAL D 125 -41.02 -20.90 -11.77
N PRO D 126 -41.31 -21.97 -10.98
CA PRO D 126 -41.99 -23.16 -11.51
C PRO D 126 -43.26 -22.86 -12.32
N GLU D 127 -43.49 -23.68 -13.35
CA GLU D 127 -44.54 -23.41 -14.34
C GLU D 127 -45.97 -23.57 -13.80
N LYS D 128 -46.14 -24.36 -12.73
CA LYS D 128 -47.47 -24.49 -12.08
C LYS D 128 -47.94 -23.21 -11.37
N VAL D 129 -46.99 -22.33 -11.03
CA VAL D 129 -47.27 -21.05 -10.37
C VAL D 129 -47.61 -20.03 -11.45
N GLN D 130 -48.89 -19.64 -11.54
CA GLN D 130 -49.39 -18.74 -12.58
C GLN D 130 -50.07 -17.43 -12.10
N ASN D 131 -50.17 -17.22 -10.79
CA ASN D 131 -50.62 -15.94 -10.22
C ASN D 131 -49.95 -15.64 -8.87
N THR D 132 -50.17 -14.43 -8.35
CA THR D 132 -49.59 -14.00 -7.07
C THR D 132 -49.98 -14.91 -5.89
N ARG D 133 -51.23 -15.36 -5.89
CA ARG D 133 -51.74 -16.30 -4.86
C ARG D 133 -50.91 -17.59 -4.83
N GLN D 134 -50.70 -18.20 -6.00
CA GLN D 134 -49.97 -19.46 -6.13
C GLN D 134 -48.47 -19.32 -5.83
N LEU D 135 -47.92 -18.11 -5.96
CA LEU D 135 -46.52 -17.83 -5.62
C LEU D 135 -46.25 -17.84 -4.11
N MSE D 136 -47.19 -17.33 -3.31
CA MSE D 136 -47.04 -17.38 -1.85
C MSE D 136 -47.19 -18.80 -1.35
O MSE D 136 -46.49 -19.18 -0.42
CB MSE D 136 -48.03 -16.45 -1.14
CG MSE D 136 -47.90 -14.98 -1.55
SE MSE D 136 -46.04 -14.39 -1.77
CE MSE D 136 -46.36 -12.71 -2.74
N ASP D 137 -48.06 -19.59 -1.98
CA ASP D 137 -48.20 -21.02 -1.67
C ASP D 137 -46.88 -21.75 -1.93
N TYR D 138 -46.20 -21.37 -3.01
CA TYR D 138 -44.85 -21.87 -3.31
C TYR D 138 -43.85 -21.48 -2.20
N PHE D 139 -43.81 -20.20 -1.86
CA PHE D 139 -42.90 -19.71 -0.81
C PHE D 139 -43.24 -20.20 0.60
N MLY D 140 -44.52 -20.52 0.85
CA MLY D 140 -44.96 -21.05 2.16
CB MLY D 140 -46.48 -20.96 2.35
CG MLY D 140 -46.96 -19.58 2.83
CD MLY D 140 -48.40 -19.60 3.34
CE MLY D 140 -49.46 -19.45 2.24
NZ MLY D 140 -50.78 -19.21 2.87
CH1 MLY D 140 -51.71 -18.55 1.93
CH2 MLY D 140 -51.41 -20.48 3.32
C MLY D 140 -44.50 -22.49 2.30
O MLY D 140 -43.97 -22.88 3.35
N ALA D 141 -44.70 -23.27 1.25
CA ALA D 141 -44.31 -24.69 1.20
C ALA D 141 -42.80 -24.93 1.00
N TRP D 142 -42.04 -23.90 0.62
CA TRP D 142 -40.61 -24.05 0.34
C TRP D 142 -39.82 -24.67 1.49
N GLN D 143 -39.00 -25.67 1.17
CA GLN D 143 -38.09 -26.29 2.13
C GLN D 143 -36.66 -26.10 1.65
N PRO D 144 -35.73 -25.71 2.55
CA PRO D 144 -34.34 -25.51 2.16
C PRO D 144 -33.64 -26.81 1.84
N GLU D 145 -32.61 -26.74 1.00
CA GLU D 145 -31.72 -27.87 0.76
C GLU D 145 -30.39 -27.74 1.50
N TYR D 146 -29.98 -26.50 1.73
CA TYR D 146 -28.80 -26.18 2.52
C TYR D 146 -29.06 -25.01 3.46
N LEU D 147 -28.20 -24.88 4.46
CA LEU D 147 -28.28 -23.81 5.45
C LEU D 147 -27.92 -22.49 4.75
N PRO D 148 -28.52 -21.35 5.18
CA PRO D 148 -28.26 -20.06 4.53
C PRO D 148 -26.78 -19.70 4.52
N GLY D 149 -26.33 -19.17 3.38
CA GLY D 149 -24.94 -18.74 3.21
C GLY D 149 -23.92 -19.84 2.97
N THR D 150 -24.33 -21.10 3.03
CA THR D 150 -23.41 -22.23 2.89
C THR D 150 -23.21 -22.60 1.43
N HIS D 151 -24.22 -22.33 0.59
CA HIS D 151 -24.10 -22.56 -0.84
C HIS D 151 -24.74 -21.41 -1.61
N ARG D 152 -24.49 -21.39 -2.92
CA ARG D 152 -24.97 -20.33 -3.81
C ARG D 152 -25.62 -20.96 -5.06
N THR D 153 -26.90 -20.64 -5.25
CA THR D 153 -27.72 -21.15 -6.34
C THR D 153 -28.43 -19.97 -6.98
N TYR D 154 -27.91 -19.52 -8.10
CA TYR D 154 -28.48 -18.38 -8.85
C TYR D 154 -29.94 -18.70 -9.18
N ALA D 155 -30.88 -17.83 -8.82
CA ALA D 155 -32.30 -18.10 -9.11
C ALA D 155 -33.18 -16.85 -9.29
N ASN D 156 -34.18 -16.93 -10.17
CA ASN D 156 -35.20 -15.85 -10.27
C ASN D 156 -36.25 -15.70 -9.14
N PRO D 157 -36.83 -16.81 -8.64
CA PRO D 157 -37.80 -16.68 -7.54
C PRO D 157 -37.30 -15.87 -6.34
N SER D 158 -36.03 -16.08 -5.98
CA SER D 158 -35.48 -15.50 -4.76
C SER D 158 -35.21 -14.00 -4.93
N ILE D 159 -34.47 -13.63 -5.97
CA ILE D 159 -34.25 -12.21 -6.28
C ILE D 159 -35.56 -11.49 -6.66
N GLY D 160 -36.48 -12.20 -7.30
CA GLY D 160 -37.83 -11.66 -7.54
C GLY D 160 -38.53 -11.25 -6.24
N LEU D 161 -38.36 -12.07 -5.20
CA LEU D 161 -38.92 -11.77 -3.88
C LEU D 161 -38.31 -10.52 -3.22
N LEU D 162 -37.04 -10.21 -3.50
CA LEU D 162 -36.38 -8.99 -3.01
C LEU D 162 -37.09 -7.73 -3.54
N GLY D 163 -37.43 -7.73 -4.83
CA GLY D 163 -38.19 -6.62 -5.43
C GLY D 163 -39.59 -6.45 -4.85
N VAL D 164 -40.26 -7.57 -4.54
CA VAL D 164 -41.59 -7.56 -3.92
C VAL D 164 -41.52 -7.00 -2.49
N ILE D 165 -40.50 -7.39 -1.72
CA ILE D 165 -40.25 -6.83 -0.38
C ILE D 165 -39.91 -5.33 -0.43
N ALA D 166 -39.07 -4.92 -1.39
CA ALA D 166 -38.64 -3.52 -1.51
C ALA D 166 -39.77 -2.56 -1.90
N ALA D 167 -40.62 -3.00 -2.84
CA ALA D 167 -41.78 -2.20 -3.27
C ALA D 167 -42.87 -2.13 -2.20
N ARG D 168 -43.11 -3.25 -1.52
CA ARG D 168 -44.07 -3.32 -0.40
C ARG D 168 -43.67 -2.43 0.80
N SER D 169 -42.37 -2.25 1.02
N SER D 169 -42.37 -2.30 1.03
CA SER D 169 -41.88 -1.36 2.08
CA SER D 169 -41.83 -1.37 2.06
C SER D 169 -42.09 0.10 1.72
C SER D 169 -42.09 0.09 1.71
N MSE D 170 -42.11 0.40 0.42
CA MSE D 170 -42.42 1.76 -0.07
C MSE D 170 -43.91 2.02 -0.24
O MSE D 170 -44.29 3.15 -0.54
CB MSE D 170 -41.69 1.95 -1.39
CG MSE D 170 -40.17 1.96 -1.17
SE MSE D 170 -39.16 1.67 -2.85
CE MSE D 170 -39.28 3.49 -3.58
N ASN D 171 -44.75 0.99 -0.06
CA ASN D 171 -46.21 1.07 -0.17
C ASN D 171 -46.69 1.49 -1.56
N MSE D 172 -46.26 0.72 -2.56
CA MSE D 172 -46.65 0.95 -3.96
C MSE D 172 -46.29 -0.27 -4.78
O MSE D 172 -45.45 -1.07 -4.36
CB MSE D 172 -45.93 2.17 -4.53
CG MSE D 172 -44.41 2.16 -4.32
SE MSE D 172 -43.65 3.87 -4.95
CE MSE D 172 -44.06 4.94 -3.34
N PRO D 173 -46.91 -0.43 -5.97
CA PRO D 173 -46.51 -1.54 -6.85
C PRO D 173 -45.05 -1.43 -7.32
N PHE D 174 -44.44 -2.58 -7.63
CA PHE D 174 -43.06 -2.64 -8.09
C PHE D 174 -42.80 -1.78 -9.34
N GLN D 175 -43.74 -1.79 -10.28
N GLN D 175 -43.74 -1.81 -10.29
CA GLN D 175 -43.61 -0.99 -11.51
CA GLN D 175 -43.68 -1.00 -11.52
C GLN D 175 -43.48 0.50 -11.20
C GLN D 175 -43.49 0.48 -11.20
N GLU D 176 -44.34 1.00 -10.30
CA GLU D 176 -44.27 2.41 -9.87
C GLU D 176 -43.00 2.72 -9.05
N ALA D 177 -42.58 1.78 -8.22
CA ALA D 177 -41.32 1.91 -7.47
C ALA D 177 -40.11 2.08 -8.41
N MSE D 178 -40.12 1.36 -9.53
CA MSE D 178 -39.02 1.45 -10.51
C MSE D 178 -39.20 2.62 -11.41
O MSE D 178 -38.36 3.52 -11.45
CB MSE D 178 -38.90 0.17 -11.34
CG MSE D 178 -38.64 -1.03 -10.44
SE MSE D 178 -36.73 -1.21 -9.98
CE MSE D 178 -36.19 -2.56 -11.30
N GLN D 179 -40.32 2.64 -12.14
CA GLN D 179 -40.54 3.59 -13.24
C GLN D 179 -40.74 5.03 -12.79
N GLN D 180 -41.39 5.24 -11.65
CA GLN D 180 -41.73 6.58 -11.15
C GLN D 180 -40.82 7.09 -10.05
N ARG D 181 -40.06 6.20 -9.41
CA ARG D 181 -39.22 6.58 -8.27
C ARG D 181 -37.72 6.36 -8.51
N LEU D 182 -37.29 5.12 -8.76
CA LEU D 182 -35.84 4.83 -8.88
C LEU D 182 -35.22 5.37 -10.17
N PHE D 183 -35.86 5.09 -11.31
CA PHE D 183 -35.34 5.51 -12.63
C PHE D 183 -35.29 7.05 -12.76
N PRO D 184 -36.38 7.76 -12.39
CA PRO D 184 -36.27 9.23 -12.30
C PRO D 184 -35.22 9.73 -11.31
N ALA D 185 -35.17 9.16 -10.11
CA ALA D 185 -34.18 9.56 -9.09
C ALA D 185 -32.73 9.40 -9.54
N LEU D 186 -32.47 8.39 -10.39
CA LEU D 186 -31.14 8.15 -10.97
C LEU D 186 -30.86 8.93 -12.27
N GLY D 187 -31.84 9.63 -12.81
CA GLY D 187 -31.67 10.34 -14.07
C GLY D 187 -31.69 9.43 -15.29
N LEU D 188 -32.31 8.25 -15.15
CA LEU D 188 -32.49 7.31 -16.26
C LEU D 188 -33.89 7.49 -16.84
N ASN D 189 -33.99 8.32 -17.88
CA ASN D 189 -35.28 8.69 -18.48
C ASN D 189 -35.54 8.03 -19.85
N SER D 190 -34.90 6.88 -20.08
CA SER D 190 -35.31 5.96 -21.14
C SER D 190 -35.10 4.48 -20.74
N THR D 191 -35.24 4.19 -19.45
CA THR D 191 -35.16 2.84 -18.91
C THR D 191 -36.55 2.47 -18.43
N TYR D 192 -37.04 1.30 -18.84
CA TYR D 192 -38.46 0.93 -18.65
C TYR D 192 -38.64 -0.52 -18.17
N VAL D 193 -39.53 -0.69 -17.20
CA VAL D 193 -40.14 -1.99 -16.89
C VAL D 193 -41.17 -2.33 -17.97
N ASN D 194 -41.99 -1.35 -18.36
CA ASN D 194 -42.92 -1.49 -19.48
C ASN D 194 -42.74 -0.33 -20.46
N VAL D 195 -42.43 -0.66 -21.72
CA VAL D 195 -42.11 0.34 -22.74
C VAL D 195 -43.40 1.05 -23.19
N PRO D 196 -43.42 2.39 -23.14
CA PRO D 196 -44.61 3.11 -23.64
C PRO D 196 -44.79 3.00 -25.14
N ASP D 197 -45.94 3.44 -25.63
CA ASP D 197 -46.28 3.35 -27.06
C ASP D 197 -45.45 4.32 -27.92
N ASP D 198 -45.12 5.49 -27.39
CA ASP D 198 -44.28 6.46 -28.10
C ASP D 198 -42.78 6.10 -28.13
N LYS D 199 -42.33 5.21 -27.23
CA LYS D 199 -40.96 4.69 -27.22
C LYS D 199 -40.83 3.28 -27.80
N GLN D 200 -41.93 2.74 -28.34
CA GLN D 200 -41.94 1.42 -28.98
C GLN D 200 -41.06 1.41 -30.24
N THR D 201 -41.07 2.53 -30.96
CA THR D 201 -40.18 2.78 -32.12
C THR D 201 -38.68 2.42 -31.91
N LEU D 202 -38.16 2.67 -30.71
CA LEU D 202 -36.74 2.42 -30.40
C LEU D 202 -36.43 1.03 -29.85
N TYR D 203 -37.46 0.21 -29.62
CA TYR D 203 -37.30 -1.16 -29.11
C TYR D 203 -36.72 -2.07 -30.21
N ALA D 204 -35.55 -2.64 -29.95
CA ALA D 204 -34.90 -3.55 -30.89
C ALA D 204 -35.62 -4.89 -30.95
N GLN D 205 -35.47 -5.59 -32.08
CA GLN D 205 -35.98 -6.96 -32.19
C GLN D 205 -34.86 -7.91 -31.75
N GLY D 206 -35.19 -8.85 -30.85
CA GLY D 206 -34.26 -9.93 -30.48
C GLY D 206 -34.30 -11.05 -31.50
N TYR D 207 -33.20 -11.79 -31.62
CA TYR D 207 -33.11 -12.89 -32.56
C TYR D 207 -32.65 -14.14 -31.85
N ASN D 208 -33.42 -15.23 -32.01
CA ASN D 208 -33.19 -16.45 -31.23
C ASN D 208 -32.12 -17.33 -31.88
N THR D 209 -31.98 -18.57 -31.38
CA THR D 209 -31.01 -19.56 -31.87
C THR D 209 -31.10 -19.86 -33.36
N LEU D 210 -32.32 -19.87 -33.90
CA LEU D 210 -32.54 -20.04 -35.34
C LEU D 210 -32.64 -18.71 -36.11
N ASP D 211 -32.14 -17.62 -35.51
CA ASP D 211 -32.11 -16.31 -36.16
C ASP D 211 -33.51 -15.81 -36.55
N GLU D 212 -34.50 -16.10 -35.70
CA GLU D 212 -35.87 -15.63 -35.91
C GLU D 212 -36.23 -14.61 -34.82
N PRO D 213 -37.15 -13.67 -35.14
CA PRO D 213 -37.44 -12.57 -34.21
C PRO D 213 -38.19 -13.01 -32.95
N VAL D 214 -37.81 -12.47 -31.80
CA VAL D 214 -38.44 -12.79 -30.52
C VAL D 214 -38.22 -11.69 -29.47
N ARG D 215 -39.22 -11.50 -28.62
CA ARG D 215 -39.11 -10.67 -27.42
C ARG D 215 -39.67 -11.44 -26.24
N VAL D 216 -39.28 -11.04 -25.03
CA VAL D 216 -39.65 -11.76 -23.80
C VAL D 216 -41.16 -11.84 -23.60
N ASN D 217 -41.59 -12.96 -23.01
CA ASN D 217 -42.99 -13.14 -22.62
C ASN D 217 -43.21 -12.59 -21.21
N PRO D 218 -44.49 -12.32 -20.85
CA PRO D 218 -44.77 -11.99 -19.46
C PRO D 218 -44.60 -13.22 -18.56
N GLY D 219 -44.56 -12.99 -17.26
CA GLY D 219 -44.38 -14.09 -16.32
C GLY D 219 -44.39 -13.62 -14.90
N ILE D 220 -44.42 -14.57 -13.97
CA ILE D 220 -44.45 -14.26 -12.55
C ILE D 220 -43.02 -13.94 -12.12
N LEU D 221 -42.87 -12.77 -11.49
CA LEU D 221 -41.57 -12.19 -11.13
C LEU D 221 -40.72 -11.78 -12.35
N ALA D 222 -41.38 -11.55 -13.49
CA ALA D 222 -40.70 -11.16 -14.73
C ALA D 222 -40.11 -9.77 -14.61
N ALA D 223 -40.92 -8.85 -14.09
CA ALA D 223 -40.50 -7.46 -13.89
C ALA D 223 -39.35 -7.36 -12.87
N GLU D 224 -39.40 -8.20 -11.85
CA GLU D 224 -38.46 -8.15 -10.72
C GLU D 224 -37.11 -8.84 -11.02
N ALA D 225 -37.12 -9.88 -11.89
CA ALA D 225 -35.93 -10.69 -12.18
C ALA D 225 -35.22 -10.36 -13.50
N TYR D 226 -35.97 -9.99 -14.54
CA TYR D 226 -35.39 -9.76 -15.87
C TYR D 226 -36.23 -8.79 -16.72
N GLY D 227 -36.75 -7.75 -16.08
CA GLY D 227 -37.82 -6.95 -16.65
C GLY D 227 -37.49 -5.54 -17.08
N VAL D 228 -36.20 -5.20 -17.19
CA VAL D 228 -35.78 -3.87 -17.62
C VAL D 228 -35.34 -3.88 -19.09
N MLY D 229 -35.72 -2.82 -19.81
CA MLY D 229 -35.20 -2.54 -21.14
CB MLY D 229 -36.26 -2.40 -22.21
CG MLY D 229 -37.09 -3.66 -22.38
CD MLY D 229 -38.34 -3.64 -21.51
CE MLY D 229 -39.18 -4.86 -21.85
NZ MLY D 229 -39.52 -5.59 -20.64
CH1 MLY D 229 -40.70 -6.45 -20.91
CH2 MLY D 229 -38.38 -6.45 -20.24
C MLY D 229 -34.53 -1.22 -21.02
O MLY D 229 -35.06 -0.32 -20.37
N SER D 230 -33.38 -1.06 -21.67
CA SER D 230 -32.61 0.17 -21.54
C SER D 230 -31.74 0.40 -22.76
N SER D 231 -31.32 1.65 -22.93
CA SER D 231 -30.35 2.04 -23.94
C SER D 231 -28.94 2.00 -23.36
N SER D 232 -27.92 2.06 -24.22
CA SER D 232 -26.54 2.12 -23.75
C SER D 232 -26.25 3.45 -23.04
N ARG D 233 -26.84 4.53 -23.56
CA ARG D 233 -26.73 5.87 -22.98
C ARG D 233 -27.29 5.92 -21.56
N ASP D 234 -28.45 5.29 -21.35
CA ASP D 234 -29.04 5.18 -20.00
C ASP D 234 -28.23 4.25 -19.09
N LEU D 235 -27.85 3.09 -19.61
CA LEU D 235 -27.18 2.07 -18.79
C LEU D 235 -25.76 2.47 -18.38
N ILE D 236 -25.05 3.21 -19.25
CA ILE D 236 -23.72 3.75 -18.89
C ILE D 236 -23.79 4.85 -17.82
N ARG D 237 -24.92 5.57 -17.75
CA ARG D 237 -25.19 6.52 -16.67
C ARG D 237 -25.36 5.79 -15.33
N PHE D 238 -26.06 4.66 -15.34
CA PHE D 238 -26.20 3.82 -14.17
C PHE D 238 -24.85 3.22 -13.74
N VAL D 239 -24.00 2.88 -14.70
CA VAL D 239 -22.62 2.47 -14.43
C VAL D 239 -21.82 3.63 -13.79
N GLU D 240 -22.00 4.83 -14.32
CA GLU D 240 -21.38 6.02 -13.73
C GLU D 240 -21.92 6.35 -12.33
N ALA D 241 -23.20 6.07 -12.08
CA ALA D 241 -23.77 6.15 -10.73
C ALA D 241 -23.04 5.21 -9.75
N ASN D 242 -22.77 3.99 -10.22
CA ASN D 242 -21.99 3.00 -9.42
C ASN D 242 -20.50 3.33 -9.28
N ILE D 243 -19.92 3.95 -10.30
CA ILE D 243 -18.54 4.46 -10.21
C ILE D 243 -18.45 5.54 -9.12
N GLY D 244 -19.46 6.41 -9.05
CA GLY D 244 -19.54 7.49 -8.07
C GLY D 244 -19.32 8.87 -8.68
N LEU D 245 -20.04 9.16 -9.76
CA LEU D 245 -19.94 10.44 -10.48
C LEU D 245 -21.21 11.31 -10.40
N GLY D 246 -22.28 10.78 -9.78
CA GLY D 246 -23.61 11.36 -9.89
C GLY D 246 -23.96 12.54 -8.99
N GLN D 247 -23.32 12.62 -7.82
CA GLN D 247 -23.65 13.62 -6.78
C GLN D 247 -25.12 13.55 -6.32
N TYR D 248 -25.64 12.32 -6.14
CA TYR D 248 -26.99 12.13 -5.64
C TYR D 248 -27.01 12.49 -4.16
N ASP D 249 -28.20 12.59 -3.58
CA ASP D 249 -28.28 12.79 -2.12
C ASP D 249 -27.75 11.54 -1.39
N ALA D 250 -27.55 11.64 -0.08
CA ALA D 250 -26.86 10.60 0.66
C ALA D 250 -27.62 9.25 0.67
N PRO D 251 -28.97 9.26 0.81
CA PRO D 251 -29.66 7.96 0.73
C PRO D 251 -29.46 7.23 -0.60
N LEU D 252 -29.56 7.93 -1.73
CA LEU D 252 -29.41 7.26 -3.04
C LEU D 252 -27.96 6.92 -3.34
N GLN D 253 -27.04 7.81 -2.96
CA GLN D 253 -25.60 7.49 -2.93
C GLN D 253 -25.32 6.24 -2.14
N ARG D 254 -25.79 6.19 -0.90
CA ARG D 254 -25.66 4.98 -0.08
C ARG D 254 -26.25 3.74 -0.76
N ALA D 255 -27.43 3.90 -1.38
CA ALA D 255 -28.11 2.81 -2.12
C ALA D 255 -27.25 2.21 -3.20
N LEU D 256 -26.64 3.04 -4.04
CA LEU D 256 -25.76 2.52 -5.08
C LEU D 256 -24.56 1.76 -4.49
N SER D 257 -23.94 2.32 -3.45
CA SER D 257 -22.73 1.75 -2.85
C SER D 257 -23.01 0.42 -2.14
N ASP D 258 -24.13 0.36 -1.41
CA ASP D 258 -24.46 -0.85 -0.61
C ASP D 258 -24.75 -2.11 -1.45
N THR D 259 -25.21 -1.94 -2.70
CA THR D 259 -25.36 -3.09 -3.60
C THR D 259 -24.01 -3.75 -3.95
N ARG D 260 -22.89 -3.01 -3.91
CA ARG D 260 -21.53 -3.56 -4.18
C ARG D 260 -20.77 -4.01 -2.93
N ILE D 261 -21.49 -4.16 -1.82
CA ILE D 261 -21.00 -4.89 -0.65
C ILE D 261 -20.87 -6.41 -0.93
N GLY D 262 -19.70 -6.96 -0.59
CA GLY D 262 -19.39 -8.36 -0.83
C GLY D 262 -19.79 -9.22 0.34
N TYR D 263 -20.71 -10.14 0.09
CA TYR D 263 -21.26 -10.98 1.17
C TYR D 263 -20.65 -12.38 1.21
N PHE D 264 -20.33 -12.95 0.03
CA PHE D 264 -19.78 -14.32 -0.03
C PHE D 264 -18.62 -14.46 -1.03
N LYS D 265 -17.69 -15.37 -0.72
CA LYS D 265 -16.71 -15.85 -1.70
C LYS D 265 -17.30 -17.13 -2.31
N VAL D 266 -17.35 -17.17 -3.64
CA VAL D 266 -17.94 -18.32 -4.39
C VAL D 266 -16.95 -18.69 -5.50
N GLY D 267 -16.06 -19.64 -5.22
CA GLY D 267 -14.87 -19.84 -6.06
C GLY D 267 -14.06 -18.56 -6.08
N GLY D 268 -13.70 -18.11 -7.29
CA GLY D 268 -12.92 -16.87 -7.47
C GLY D 268 -13.74 -15.57 -7.50
N MSE D 269 -15.06 -15.68 -7.39
CA MSE D 269 -15.98 -14.54 -7.48
C MSE D 269 -16.44 -14.15 -6.11
O MSE D 269 -16.70 -14.99 -5.27
CB MSE D 269 -17.14 -15.02 -8.36
CG MSE D 269 -18.42 -14.20 -8.25
SE MSE D 269 -19.59 -15.10 -9.54
CE MSE D 269 -20.58 -16.12 -8.18
N THR D 270 -16.55 -12.83 -5.87
CA THR D 270 -17.19 -12.30 -4.68
C THR D 270 -18.63 -11.99 -5.10
N GLN D 271 -19.61 -12.49 -4.33
CA GLN D 271 -21.04 -12.22 -4.57
C GLN D 271 -21.47 -10.96 -3.82
N ASP D 272 -21.99 -9.97 -4.56
CA ASP D 272 -22.60 -8.76 -3.97
C ASP D 272 -24.13 -8.94 -3.94
N LEU D 273 -24.87 -7.85 -3.77
CA LEU D 273 -26.32 -7.88 -3.93
C LEU D 273 -26.64 -7.74 -5.42
N ALA D 274 -26.89 -8.88 -6.06
CA ALA D 274 -27.04 -9.03 -7.51
C ALA D 274 -25.71 -8.83 -8.29
N TRP D 275 -24.98 -7.73 -8.06
CA TRP D 275 -23.64 -7.60 -8.63
C TRP D 275 -22.70 -8.76 -8.23
N GLU D 276 -21.75 -9.05 -9.12
CA GLU D 276 -20.67 -10.01 -8.90
C GLU D 276 -19.36 -9.28 -9.17
N GLN D 277 -18.33 -9.56 -8.38
CA GLN D 277 -17.04 -8.86 -8.55
C GLN D 277 -15.82 -9.74 -8.34
N TYR D 278 -14.68 -9.22 -8.79
CA TYR D 278 -13.41 -9.94 -8.76
C TYR D 278 -12.33 -8.98 -8.27
N PRO D 279 -11.56 -9.40 -7.26
CA PRO D 279 -10.54 -8.51 -6.73
C PRO D 279 -9.31 -8.41 -7.64
N THR D 280 -8.72 -7.22 -7.63
CA THR D 280 -7.45 -6.97 -8.32
C THR D 280 -6.37 -7.89 -7.72
N PRO D 281 -5.39 -8.35 -8.53
CA PRO D 281 -5.26 -8.19 -9.99
C PRO D 281 -6.23 -9.06 -10.79
N ILE D 282 -6.77 -8.48 -11.86
CA ILE D 282 -7.86 -9.06 -12.65
C ILE D 282 -7.28 -9.97 -13.74
N HIS D 283 -7.65 -11.25 -13.71
CA HIS D 283 -7.23 -12.23 -14.71
C HIS D 283 -8.42 -12.66 -15.56
N LEU D 284 -8.28 -12.56 -16.88
CA LEU D 284 -9.36 -12.93 -17.81
C LEU D 284 -9.86 -14.37 -17.64
N ASP D 285 -8.98 -15.33 -17.39
CA ASP D 285 -9.44 -16.74 -17.19
C ASP D 285 -10.43 -16.82 -16.05
N VAL D 286 -10.13 -16.08 -14.97
CA VAL D 286 -10.95 -16.06 -13.77
C VAL D 286 -12.32 -15.43 -14.06
N LEU D 287 -12.34 -14.32 -14.84
CA LEU D 287 -13.60 -13.66 -15.21
C LEU D 287 -14.44 -14.63 -16.05
N LEU D 288 -13.79 -15.33 -16.96
CA LEU D 288 -14.49 -16.27 -17.81
C LEU D 288 -15.07 -17.42 -16.98
N ALA D 289 -14.27 -18.00 -16.09
CA ALA D 289 -14.74 -19.11 -15.24
C ALA D 289 -15.92 -18.66 -14.39
N GLY D 290 -15.81 -17.46 -13.84
CA GLY D 290 -16.83 -16.91 -13.01
C GLY D 290 -18.14 -16.60 -13.70
N ASN D 291 -18.08 -16.35 -15.01
CA ASN D 291 -19.26 -16.07 -15.84
C ASN D 291 -19.74 -17.24 -16.70
N ALA D 292 -19.15 -18.42 -16.52
CA ALA D 292 -19.57 -19.64 -17.20
C ALA D 292 -20.97 -20.06 -16.78
N SER D 293 -21.70 -20.75 -17.67
CA SER D 293 -23.03 -21.30 -17.29
C SER D 293 -22.95 -22.40 -16.21
N ALA D 294 -21.79 -23.05 -16.09
CA ALA D 294 -21.52 -23.92 -14.94
C ALA D 294 -21.91 -23.23 -13.61
N MSE D 295 -21.73 -21.92 -13.51
CA MSE D 295 -22.01 -21.19 -12.27
C MSE D 295 -23.49 -21.06 -11.96
O MSE D 295 -23.83 -20.69 -10.84
CB MSE D 295 -21.39 -19.78 -12.32
CG MSE D 295 -19.87 -19.80 -12.45
SE MSE D 295 -18.98 -20.38 -10.79
CE MSE D 295 -19.68 -19.05 -9.53
N LEU D 296 -24.37 -21.36 -12.91
CA LEU D 296 -25.81 -21.48 -12.64
C LEU D 296 -26.16 -22.66 -11.70
N ASN D 297 -25.27 -23.66 -11.56
CA ASN D 297 -25.50 -24.76 -10.63
C ASN D 297 -25.01 -24.43 -9.23
N THR D 298 -25.45 -25.21 -8.25
CA THR D 298 -25.20 -24.92 -6.85
C THR D 298 -23.72 -25.08 -6.50
N GLN D 299 -23.11 -24.03 -5.96
CA GLN D 299 -21.70 -24.02 -5.57
C GLN D 299 -21.62 -23.85 -4.07
N LYS D 300 -20.50 -24.28 -3.49
CA LYS D 300 -20.17 -23.94 -2.11
C LYS D 300 -19.84 -22.45 -2.02
N ALA D 301 -20.24 -21.84 -0.90
CA ALA D 301 -19.94 -20.44 -0.63
C ALA D 301 -19.43 -20.29 0.80
N ASP D 302 -18.70 -19.21 1.04
CA ASP D 302 -18.12 -18.90 2.35
C ASP D 302 -18.48 -17.45 2.72
N ALA D 303 -19.13 -17.29 3.87
CA ALA D 303 -19.56 -15.95 4.33
C ALA D 303 -18.38 -15.04 4.65
N ILE D 304 -18.41 -13.82 4.11
CA ILE D 304 -17.44 -12.80 4.45
C ILE D 304 -18.07 -12.01 5.61
N GLU D 305 -17.51 -12.17 6.81
CA GLU D 305 -18.06 -11.58 8.04
C GLU D 305 -16.98 -10.81 8.81
N PRO D 306 -17.13 -9.48 8.97
CA PRO D 306 -18.22 -8.63 8.46
C PRO D 306 -18.22 -8.52 6.92
N PRO D 307 -19.37 -8.17 6.31
CA PRO D 307 -19.42 -7.99 4.85
C PRO D 307 -18.37 -6.98 4.38
N LEU D 308 -17.74 -7.27 3.25
CA LEU D 308 -16.62 -6.47 2.75
C LEU D 308 -17.21 -5.22 2.12
N ALA D 309 -16.66 -4.06 2.48
CA ALA D 309 -17.09 -2.76 1.95
C ALA D 309 -16.90 -2.71 0.43
N ALA D 310 -17.61 -1.80 -0.24
CA ALA D 310 -17.41 -1.59 -1.69
C ALA D 310 -15.91 -1.47 -1.96
N GLN D 311 -15.44 -2.24 -2.93
CA GLN D 311 -14.02 -2.32 -3.26
C GLN D 311 -13.76 -1.52 -4.54
N PRO D 312 -13.13 -0.32 -4.42
CA PRO D 312 -12.92 0.49 -5.61
C PRO D 312 -12.10 -0.14 -6.75
N THR D 313 -11.20 -1.05 -6.42
CA THR D 313 -10.29 -1.66 -7.39
C THR D 313 -10.87 -2.91 -8.07
N ALA D 314 -12.05 -3.38 -7.63
CA ALA D 314 -12.60 -4.67 -8.09
C ALA D 314 -13.35 -4.52 -9.41
N TRP D 315 -13.16 -5.49 -10.29
CA TRP D 315 -13.98 -5.63 -11.51
C TRP D 315 -15.39 -6.10 -11.15
N VAL D 316 -16.35 -5.18 -11.20
CA VAL D 316 -17.72 -5.49 -10.86
C VAL D 316 -18.49 -5.64 -12.16
N ASN D 317 -19.21 -6.76 -12.28
CA ASN D 317 -19.92 -7.05 -13.51
C ASN D 317 -21.27 -7.73 -13.32
N LYS D 318 -22.08 -7.70 -14.38
CA LYS D 318 -23.28 -8.50 -14.46
C LYS D 318 -23.58 -8.85 -15.92
N THR D 319 -23.75 -10.15 -16.18
CA THR D 319 -24.29 -10.62 -17.44
C THR D 319 -25.81 -10.56 -17.39
N GLY D 320 -26.41 -10.46 -18.56
CA GLY D 320 -27.86 -10.60 -18.68
C GLY D 320 -28.30 -11.10 -20.04
N SER D 321 -29.16 -12.11 -20.04
CA SER D 321 -29.69 -12.70 -21.26
C SER D 321 -31.22 -12.83 -21.25
N THR D 322 -31.80 -12.76 -22.44
CA THR D 322 -33.16 -13.23 -22.69
C THR D 322 -33.03 -14.22 -23.87
N ASN D 323 -34.18 -14.61 -24.42
N ASN D 323 -34.16 -14.62 -24.44
CA ASN D 323 -34.24 -15.46 -25.62
CA ASN D 323 -34.16 -15.48 -25.62
C ASN D 323 -33.64 -14.79 -26.86
C ASN D 323 -33.61 -14.79 -26.88
N GLY D 324 -33.79 -13.47 -26.96
CA GLY D 324 -33.34 -12.70 -28.12
C GLY D 324 -32.11 -11.84 -27.92
N PHE D 325 -31.76 -11.52 -26.66
CA PHE D 325 -30.79 -10.50 -26.33
C PHE D 325 -29.69 -11.03 -25.42
N GLY D 326 -28.56 -10.33 -25.43
CA GLY D 326 -27.45 -10.63 -24.53
C GLY D 326 -26.66 -9.39 -24.20
N GLY D 327 -26.65 -8.99 -22.92
CA GLY D 327 -25.91 -7.81 -22.49
C GLY D 327 -24.76 -8.15 -21.57
N TYR D 328 -23.90 -7.17 -21.34
CA TYR D 328 -22.86 -7.25 -20.32
C TYR D 328 -22.46 -5.88 -19.77
N VAL D 329 -22.40 -5.77 -18.44
N VAL D 329 -22.39 -5.73 -18.45
CA VAL D 329 -21.95 -4.54 -17.76
CA VAL D 329 -21.90 -4.48 -17.87
C VAL D 329 -20.65 -4.87 -17.02
C VAL D 329 -20.71 -4.80 -16.97
N ALA D 330 -19.69 -3.96 -17.02
CA ALA D 330 -18.48 -4.13 -16.20
C ALA D 330 -17.88 -2.76 -15.84
N PHE D 331 -17.31 -2.63 -14.65
CA PHE D 331 -16.65 -1.39 -14.22
C PHE D 331 -15.62 -1.60 -13.09
N ILE D 332 -14.70 -0.63 -12.96
CA ILE D 332 -13.76 -0.59 -11.83
C ILE D 332 -13.79 0.86 -11.32
N ALA D 333 -14.26 1.04 -10.09
CA ALA D 333 -14.58 2.38 -9.56
C ALA D 333 -13.35 3.29 -9.42
N GLN D 334 -12.24 2.71 -8.99
CA GLN D 334 -10.98 3.43 -8.77
C GLN D 334 -10.40 3.98 -10.09
N MLY D 335 -10.57 3.24 -11.18
CA MLY D 335 -10.11 3.65 -12.52
CB MLY D 335 -9.82 2.40 -13.37
CG MLY D 335 -8.74 1.52 -12.76
CD MLY D 335 -8.42 0.31 -13.63
CE MLY D 335 -7.71 -0.79 -12.83
NZ MLY D 335 -6.61 -1.48 -13.53
CH1 MLY D 335 -7.04 -2.21 -14.75
CH2 MLY D 335 -5.46 -0.57 -13.80
C MLY D 335 -11.12 4.49 -13.28
O MLY D 335 -10.83 4.91 -14.40
N GLN D 336 -12.29 4.72 -12.68
CA GLN D 336 -13.43 5.41 -13.32
C GLN D 336 -13.62 4.93 -14.76
N LEU D 337 -13.66 3.61 -14.92
CA LEU D 337 -13.55 2.93 -16.21
C LEU D 337 -14.68 1.90 -16.28
N GLY D 338 -15.61 2.07 -17.21
CA GLY D 338 -16.82 1.23 -17.27
C GLY D 338 -17.28 0.98 -18.69
N ILE D 339 -17.93 -0.17 -18.91
CA ILE D 339 -18.41 -0.55 -20.25
C ILE D 339 -19.79 -1.19 -20.19
N VAL D 340 -20.57 -0.95 -21.22
CA VAL D 340 -21.82 -1.65 -21.45
C VAL D 340 -21.84 -2.10 -22.89
N ILE D 341 -22.15 -3.38 -23.10
CA ILE D 341 -22.28 -3.95 -24.44
C ILE D 341 -23.62 -4.66 -24.52
N LEU D 342 -24.52 -4.09 -25.32
CA LEU D 342 -25.86 -4.62 -25.52
C LEU D 342 -25.99 -5.15 -26.94
N ALA D 343 -26.40 -6.41 -27.05
CA ALA D 343 -26.67 -7.02 -28.37
C ALA D 343 -28.09 -7.59 -28.43
N ASN D 344 -28.63 -7.65 -29.65
CA ASN D 344 -29.91 -8.32 -29.91
C ASN D 344 -29.69 -9.76 -30.36
N MLY D 345 -28.83 -10.45 -29.61
CA MLY D 345 -28.47 -11.85 -29.81
CB MLY D 345 -27.29 -11.95 -30.77
CG MLY D 345 -26.80 -13.38 -31.04
CD MLY D 345 -27.82 -14.22 -31.82
CE MLY D 345 -27.26 -15.62 -32.07
NZ MLY D 345 -28.22 -16.54 -32.70
CH1 MLY D 345 -28.70 -16.06 -34.00
CH2 MLY D 345 -27.55 -17.84 -32.86
C MLY D 345 -28.03 -12.34 -28.46
O MLY D 345 -27.25 -11.67 -27.80
N ASN D 346 -28.54 -13.50 -28.03
CA ASN D 346 -28.02 -14.18 -26.84
C ASN D 346 -26.81 -15.05 -27.24
N TYR D 347 -25.63 -14.43 -27.23
CA TYR D 347 -24.36 -15.07 -27.62
C TYR D 347 -23.54 -15.38 -26.34
N PRO D 348 -22.65 -16.40 -26.40
CA PRO D 348 -22.04 -16.96 -25.18
C PRO D 348 -21.43 -15.92 -24.24
N ASN D 349 -21.61 -16.09 -22.93
CA ASN D 349 -21.03 -15.22 -21.89
C ASN D 349 -19.53 -14.96 -22.06
N GLU D 350 -18.80 -15.95 -22.58
CA GLU D 350 -17.33 -15.88 -22.69
C GLU D 350 -16.92 -14.84 -23.73
N GLU D 351 -17.66 -14.78 -24.84
CA GLU D 351 -17.41 -13.77 -25.88
C GLU D 351 -17.67 -12.34 -25.39
N ARG D 352 -18.62 -12.18 -24.47
CA ARG D 352 -18.99 -10.87 -23.93
C ARG D 352 -17.89 -10.32 -23.05
N VAL D 353 -17.45 -11.19 -22.14
CA VAL D 353 -16.37 -10.88 -21.23
C VAL D 353 -15.06 -10.57 -21.98
N LYS D 354 -14.69 -11.45 -22.92
CA LYS D 354 -13.44 -11.27 -23.71
C LYS D 354 -13.48 -9.96 -24.49
N LEU D 355 -14.61 -9.71 -25.16
CA LEU D 355 -14.81 -8.44 -25.85
C LEU D 355 -14.62 -7.22 -24.94
N ALA D 356 -15.35 -7.18 -23.82
CA ALA D 356 -15.27 -6.04 -22.91
C ALA D 356 -13.86 -5.93 -22.30
N TYR D 357 -13.26 -7.07 -21.92
CA TYR D 357 -11.88 -7.06 -21.42
C TYR D 357 -10.90 -6.44 -22.45
N ARG D 358 -11.02 -6.82 -23.72
CA ARG D 358 -10.11 -6.32 -24.76
C ARG D 358 -10.31 -4.83 -25.01
N ILE D 359 -11.58 -4.45 -25.18
CA ILE D 359 -11.93 -3.04 -25.39
C ILE D 359 -11.44 -2.14 -24.24
N LEU D 360 -11.68 -2.57 -23.00
CA LEU D 360 -11.25 -1.78 -21.83
C LEU D 360 -9.73 -1.77 -21.69
N GLN D 361 -9.08 -2.89 -22.05
CA GLN D 361 -7.63 -2.88 -22.21
C GLN D 361 -7.20 -1.85 -23.29
N HIS D 362 -7.92 -1.75 -24.42
CA HIS D 362 -7.62 -0.73 -25.44
C HIS D 362 -7.86 0.70 -24.92
N ALA D 363 -8.92 0.91 -24.14
CA ALA D 363 -9.28 2.25 -23.65
C ALA D 363 -8.29 2.85 -22.65
N GLU D 364 -7.81 2.02 -21.74
CA GLU D 364 -7.00 2.50 -20.63
C GLU D 364 -5.49 2.47 -20.97
N PRO D 365 -4.82 3.63 -21.00
CA PRO D 365 -3.39 3.56 -21.29
C PRO D 365 -2.64 3.08 -20.06
N LEU D 366 -1.41 2.63 -20.25
CA LEU D 366 -0.53 2.24 -19.13
C LEU D 366 -0.47 3.27 -17.99
S SO4 E . 9.77 -23.67 -10.78
O1 SO4 E . 11.22 -23.93 -10.55
O2 SO4 E . 9.60 -23.07 -12.12
O3 SO4 E . 9.02 -24.95 -10.72
O4 SO4 E . 9.29 -22.75 -9.73
S SO4 F . 14.77 -8.88 -33.12
O1 SO4 F . 16.18 -9.24 -33.34
O2 SO4 F . 14.62 -7.45 -32.97
O3 SO4 F . 13.98 -9.20 -34.34
O4 SO4 F . 14.27 -9.55 -31.91
C1 EDO G . 20.71 -13.96 -36.22
O1 EDO G . 19.50 -13.18 -36.21
C2 EDO G . 20.51 -15.26 -35.45
O2 EDO G . 21.07 -15.13 -34.15
S SO4 H . 37.06 -2.78 37.48
O1 SO4 H . 37.36 -1.39 37.11
O2 SO4 H . 38.02 -3.68 36.80
O3 SO4 H . 35.67 -3.10 37.10
O4 SO4 H . 37.21 -2.97 38.94
C1 EDO I . 27.79 -8.64 30.69
O1 EDO I . 28.04 -7.26 30.96
C2 EDO I . 28.92 -9.25 29.85
O2 EDO I . 28.41 -10.13 28.83
S SO4 J . -24.18 27.10 13.45
O1 SO4 J . -23.94 28.56 13.38
O2 SO4 J . -23.01 26.36 12.94
O3 SO4 J . -25.38 26.76 12.65
O4 SO4 J . -24.42 26.74 14.87
S SO4 K . -19.43 10.91 33.45
O1 SO4 K . -19.41 10.47 34.87
O2 SO4 K . -18.05 11.17 33.00
O3 SO4 K . -20.03 9.83 32.66
O4 SO4 K . -20.25 12.13 33.32
C1 EDO L . -2.71 7.21 28.69
O1 EDO L . -2.44 7.96 29.87
C2 EDO L . -2.50 5.73 29.01
O2 EDO L . -3.34 5.36 30.11
C1 EDO M . -14.26 10.57 33.79
O1 EDO M . -13.29 10.58 32.74
C2 EDO M . -13.83 11.51 34.91
O2 EDO M . -12.89 10.83 35.75
C1 EDO N . -26.81 -1.23 8.28
O1 EDO N . -26.54 -1.10 6.88
C2 EDO N . -25.54 -0.97 9.08
O2 EDO N . -25.67 0.27 9.78
S SO4 O . -22.90 -1.00 -39.77
O1 SO4 O . -21.91 -1.51 -38.79
O2 SO4 O . -22.19 -0.29 -40.84
O3 SO4 O . -23.67 -2.15 -40.33
O4 SO4 O . -23.84 -0.09 -39.09
S SO4 P . -27.40 -14.56 -16.62
O1 SO4 P . -26.92 -15.94 -16.83
O2 SO4 P . -26.75 -13.97 -15.42
O3 SO4 P . -28.85 -14.62 -16.39
O4 SO4 P . -27.10 -13.70 -17.78
C1 EDO Q . -40.34 -4.20 -35.96
O1 EDO Q . -39.08 -3.78 -35.43
C2 EDO Q . -40.89 -5.33 -35.09
O2 EDO Q . -40.69 -5.01 -33.71
#